data_1W6X
# 
_entry.id   1W6X 
# 
_audit_conform.dict_name       mmcif_pdbx.dic 
_audit_conform.dict_version    5.391 
_audit_conform.dict_location   http://mmcif.pdb.org/dictionaries/ascii/mmcif_pdbx.dic 
# 
loop_
_database_2.database_id 
_database_2.database_code 
_database_2.pdbx_database_accession 
_database_2.pdbx_DOI 
PDB   1W6X         pdb_00001w6x 10.2210/pdb1w6x/pdb 
PDBE  EBI-20869    ?            ?                   
WWPDB D_1290020869 ?            ?                   
# 
loop_
_pdbx_audit_revision_history.ordinal 
_pdbx_audit_revision_history.data_content_type 
_pdbx_audit_revision_history.major_revision 
_pdbx_audit_revision_history.minor_revision 
_pdbx_audit_revision_history.revision_date 
1 'Structure model' 1 0 2005-01-18 
2 'Structure model' 1 1 2011-05-08 
3 'Structure model' 1 2 2011-07-13 
4 'Structure model' 1 3 2018-06-13 
5 'Structure model' 1 4 2019-03-06 
6 'Structure model' 1 5 2019-05-08 
7 'Structure model' 1 6 2024-05-08 
# 
_pdbx_audit_revision_details.ordinal             1 
_pdbx_audit_revision_details.revision_ordinal    1 
_pdbx_audit_revision_details.data_content_type   'Structure model' 
_pdbx_audit_revision_details.provider            repository 
_pdbx_audit_revision_details.type                'Initial release' 
_pdbx_audit_revision_details.description         ? 
_pdbx_audit_revision_details.details             ? 
# 
loop_
_pdbx_audit_revision_group.ordinal 
_pdbx_audit_revision_group.revision_ordinal 
_pdbx_audit_revision_group.data_content_type 
_pdbx_audit_revision_group.group 
1  2 'Structure model' 'Version format compliance' 
2  3 'Structure model' 'Version format compliance' 
3  4 'Structure model' 'Data collection'           
4  4 'Structure model' 'Database references'       
5  5 'Structure model' 'Data collection'           
6  5 'Structure model' 'Experimental preparation'  
7  6 'Structure model' 'Data collection'           
8  6 'Structure model' 'Experimental preparation'  
9  7 'Structure model' 'Data collection'           
10 7 'Structure model' 'Database references'       
11 7 'Structure model' Other                       
# 
loop_
_pdbx_audit_revision_category.ordinal 
_pdbx_audit_revision_category.revision_ordinal 
_pdbx_audit_revision_category.data_content_type 
_pdbx_audit_revision_category.category 
1 4 'Structure model' citation             
2 5 'Structure model' exptl_crystal_grow   
3 6 'Structure model' exptl_crystal_grow   
4 7 'Structure model' chem_comp_atom       
5 7 'Structure model' chem_comp_bond       
6 7 'Structure model' database_2           
7 7 'Structure model' pdbx_database_status 
# 
loop_
_pdbx_audit_revision_item.ordinal 
_pdbx_audit_revision_item.revision_ordinal 
_pdbx_audit_revision_item.data_content_type 
_pdbx_audit_revision_item.item 
1 4 'Structure model' '_citation.page_last'                  
2 5 'Structure model' '_exptl_crystal_grow.method'           
3 6 'Structure model' '_exptl_crystal_grow.temp'             
4 7 'Structure model' '_database_2.pdbx_DOI'                 
5 7 'Structure model' '_database_2.pdbx_database_accession'  
6 7 'Structure model' '_pdbx_database_status.status_code_sf' 
# 
_pdbx_database_status.status_code                     REL 
_pdbx_database_status.entry_id                        1W6X 
_pdbx_database_status.deposit_site                    PDBE 
_pdbx_database_status.process_site                    PDBE 
_pdbx_database_status.SG_entry                        . 
_pdbx_database_status.recvd_initial_deposition_date   2004-08-24 
_pdbx_database_status.pdb_format_compatible           Y 
_pdbx_database_status.status_code_sf                  REL 
_pdbx_database_status.status_code_mr                  ? 
_pdbx_database_status.status_code_cs                  ? 
_pdbx_database_status.methods_development_category    ? 
_pdbx_database_status.status_code_nmr_data            ? 
# 
loop_
_pdbx_database_related.db_name 
_pdbx_database_related.db_id 
_pdbx_database_related.content_type 
_pdbx_database_related.details 
PDB 1H6H unspecified 'STRUCTURE OF THE PX DOMAIN FROM P40PHOX BOUND TO PHOSPHATIDYLINOSITOL 3-PHOSPHATE'                        
PDB 1OEY unspecified 'HETERODIMER OF P40PHOX AND P67PHOX PB1 DOMAINS FROM HUMAN NADPH OXIDASE'                                  
PDB 1W70 unspecified 'SH3 DOMAIN OF P40PHOX COMPLEXED WITH C- TERMINAL POLYPROLINE OF P47PHOX, COMPONENTS OF THE NADPH OXIDASE' 
# 
loop_
_audit_author.name 
_audit_author.pdbx_ordinal 
_audit_author.identifier_ORCID 
'Massenet, C.'       1 ? 
'Chenavas, S.'       2 ? 
'Cohen-Addad, C.'    3 ? 
'Dagher, M.-C.'      4 ? 
'Brandolin, G.'      5 ? 
'Pebay-Peyroula, E.' 6 ? 
'Fieschi, F.'        7 ? 
# 
_citation.id                        primary 
_citation.title                     
;Effects of P47Phox C-Terminus Phosphorylation on Binding Interactions with P40Phox and P67Phox: Structural and Functional Comparison of P40Phox P67Phox SH3 Domains
;
_citation.journal_abbrev            J.Biol.Chem. 
_citation.journal_volume            280 
_citation.page_first                13752 
_citation.page_last                 13761 
_citation.year                      2005 
_citation.journal_id_ASTM           JBCHA3 
_citation.country                   US 
_citation.journal_id_ISSN           0021-9258 
_citation.journal_id_CSD            0071 
_citation.book_publisher            ? 
_citation.pdbx_database_id_PubMed   15657040 
_citation.pdbx_database_id_DOI      10.1074/JBC.M412897200 
# 
loop_
_citation_author.citation_id 
_citation_author.name 
_citation_author.ordinal 
_citation_author.identifier_ORCID 
primary 'Massenet, C.'       1 ? 
primary 'Chenavas, S.'       2 ? 
primary 'Cohen-Addad, C.'    3 ? 
primary 'Dagher, M.-C.'      4 ? 
primary 'Brandolin, G.'      5 ? 
primary 'Pebay-Peyroula, E.' 6 ? 
primary 'Fieschi, F.'        7 ? 
# 
loop_
_entity.id 
_entity.type 
_entity.src_method 
_entity.pdbx_description 
_entity.formula_weight 
_entity.pdbx_number_of_molecules 
_entity.pdbx_ec 
_entity.pdbx_mutation 
_entity.pdbx_fragment 
_entity.details 
1 polymer man 'NEUTROPHIL CYTOSOL FACTOR 4' 6791.013 2  ? ? 'SH3 DOMAIN, RESIDUES 174-228' ? 
2 water   nat water                         18.015   61 ? ? ?                              ? 
# 
_entity_name_com.entity_id   1 
_entity_name_com.name        'NCF-4, NEUTROPHIL NADPH OXIDASE FACTOR 4, P40PHOX, P40-PHOX' 
# 
_entity_poly.entity_id                      1 
_entity_poly.type                           'polypeptide(L)' 
_entity_poly.nstd_linkage                   no 
_entity_poly.nstd_monomer                   no 
_entity_poly.pdbx_seq_one_letter_code       LIKHMRAEALFDFTGNSKLELNFKAGDVIFLLSRINKDWLEGTVRGATGIFPLSFVKILK 
_entity_poly.pdbx_seq_one_letter_code_can   LIKHMRAEALFDFTGNSKLELNFKAGDVIFLLSRINKDWLEGTVRGATGIFPLSFVKILK 
_entity_poly.pdbx_strand_id                 A,B 
_entity_poly.pdbx_target_identifier         ? 
# 
_pdbx_entity_nonpoly.entity_id   2 
_pdbx_entity_nonpoly.name        water 
_pdbx_entity_nonpoly.comp_id     HOH 
# 
loop_
_entity_poly_seq.entity_id 
_entity_poly_seq.num 
_entity_poly_seq.mon_id 
_entity_poly_seq.hetero 
1 1  LEU n 
1 2  ILE n 
1 3  LYS n 
1 4  HIS n 
1 5  MET n 
1 6  ARG n 
1 7  ALA n 
1 8  GLU n 
1 9  ALA n 
1 10 LEU n 
1 11 PHE n 
1 12 ASP n 
1 13 PHE n 
1 14 THR n 
1 15 GLY n 
1 16 ASN n 
1 17 SER n 
1 18 LYS n 
1 19 LEU n 
1 20 GLU n 
1 21 LEU n 
1 22 ASN n 
1 23 PHE n 
1 24 LYS n 
1 25 ALA n 
1 26 GLY n 
1 27 ASP n 
1 28 VAL n 
1 29 ILE n 
1 30 PHE n 
1 31 LEU n 
1 32 LEU n 
1 33 SER n 
1 34 ARG n 
1 35 ILE n 
1 36 ASN n 
1 37 LYS n 
1 38 ASP n 
1 39 TRP n 
1 40 LEU n 
1 41 GLU n 
1 42 GLY n 
1 43 THR n 
1 44 VAL n 
1 45 ARG n 
1 46 GLY n 
1 47 ALA n 
1 48 THR n 
1 49 GLY n 
1 50 ILE n 
1 51 PHE n 
1 52 PRO n 
1 53 LEU n 
1 54 SER n 
1 55 PHE n 
1 56 VAL n 
1 57 LYS n 
1 58 ILE n 
1 59 LEU n 
1 60 LYS n 
# 
_entity_src_gen.entity_id                          1 
_entity_src_gen.pdbx_src_id                        1 
_entity_src_gen.pdbx_alt_source_flag               sample 
_entity_src_gen.pdbx_seq_type                      ? 
_entity_src_gen.pdbx_beg_seq_num                   ? 
_entity_src_gen.pdbx_end_seq_num                   ? 
_entity_src_gen.gene_src_common_name               HUMAN 
_entity_src_gen.gene_src_genus                     ? 
_entity_src_gen.pdbx_gene_src_gene                 ? 
_entity_src_gen.gene_src_species                   ? 
_entity_src_gen.gene_src_strain                    ? 
_entity_src_gen.gene_src_tissue                    ? 
_entity_src_gen.gene_src_tissue_fraction           ? 
_entity_src_gen.gene_src_details                   ? 
_entity_src_gen.pdbx_gene_src_fragment             ? 
_entity_src_gen.pdbx_gene_src_scientific_name      'HOMO SAPIENS' 
_entity_src_gen.pdbx_gene_src_ncbi_taxonomy_id     9606 
_entity_src_gen.pdbx_gene_src_variant              ? 
_entity_src_gen.pdbx_gene_src_cell_line            ? 
_entity_src_gen.pdbx_gene_src_atcc                 ? 
_entity_src_gen.pdbx_gene_src_organ                ? 
_entity_src_gen.pdbx_gene_src_organelle            ? 
_entity_src_gen.pdbx_gene_src_cell                 NEUTROPHILE 
_entity_src_gen.pdbx_gene_src_cellular_location    ? 
_entity_src_gen.host_org_common_name               ? 
_entity_src_gen.pdbx_host_org_scientific_name      'ESCHERICHIA COLI' 
_entity_src_gen.pdbx_host_org_ncbi_taxonomy_id     469008 
_entity_src_gen.host_org_genus                     ? 
_entity_src_gen.pdbx_host_org_gene                 ? 
_entity_src_gen.pdbx_host_org_organ                ? 
_entity_src_gen.host_org_species                   ? 
_entity_src_gen.pdbx_host_org_tissue               ? 
_entity_src_gen.pdbx_host_org_tissue_fraction      ? 
_entity_src_gen.pdbx_host_org_strain               'BL21(DE3)' 
_entity_src_gen.pdbx_host_org_variant              ? 
_entity_src_gen.pdbx_host_org_cell_line            ? 
_entity_src_gen.pdbx_host_org_atcc                 ? 
_entity_src_gen.pdbx_host_org_culture_collection   ? 
_entity_src_gen.pdbx_host_org_cell                 ? 
_entity_src_gen.pdbx_host_org_organelle            ? 
_entity_src_gen.pdbx_host_org_cellular_location    ? 
_entity_src_gen.pdbx_host_org_vector_type          ? 
_entity_src_gen.pdbx_host_org_vector               ? 
_entity_src_gen.host_org_details                   ? 
_entity_src_gen.expression_system_id               ? 
_entity_src_gen.plasmid_name                       PIVEX2.4 
_entity_src_gen.plasmid_details                    ? 
_entity_src_gen.pdbx_description                   ? 
# 
loop_
_chem_comp.id 
_chem_comp.type 
_chem_comp.mon_nstd_flag 
_chem_comp.name 
_chem_comp.pdbx_synonyms 
_chem_comp.formula 
_chem_comp.formula_weight 
ALA 'L-peptide linking' y ALANINE         ? 'C3 H7 N O2'     89.093  
ARG 'L-peptide linking' y ARGININE        ? 'C6 H15 N4 O2 1' 175.209 
ASN 'L-peptide linking' y ASPARAGINE      ? 'C4 H8 N2 O3'    132.118 
ASP 'L-peptide linking' y 'ASPARTIC ACID' ? 'C4 H7 N O4'     133.103 
GLU 'L-peptide linking' y 'GLUTAMIC ACID' ? 'C5 H9 N O4'     147.129 
GLY 'peptide linking'   y GLYCINE         ? 'C2 H5 N O2'     75.067  
HIS 'L-peptide linking' y HISTIDINE       ? 'C6 H10 N3 O2 1' 156.162 
HOH non-polymer         . WATER           ? 'H2 O'           18.015  
ILE 'L-peptide linking' y ISOLEUCINE      ? 'C6 H13 N O2'    131.173 
LEU 'L-peptide linking' y LEUCINE         ? 'C6 H13 N O2'    131.173 
LYS 'L-peptide linking' y LYSINE          ? 'C6 H15 N2 O2 1' 147.195 
MET 'L-peptide linking' y METHIONINE      ? 'C5 H11 N O2 S'  149.211 
PHE 'L-peptide linking' y PHENYLALANINE   ? 'C9 H11 N O2'    165.189 
PRO 'L-peptide linking' y PROLINE         ? 'C5 H9 N O2'     115.130 
SER 'L-peptide linking' y SERINE          ? 'C3 H7 N O3'     105.093 
THR 'L-peptide linking' y THREONINE       ? 'C4 H9 N O3'     119.119 
TRP 'L-peptide linking' y TRYPTOPHAN      ? 'C11 H12 N2 O2'  204.225 
VAL 'L-peptide linking' y VALINE          ? 'C5 H11 N O2'    117.146 
# 
loop_
_pdbx_poly_seq_scheme.asym_id 
_pdbx_poly_seq_scheme.entity_id 
_pdbx_poly_seq_scheme.seq_id 
_pdbx_poly_seq_scheme.mon_id 
_pdbx_poly_seq_scheme.ndb_seq_num 
_pdbx_poly_seq_scheme.pdb_seq_num 
_pdbx_poly_seq_scheme.auth_seq_num 
_pdbx_poly_seq_scheme.pdb_mon_id 
_pdbx_poly_seq_scheme.auth_mon_id 
_pdbx_poly_seq_scheme.pdb_strand_id 
_pdbx_poly_seq_scheme.pdb_ins_code 
_pdbx_poly_seq_scheme.hetero 
A 1 1  LEU 1  169 ?   ?   ?   A . n 
A 1 2  ILE 2  170 ?   ?   ?   A . n 
A 1 3  LYS 3  171 ?   ?   ?   A . n 
A 1 4  HIS 4  172 ?   ?   ?   A . n 
A 1 5  MET 5  173 173 MET MET A . n 
A 1 6  ARG 6  174 174 ARG ARG A . n 
A 1 7  ALA 7  175 175 ALA ALA A . n 
A 1 8  GLU 8  176 176 GLU GLU A . n 
A 1 9  ALA 9  177 177 ALA ALA A . n 
A 1 10 LEU 10 178 178 LEU LEU A . n 
A 1 11 PHE 11 179 179 PHE PHE A . n 
A 1 12 ASP 12 180 180 ASP ASP A . n 
A 1 13 PHE 13 181 181 PHE PHE A . n 
A 1 14 THR 14 182 182 THR THR A . n 
A 1 15 GLY 15 183 183 GLY GLY A . n 
A 1 16 ASN 16 184 184 ASN ASN A . n 
A 1 17 SER 17 185 185 SER SER A . n 
A 1 18 LYS 18 186 186 LYS LYS A . n 
A 1 19 LEU 19 187 187 LEU LEU A . n 
A 1 20 GLU 20 188 188 GLU GLU A . n 
A 1 21 LEU 21 189 189 LEU LEU A . n 
A 1 22 ASN 22 190 190 ASN ASN A . n 
A 1 23 PHE 23 191 191 PHE PHE A . n 
A 1 24 LYS 24 192 192 LYS LYS A . n 
A 1 25 ALA 25 193 193 ALA ALA A . n 
A 1 26 GLY 26 194 194 GLY GLY A . n 
A 1 27 ASP 27 195 195 ASP ASP A . n 
A 1 28 VAL 28 196 196 VAL VAL A . n 
A 1 29 ILE 29 197 197 ILE ILE A . n 
A 1 30 PHE 30 198 198 PHE PHE A . n 
A 1 31 LEU 31 199 199 LEU LEU A . n 
A 1 32 LEU 32 200 200 LEU LEU A . n 
A 1 33 SER 33 201 201 SER SER A . n 
A 1 34 ARG 34 202 202 ARG ARG A . n 
A 1 35 ILE 35 203 203 ILE ILE A . n 
A 1 36 ASN 36 204 204 ASN ASN A . n 
A 1 37 LYS 37 205 205 LYS LYS A . n 
A 1 38 ASP 38 206 206 ASP ASP A . n 
A 1 39 TRP 39 207 207 TRP TRP A . n 
A 1 40 LEU 40 208 208 LEU LEU A . n 
A 1 41 GLU 41 209 209 GLU GLU A . n 
A 1 42 GLY 42 210 210 GLY GLY A . n 
A 1 43 THR 43 211 211 THR THR A . n 
A 1 44 VAL 44 212 212 VAL VAL A . n 
A 1 45 ARG 45 213 213 ARG ARG A . n 
A 1 46 GLY 46 214 214 GLY GLY A . n 
A 1 47 ALA 47 215 215 ALA ALA A . n 
A 1 48 THR 48 216 216 THR THR A . n 
A 1 49 GLY 49 217 217 GLY GLY A . n 
A 1 50 ILE 50 218 218 ILE ILE A . n 
A 1 51 PHE 51 219 219 PHE PHE A . n 
A 1 52 PRO 52 220 220 PRO PRO A . n 
A 1 53 LEU 53 221 221 LEU LEU A . n 
A 1 54 SER 54 222 222 SER SER A . n 
A 1 55 PHE 55 223 223 PHE PHE A . n 
A 1 56 VAL 56 224 224 VAL VAL A . n 
A 1 57 LYS 57 225 225 LYS LYS A . n 
A 1 58 ILE 58 226 226 ILE ILE A . n 
A 1 59 LEU 59 227 227 LEU LEU A . n 
A 1 60 LYS 60 228 228 LYS LYS A . n 
B 1 1  LEU 1  169 ?   ?   ?   B . n 
B 1 2  ILE 2  170 ?   ?   ?   B . n 
B 1 3  LYS 3  171 ?   ?   ?   B . n 
B 1 4  HIS 4  172 ?   ?   ?   B . n 
B 1 5  MET 5  173 173 MET MET B . n 
B 1 6  ARG 6  174 174 ARG ARG B . n 
B 1 7  ALA 7  175 175 ALA ALA B . n 
B 1 8  GLU 8  176 176 GLU GLU B . n 
B 1 9  ALA 9  177 177 ALA ALA B . n 
B 1 10 LEU 10 178 178 LEU LEU B . n 
B 1 11 PHE 11 179 179 PHE PHE B . n 
B 1 12 ASP 12 180 180 ASP ASP B . n 
B 1 13 PHE 13 181 181 PHE PHE B . n 
B 1 14 THR 14 182 182 THR THR B . n 
B 1 15 GLY 15 183 183 GLY GLY B . n 
B 1 16 ASN 16 184 184 ASN ASN B . n 
B 1 17 SER 17 185 185 SER SER B . n 
B 1 18 LYS 18 186 186 LYS LYS B . n 
B 1 19 LEU 19 187 187 LEU LEU B . n 
B 1 20 GLU 20 188 188 GLU GLU B . n 
B 1 21 LEU 21 189 189 LEU LEU B . n 
B 1 22 ASN 22 190 190 ASN ASN B . n 
B 1 23 PHE 23 191 191 PHE PHE B . n 
B 1 24 LYS 24 192 192 LYS LYS B . n 
B 1 25 ALA 25 193 193 ALA ALA B . n 
B 1 26 GLY 26 194 194 GLY GLY B . n 
B 1 27 ASP 27 195 195 ASP ASP B . n 
B 1 28 VAL 28 196 196 VAL VAL B . n 
B 1 29 ILE 29 197 197 ILE ILE B . n 
B 1 30 PHE 30 198 198 PHE PHE B . n 
B 1 31 LEU 31 199 199 LEU LEU B . n 
B 1 32 LEU 32 200 200 LEU LEU B . n 
B 1 33 SER 33 201 201 SER SER B . n 
B 1 34 ARG 34 202 202 ARG ARG B . n 
B 1 35 ILE 35 203 203 ILE ILE B . n 
B 1 36 ASN 36 204 204 ASN ASN B . n 
B 1 37 LYS 37 205 205 LYS LYS B . n 
B 1 38 ASP 38 206 206 ASP ASP B . n 
B 1 39 TRP 39 207 207 TRP TRP B . n 
B 1 40 LEU 40 208 208 LEU LEU B . n 
B 1 41 GLU 41 209 209 GLU GLU B . n 
B 1 42 GLY 42 210 210 GLY GLY B . n 
B 1 43 THR 43 211 211 THR THR B . n 
B 1 44 VAL 44 212 212 VAL VAL B . n 
B 1 45 ARG 45 213 213 ARG ARG B . n 
B 1 46 GLY 46 214 214 GLY GLY B . n 
B 1 47 ALA 47 215 215 ALA ALA B . n 
B 1 48 THR 48 216 216 THR THR B . n 
B 1 49 GLY 49 217 217 GLY GLY B . n 
B 1 50 ILE 50 218 218 ILE ILE B . n 
B 1 51 PHE 51 219 219 PHE PHE B . n 
B 1 52 PRO 52 220 220 PRO PRO B . n 
B 1 53 LEU 53 221 221 LEU LEU B . n 
B 1 54 SER 54 222 222 SER SER B . n 
B 1 55 PHE 55 223 223 PHE PHE B . n 
B 1 56 VAL 56 224 224 VAL VAL B . n 
B 1 57 LYS 57 225 225 LYS LYS B . n 
B 1 58 ILE 58 226 226 ILE ILE B . n 
B 1 59 LEU 59 227 227 LEU LEU B . n 
B 1 60 LYS 60 228 228 LYS LYS B . n 
# 
loop_
_pdbx_nonpoly_scheme.asym_id 
_pdbx_nonpoly_scheme.entity_id 
_pdbx_nonpoly_scheme.mon_id 
_pdbx_nonpoly_scheme.ndb_seq_num 
_pdbx_nonpoly_scheme.pdb_seq_num 
_pdbx_nonpoly_scheme.auth_seq_num 
_pdbx_nonpoly_scheme.pdb_mon_id 
_pdbx_nonpoly_scheme.auth_mon_id 
_pdbx_nonpoly_scheme.pdb_strand_id 
_pdbx_nonpoly_scheme.pdb_ins_code 
C 2 HOH 1  2001 2001 HOH HOH A . 
C 2 HOH 2  2002 2002 HOH HOH A . 
C 2 HOH 3  2003 2003 HOH HOH A . 
C 2 HOH 4  2004 2004 HOH HOH A . 
C 2 HOH 5  2005 2005 HOH HOH A . 
C 2 HOH 6  2006 2006 HOH HOH A . 
C 2 HOH 7  2007 2007 HOH HOH A . 
C 2 HOH 8  2008 2008 HOH HOH A . 
C 2 HOH 9  2009 2009 HOH HOH A . 
C 2 HOH 10 2010 2010 HOH HOH A . 
C 2 HOH 11 2011 2011 HOH HOH A . 
C 2 HOH 12 2012 2012 HOH HOH A . 
C 2 HOH 13 2013 2013 HOH HOH A . 
C 2 HOH 14 2014 2014 HOH HOH A . 
C 2 HOH 15 2015 2015 HOH HOH A . 
C 2 HOH 16 2016 2016 HOH HOH A . 
C 2 HOH 17 2017 2017 HOH HOH A . 
C 2 HOH 18 2018 2018 HOH HOH A . 
C 2 HOH 19 2019 2019 HOH HOH A . 
C 2 HOH 20 2020 2020 HOH HOH A . 
C 2 HOH 21 2021 2021 HOH HOH A . 
C 2 HOH 22 2022 2022 HOH HOH A . 
C 2 HOH 23 2023 2023 HOH HOH A . 
C 2 HOH 24 2024 2024 HOH HOH A . 
C 2 HOH 25 2025 2025 HOH HOH A . 
C 2 HOH 26 2026 2026 HOH HOH A . 
C 2 HOH 27 2027 2027 HOH HOH A . 
D 2 HOH 1  2001 2001 HOH HOH B . 
D 2 HOH 2  2002 2002 HOH HOH B . 
D 2 HOH 3  2003 2003 HOH HOH B . 
D 2 HOH 4  2004 2004 HOH HOH B . 
D 2 HOH 5  2005 2005 HOH HOH B . 
D 2 HOH 6  2006 2006 HOH HOH B . 
D 2 HOH 7  2007 2007 HOH HOH B . 
D 2 HOH 8  2008 2008 HOH HOH B . 
D 2 HOH 9  2009 2009 HOH HOH B . 
D 2 HOH 10 2010 2010 HOH HOH B . 
D 2 HOH 11 2011 2011 HOH HOH B . 
D 2 HOH 12 2012 2012 HOH HOH B . 
D 2 HOH 13 2013 2013 HOH HOH B . 
D 2 HOH 14 2014 2014 HOH HOH B . 
D 2 HOH 15 2015 2015 HOH HOH B . 
D 2 HOH 16 2016 2016 HOH HOH B . 
D 2 HOH 17 2017 2017 HOH HOH B . 
D 2 HOH 18 2018 2018 HOH HOH B . 
D 2 HOH 19 2019 2019 HOH HOH B . 
D 2 HOH 20 2020 2020 HOH HOH B . 
D 2 HOH 21 2021 2021 HOH HOH B . 
D 2 HOH 22 2022 2022 HOH HOH B . 
D 2 HOH 23 2023 2023 HOH HOH B . 
D 2 HOH 24 2024 2024 HOH HOH B . 
D 2 HOH 25 2025 2025 HOH HOH B . 
D 2 HOH 26 2026 2026 HOH HOH B . 
D 2 HOH 27 2027 2027 HOH HOH B . 
D 2 HOH 28 2028 2028 HOH HOH B . 
D 2 HOH 29 2029 2029 HOH HOH B . 
D 2 HOH 30 2030 2030 HOH HOH B . 
D 2 HOH 31 2031 2031 HOH HOH B . 
D 2 HOH 32 2032 2032 HOH HOH B . 
D 2 HOH 33 2033 2033 HOH HOH B . 
D 2 HOH 34 2034 2034 HOH HOH B . 
# 
loop_
_pdbx_unobs_or_zero_occ_atoms.id 
_pdbx_unobs_or_zero_occ_atoms.PDB_model_num 
_pdbx_unobs_or_zero_occ_atoms.polymer_flag 
_pdbx_unobs_or_zero_occ_atoms.occupancy_flag 
_pdbx_unobs_or_zero_occ_atoms.auth_asym_id 
_pdbx_unobs_or_zero_occ_atoms.auth_comp_id 
_pdbx_unobs_or_zero_occ_atoms.auth_seq_id 
_pdbx_unobs_or_zero_occ_atoms.PDB_ins_code 
_pdbx_unobs_or_zero_occ_atoms.auth_atom_id 
_pdbx_unobs_or_zero_occ_atoms.label_alt_id 
_pdbx_unobs_or_zero_occ_atoms.label_asym_id 
_pdbx_unobs_or_zero_occ_atoms.label_comp_id 
_pdbx_unobs_or_zero_occ_atoms.label_seq_id 
_pdbx_unobs_or_zero_occ_atoms.label_atom_id 
1 1 Y 1 A LYS 205 ? CG ? A LYS 37 CG 
2 1 Y 1 A LYS 205 ? CD ? A LYS 37 CD 
3 1 Y 1 A LYS 205 ? CE ? A LYS 37 CE 
4 1 Y 1 A LYS 205 ? NZ ? A LYS 37 NZ 
5 1 Y 1 B LYS 205 ? CG ? B LYS 37 CG 
6 1 Y 1 B LYS 205 ? CD ? B LYS 37 CD 
7 1 Y 1 B LYS 205 ? CE ? B LYS 37 CE 
8 1 Y 1 B LYS 205 ? NZ ? B LYS 37 NZ 
# 
loop_
_software.name 
_software.classification 
_software.version 
_software.citation_id 
_software.pdbx_ordinal 
_software.date 
_software.type 
_software.location 
_software.language 
CNS   refinement       1.0 ? 1 ? ? ? ? 
DENZO 'data reduction' .   ? 2 ? ? ? ? 
CCP4  'data scaling'   .   ? 3 ? ? ? ? 
AMoRE phasing          .   ? 4 ? ? ? ? 
# 
_cell.entry_id           1W6X 
_cell.length_a           35.160 
_cell.length_b           45.160 
_cell.length_c           35.060 
_cell.angle_alpha        90.00 
_cell.angle_beta         111.43 
_cell.angle_gamma        90.00 
_cell.Z_PDB              4 
_cell.pdbx_unique_axis   ? 
# 
_symmetry.entry_id                         1W6X 
_symmetry.space_group_name_H-M             'P 1 21 1' 
_symmetry.pdbx_full_space_group_name_H-M   ? 
_symmetry.cell_setting                     ? 
_symmetry.Int_Tables_number                4 
# 
_exptl.entry_id          1W6X 
_exptl.method            'X-RAY DIFFRACTION' 
_exptl.crystals_number   1 
# 
_exptl_crystal.id                    1 
_exptl_crystal.density_meas          ? 
_exptl_crystal.density_Matthews      1.91 
_exptl_crystal.density_percent_sol   35.52 
_exptl_crystal.description           
;THE STARTING MODEL CONSISTED OF A SUPERPOSITION OF 8 SH3 STRUCTURES 1SEM, 1SHG, 1ABQ, 1FYN, 1I0C,1B07, 1BB9, 1BU1 USING MAIN CHAIN ATOMS
;
# 
_exptl_crystal_grow.crystal_id      1 
_exptl_crystal_grow.method          'VAPOR DIFFUSION' 
_exptl_crystal_grow.temp            287 
_exptl_crystal_grow.temp_details    ? 
_exptl_crystal_grow.pH              ? 
_exptl_crystal_grow.pdbx_pH_range   ? 
_exptl_crystal_grow.pdbx_details    
;VAPOR DIFFUSION AT 14 DEGRE C, PROTEIN AT 14 MG/ML, 20 MM HEPES PH 7.5, 150 MM NACL MIXED WITH 40% PEG2K MME, 100 MM AS 200 MM NA AC PH 4.6.
;
# 
_diffrn.id                     1 
_diffrn.ambient_temp           100.0 
_diffrn.ambient_temp_details   ? 
_diffrn.crystal_id             1 
# 
_diffrn_detector.diffrn_id              1 
_diffrn_detector.detector               'IMAGE PLATE' 
_diffrn_detector.type                   'MAR scanner 345 mm plate' 
_diffrn_detector.pdbx_collection_date   ? 
_diffrn_detector.details                MIRRORS 
# 
_diffrn_radiation.diffrn_id                        1 
_diffrn_radiation.wavelength_id                    1 
_diffrn_radiation.pdbx_monochromatic_or_laue_m_l   M 
_diffrn_radiation.monochromator                    ? 
_diffrn_radiation.pdbx_diffrn_protocol             'SINGLE WAVELENGTH' 
_diffrn_radiation.pdbx_scattering_type             x-ray 
# 
_diffrn_radiation_wavelength.id           1 
_diffrn_radiation_wavelength.wavelength   1.54 
_diffrn_radiation_wavelength.wt           1.0 
# 
_diffrn_source.diffrn_id                   1 
_diffrn_source.source                      'ROTATING ANODE' 
_diffrn_source.type                        NONIUS 
_diffrn_source.pdbx_synchrotron_site       ? 
_diffrn_source.pdbx_synchrotron_beamline   ? 
_diffrn_source.pdbx_wavelength             1.54 
_diffrn_source.pdbx_wavelength_list        ? 
# 
_reflns.pdbx_diffrn_id               1 
_reflns.pdbx_ordinal                 1 
_reflns.entry_id                     1W6X 
_reflns.observed_criterion_sigma_I   0.000 
_reflns.observed_criterion_sigma_F   ? 
_reflns.d_resolution_low             20.000 
_reflns.d_resolution_high            2.000 
_reflns.number_obs                   6876 
_reflns.number_all                   ? 
_reflns.percent_possible_obs         98.1 
_reflns.pdbx_Rmerge_I_obs            0.11000 
_reflns.pdbx_Rsym_value              ? 
_reflns.pdbx_netI_over_sigmaI        3.7000 
_reflns.B_iso_Wilson_estimate        ? 
_reflns.pdbx_redundancy              3.400 
_reflns.pdbx_CC_half                 ? 
_reflns.pdbx_Rpim_I_all              ? 
_reflns.pdbx_Rrim_I_all              ? 
# 
_reflns_shell.pdbx_diffrn_id         1 
_reflns_shell.pdbx_ordinal           1 
_reflns_shell.d_res_high             2.00 
_reflns_shell.d_res_low              2.10 
_reflns_shell.percent_possible_all   90.0 
_reflns_shell.Rmerge_I_obs           0.27000 
_reflns_shell.pdbx_Rsym_value        ? 
_reflns_shell.meanI_over_sigI_obs    2.400 
_reflns_shell.pdbx_redundancy        2.80 
_reflns_shell.number_measured_obs    ? 
_reflns_shell.number_unique_all      ? 
_reflns_shell.number_unique_obs      ? 
_reflns_shell.pdbx_CC_half           ? 
_reflns_shell.pdbx_Rpim_I_all        ? 
_reflns_shell.pdbx_Rrim_I_all        ? 
# 
_refine.pdbx_refine_id                           'X-RAY DIFFRACTION' 
_refine.entry_id                                 1W6X 
_refine.pdbx_diffrn_id                           1 
_refine.pdbx_TLS_residual_ADP_flag               ? 
_refine.ls_number_reflns_obs                     6871 
_refine.ls_number_reflns_all                     ? 
_refine.pdbx_ls_sigma_I                          ? 
_refine.pdbx_ls_sigma_F                          0.0 
_refine.pdbx_data_cutoff_high_absF               10000 
_refine.pdbx_data_cutoff_low_absF                ? 
_refine.pdbx_data_cutoff_high_rms_absF           ? 
_refine.ls_d_res_low                             20.0 
_refine.ls_d_res_high                            2.0 
_refine.ls_percent_reflns_obs                    98.2 
_refine.ls_R_factor_obs                          0.2476 
_refine.ls_R_factor_all                          ? 
_refine.ls_R_factor_R_work                       0.2476 
_refine.ls_R_factor_R_free                       0.2496 
_refine.ls_R_factor_R_free_error                 ? 
_refine.ls_R_factor_R_free_error_details         ? 
_refine.ls_percent_reflns_R_free                 5.1 
_refine.ls_number_reflns_R_free                  356 
_refine.ls_number_parameters                     ? 
_refine.ls_number_restraints                     ? 
_refine.occupancy_min                            ? 
_refine.occupancy_max                            ? 
_refine.correlation_coeff_Fo_to_Fc               ? 
_refine.correlation_coeff_Fo_to_Fc_free          ? 
_refine.B_iso_mean                               32.93 
_refine.aniso_B[1][1]                            -0.417 
_refine.aniso_B[2][2]                            4.579 
_refine.aniso_B[3][3]                            -4.162 
_refine.aniso_B[1][2]                            0.000 
_refine.aniso_B[1][3]                            11.028 
_refine.aniso_B[2][3]                            0.000 
_refine.solvent_model_details                    'FLAT MODEL' 
_refine.solvent_model_param_ksol                 0.3542 
_refine.solvent_model_param_bsol                 48.9964 
_refine.pdbx_solvent_vdw_probe_radii             ? 
_refine.pdbx_solvent_ion_probe_radii             ? 
_refine.pdbx_solvent_shrinkage_radii             ? 
_refine.pdbx_ls_cross_valid_method               THROUGHOUT 
_refine.details                                  ? 
_refine.pdbx_starting_model                      ? 
_refine.pdbx_method_to_determine_struct          'MOLECULAR REPLACEMENT' 
_refine.pdbx_isotropic_thermal_model             ? 
_refine.pdbx_stereochemistry_target_values       'MAXIMUM LIKELIHOOD' 
_refine.pdbx_stereochem_target_val_spec_case     ? 
_refine.pdbx_R_Free_selection_details            RANDOM 
_refine.pdbx_overall_ESU_R                       ? 
_refine.pdbx_overall_ESU_R_Free                  ? 
_refine.overall_SU_ML                            ? 
_refine.pdbx_overall_phase_error                 ? 
_refine.overall_SU_B                             ? 
_refine.overall_SU_R_Cruickshank_DPI             ? 
_refine.pdbx_overall_SU_R_free_Cruickshank_DPI   ? 
_refine.pdbx_overall_SU_R_Blow_DPI               ? 
_refine.pdbx_overall_SU_R_free_Blow_DPI          ? 
# 
_refine_analyze.pdbx_refine_id                  'X-RAY DIFFRACTION' 
_refine_analyze.entry_id                        1W6X 
_refine_analyze.Luzzati_coordinate_error_obs    0.3 
_refine_analyze.Luzzati_sigma_a_obs             0.32 
_refine_analyze.Luzzati_d_res_low_obs           5 
_refine_analyze.Luzzati_coordinate_error_free   0.40 
_refine_analyze.Luzzati_sigma_a_free            0.47 
_refine_analyze.Luzzati_d_res_low_free          ? 
_refine_analyze.number_disordered_residues      ? 
_refine_analyze.occupancy_sum_hydrogen          ? 
_refine_analyze.occupancy_sum_non_hydrogen      ? 
# 
_refine_hist.pdbx_refine_id                   'X-RAY DIFFRACTION' 
_refine_hist.cycle_id                         LAST 
_refine_hist.pdbx_number_atoms_protein        882 
_refine_hist.pdbx_number_atoms_nucleic_acid   0 
_refine_hist.pdbx_number_atoms_ligand         0 
_refine_hist.number_atoms_solvent             61 
_refine_hist.number_atoms_total               943 
_refine_hist.d_res_high                       2.0 
_refine_hist.d_res_low                        20.0 
# 
loop_
_refine_ls_restr.type 
_refine_ls_restr.dev_ideal 
_refine_ls_restr.dev_ideal_target 
_refine_ls_restr.weight 
_refine_ls_restr.number 
_refine_ls_restr.pdbx_refine_id 
_refine_ls_restr.pdbx_restraint_function 
c_bond_d                0.006833 ? ? ? 'X-RAY DIFFRACTION' ? 
c_bond_d_na             ?        ? ? ? 'X-RAY DIFFRACTION' ? 
c_bond_d_prot           ?        ? ? ? 'X-RAY DIFFRACTION' ? 
c_angle_d               ?        ? ? ? 'X-RAY DIFFRACTION' ? 
c_angle_d_na            ?        ? ? ? 'X-RAY DIFFRACTION' ? 
c_angle_d_prot          ?        ? ? ? 'X-RAY DIFFRACTION' ? 
c_angle_deg             1.30239  ? ? ? 'X-RAY DIFFRACTION' ? 
c_angle_deg_na          ?        ? ? ? 'X-RAY DIFFRACTION' ? 
c_angle_deg_prot        ?        ? ? ? 'X-RAY DIFFRACTION' ? 
c_dihedral_angle_d      25.37    ? ? ? 'X-RAY DIFFRACTION' ? 
c_dihedral_angle_d_na   ?        ? ? ? 'X-RAY DIFFRACTION' ? 
c_dihedral_angle_d_prot ?        ? ? ? 'X-RAY DIFFRACTION' ? 
c_improper_angle_d      0.7771   ? ? ? 'X-RAY DIFFRACTION' ? 
c_improper_angle_d_na   ?        ? ? ? 'X-RAY DIFFRACTION' ? 
c_improper_angle_d_prot ?        ? ? ? 'X-RAY DIFFRACTION' ? 
c_mcbond_it             ?        ? ? ? 'X-RAY DIFFRACTION' ? 
c_mcangle_it            ?        ? ? ? 'X-RAY DIFFRACTION' ? 
c_scbond_it             ?        ? ? ? 'X-RAY DIFFRACTION' ? 
c_scangle_it            ?        ? ? ? 'X-RAY DIFFRACTION' ? 
# 
_refine_ls_shell.pdbx_refine_id                   'X-RAY DIFFRACTION' 
_refine_ls_shell.pdbx_total_number_of_bins_used   10 
_refine_ls_shell.d_res_high                       2.0 
_refine_ls_shell.d_res_low                        2.07 
_refine_ls_shell.number_reflns_R_work             607 
_refine_ls_shell.R_factor_R_work                  0.3511 
_refine_ls_shell.percent_reflns_obs               92.1 
_refine_ls_shell.R_factor_R_free                  0.438 
_refine_ls_shell.R_factor_R_free_error            ? 
_refine_ls_shell.percent_reflns_R_free            6.36 
_refine_ls_shell.number_reflns_R_free             45 
_refine_ls_shell.number_reflns_all                ? 
_refine_ls_shell.R_factor_all                     ? 
_refine_ls_shell.R_factor_obs                     ? 
_refine_ls_shell.number_reflns_obs                ? 
# 
loop_
_pdbx_xplor_file.pdbx_refine_id 
_pdbx_xplor_file.serial_no 
_pdbx_xplor_file.param_file 
_pdbx_xplor_file.topol_file 
'X-RAY DIFFRACTION' 1 PROTEIN_REP.PARAM ? 
'X-RAY DIFFRACTION' 2 WATER_REP.PARAM   ? 
# 
_struct.entry_id                  1W6X 
_struct.title                     'SH3 domain of p40phox, component of the NADPH oxidase' 
_struct.pdbx_model_details        ? 
_struct.pdbx_CASP_flag            ? 
_struct.pdbx_model_type_details   ? 
# 
_struct_keywords.entry_id        1W6X 
_struct_keywords.pdbx_keywords   'SH3 DOMAIN' 
_struct_keywords.text            'NADPH OXIDASE, P40PHOX, PHAGOCYTE, SH3 DOMAIN' 
# 
loop_
_struct_asym.id 
_struct_asym.pdbx_blank_PDB_chainid_flag 
_struct_asym.pdbx_modified 
_struct_asym.entity_id 
_struct_asym.details 
A N N 1 ? 
B N N 1 ? 
C N N 2 ? 
D N N 2 ? 
# 
loop_
_struct_ref.id 
_struct_ref.db_name 
_struct_ref.db_code 
_struct_ref.entity_id 
_struct_ref.pdbx_seq_one_letter_code 
_struct_ref.pdbx_align_begin 
_struct_ref.pdbx_db_accession 
_struct_ref.pdbx_db_isoform 
1 PDB 1W6X       1 ? ? 1W6X   ? 
2 UNP NCF4_HUMAN 1 ? ? Q15080 ? 
# 
loop_
_struct_ref_seq.align_id 
_struct_ref_seq.ref_id 
_struct_ref_seq.pdbx_PDB_id_code 
_struct_ref_seq.pdbx_strand_id 
_struct_ref_seq.seq_align_beg 
_struct_ref_seq.pdbx_seq_align_beg_ins_code 
_struct_ref_seq.seq_align_end 
_struct_ref_seq.pdbx_seq_align_end_ins_code 
_struct_ref_seq.pdbx_db_accession 
_struct_ref_seq.db_align_beg 
_struct_ref_seq.pdbx_db_align_beg_ins_code 
_struct_ref_seq.db_align_end 
_struct_ref_seq.pdbx_db_align_end_ins_code 
_struct_ref_seq.pdbx_auth_seq_align_beg 
_struct_ref_seq.pdbx_auth_seq_align_end 
1 1 1W6X A 1 ? 5  ? 1W6X   169 ? 173 ? 169 173 
2 2 1W6X A 6 ? 60 ? Q15080 174 ? 228 ? 174 228 
3 1 1W6X B 1 ? 5  ? 1W6X   169 ? 173 ? 169 173 
4 2 1W6X B 6 ? 60 ? Q15080 174 ? 228 ? 174 228 
# 
loop_
_pdbx_struct_assembly.id 
_pdbx_struct_assembly.details 
_pdbx_struct_assembly.method_details 
_pdbx_struct_assembly.oligomeric_details 
_pdbx_struct_assembly.oligomeric_count 
1 author_and_software_defined_assembly PQS monomeric 1 
2 author_and_software_defined_assembly PQS monomeric 1 
# 
loop_
_pdbx_struct_assembly_gen.assembly_id 
_pdbx_struct_assembly_gen.oper_expression 
_pdbx_struct_assembly_gen.asym_id_list 
1 1 A,C 
2 1 B,D 
# 
_pdbx_struct_oper_list.id                   1 
_pdbx_struct_oper_list.type                 'identity operation' 
_pdbx_struct_oper_list.name                 1_555 
_pdbx_struct_oper_list.symmetry_operation   x,y,z 
_pdbx_struct_oper_list.matrix[1][1]         1.0000000000 
_pdbx_struct_oper_list.matrix[1][2]         0.0000000000 
_pdbx_struct_oper_list.matrix[1][3]         0.0000000000 
_pdbx_struct_oper_list.vector[1]            0.0000000000 
_pdbx_struct_oper_list.matrix[2][1]         0.0000000000 
_pdbx_struct_oper_list.matrix[2][2]         1.0000000000 
_pdbx_struct_oper_list.matrix[2][3]         0.0000000000 
_pdbx_struct_oper_list.vector[2]            0.0000000000 
_pdbx_struct_oper_list.matrix[3][1]         0.0000000000 
_pdbx_struct_oper_list.matrix[3][2]         0.0000000000 
_pdbx_struct_oper_list.matrix[3][3]         1.0000000000 
_pdbx_struct_oper_list.vector[3]            0.0000000000 
# 
loop_
_struct_sheet.id 
_struct_sheet.type 
_struct_sheet.number_strands 
_struct_sheet.details 
AA ? 5 ? 
BA ? 5 ? 
# 
loop_
_struct_sheet_order.sheet_id 
_struct_sheet_order.range_id_1 
_struct_sheet_order.range_id_2 
_struct_sheet_order.offset 
_struct_sheet_order.sense 
AA 1 2 ? anti-parallel 
AA 2 3 ? anti-parallel 
AA 3 4 ? anti-parallel 
AA 4 5 ? anti-parallel 
BA 1 2 ? anti-parallel 
BA 2 3 ? anti-parallel 
BA 3 4 ? anti-parallel 
BA 4 5 ? anti-parallel 
# 
loop_
_struct_sheet_range.sheet_id 
_struct_sheet_range.id 
_struct_sheet_range.beg_label_comp_id 
_struct_sheet_range.beg_label_asym_id 
_struct_sheet_range.beg_label_seq_id 
_struct_sheet_range.pdbx_beg_PDB_ins_code 
_struct_sheet_range.end_label_comp_id 
_struct_sheet_range.end_label_asym_id 
_struct_sheet_range.end_label_seq_id 
_struct_sheet_range.pdbx_end_PDB_ins_code 
_struct_sheet_range.beg_auth_comp_id 
_struct_sheet_range.beg_auth_asym_id 
_struct_sheet_range.beg_auth_seq_id 
_struct_sheet_range.end_auth_comp_id 
_struct_sheet_range.end_auth_asym_id 
_struct_sheet_range.end_auth_seq_id 
AA 1 ALA A 47 ? PRO A 52 ? ALA A 215 PRO A 220 
AA 2 TRP A 39 ? VAL A 44 ? TRP A 207 VAL A 212 
AA 3 VAL A 28 ? ASN A 36 ? VAL A 196 ASN A 204 
AA 4 ARG A 6  ? ALA A 9  ? ARG A 174 ALA A 177 
AA 5 VAL A 56 ? LEU A 59 ? VAL A 224 LEU A 227 
BA 1 ALA B 47 ? PRO B 52 ? ALA B 215 PRO B 220 
BA 2 TRP B 39 ? VAL B 44 ? TRP B 207 VAL B 212 
BA 3 VAL B 28 ? ASN B 36 ? VAL B 196 ASN B 204 
BA 4 ARG B 6  ? ALA B 9  ? ARG B 174 ALA B 177 
BA 5 VAL B 56 ? LEU B 59 ? VAL B 224 LEU B 227 
# 
loop_
_pdbx_struct_sheet_hbond.sheet_id 
_pdbx_struct_sheet_hbond.range_id_1 
_pdbx_struct_sheet_hbond.range_id_2 
_pdbx_struct_sheet_hbond.range_1_label_atom_id 
_pdbx_struct_sheet_hbond.range_1_label_comp_id 
_pdbx_struct_sheet_hbond.range_1_label_asym_id 
_pdbx_struct_sheet_hbond.range_1_label_seq_id 
_pdbx_struct_sheet_hbond.range_1_PDB_ins_code 
_pdbx_struct_sheet_hbond.range_1_auth_atom_id 
_pdbx_struct_sheet_hbond.range_1_auth_comp_id 
_pdbx_struct_sheet_hbond.range_1_auth_asym_id 
_pdbx_struct_sheet_hbond.range_1_auth_seq_id 
_pdbx_struct_sheet_hbond.range_2_label_atom_id 
_pdbx_struct_sheet_hbond.range_2_label_comp_id 
_pdbx_struct_sheet_hbond.range_2_label_asym_id 
_pdbx_struct_sheet_hbond.range_2_label_seq_id 
_pdbx_struct_sheet_hbond.range_2_PDB_ins_code 
_pdbx_struct_sheet_hbond.range_2_auth_atom_id 
_pdbx_struct_sheet_hbond.range_2_auth_comp_id 
_pdbx_struct_sheet_hbond.range_2_auth_asym_id 
_pdbx_struct_sheet_hbond.range_2_auth_seq_id 
AA 1 2 N PHE A 51 ? N PHE A 219 O LEU A 40 ? O LEU A 208 
AA 2 3 N THR A 43 ? N THR A 211 O PHE A 30 ? O PHE A 198 
AA 3 4 N ILE A 29 ? N ILE A 197 O ALA A 7  ? O ALA A 175 
AA 4 5 N GLU A 8  ? N GLU A 176 O LYS A 57 ? O LYS A 225 
BA 1 2 N PHE B 51 ? N PHE B 219 O LEU B 40 ? O LEU B 208 
BA 2 3 N THR B 43 ? N THR B 211 O PHE B 30 ? O PHE B 198 
BA 3 4 N ILE B 29 ? N ILE B 197 O ALA B 7  ? O ALA B 175 
BA 4 5 N GLU B 8  ? N GLU B 176 O LYS B 57 ? O LYS B 225 
# 
loop_
_pdbx_validate_close_contact.id 
_pdbx_validate_close_contact.PDB_model_num 
_pdbx_validate_close_contact.auth_atom_id_1 
_pdbx_validate_close_contact.auth_asym_id_1 
_pdbx_validate_close_contact.auth_comp_id_1 
_pdbx_validate_close_contact.auth_seq_id_1 
_pdbx_validate_close_contact.PDB_ins_code_1 
_pdbx_validate_close_contact.label_alt_id_1 
_pdbx_validate_close_contact.auth_atom_id_2 
_pdbx_validate_close_contact.auth_asym_id_2 
_pdbx_validate_close_contact.auth_comp_id_2 
_pdbx_validate_close_contact.auth_seq_id_2 
_pdbx_validate_close_contact.PDB_ins_code_2 
_pdbx_validate_close_contact.label_alt_id_2 
_pdbx_validate_close_contact.dist 
1 1 OG A SER 185 ? ? O A HOH 2010 ? ? 0.00 
2 1 CB A SER 185 ? ? O A HOH 2010 ? ? 1.41 
# 
loop_
_pdbx_validate_torsion.id 
_pdbx_validate_torsion.PDB_model_num 
_pdbx_validate_torsion.auth_comp_id 
_pdbx_validate_torsion.auth_asym_id 
_pdbx_validate_torsion.auth_seq_id 
_pdbx_validate_torsion.PDB_ins_code 
_pdbx_validate_torsion.label_alt_id 
_pdbx_validate_torsion.phi 
_pdbx_validate_torsion.psi 
1 1 SER A 201 ? ? 167.69 167.40 
2 1 SER B 201 ? ? 168.72 168.72 
# 
_pdbx_entry_details.entry_id                 1W6X 
_pdbx_entry_details.compound_details         ? 
_pdbx_entry_details.source_details           ? 
_pdbx_entry_details.nonpolymer_details       ? 
_pdbx_entry_details.sequence_details         'THE STRUCTURE CORRESPONDS ONLY TO THE SH3 DOMAIN' 
_pdbx_entry_details.has_ligand_of_interest   ? 
# 
loop_
_pdbx_distant_solvent_atoms.id 
_pdbx_distant_solvent_atoms.PDB_model_num 
_pdbx_distant_solvent_atoms.auth_atom_id 
_pdbx_distant_solvent_atoms.label_alt_id 
_pdbx_distant_solvent_atoms.auth_asym_id 
_pdbx_distant_solvent_atoms.auth_comp_id 
_pdbx_distant_solvent_atoms.auth_seq_id 
_pdbx_distant_solvent_atoms.PDB_ins_code 
_pdbx_distant_solvent_atoms.neighbor_macromolecule_distance 
_pdbx_distant_solvent_atoms.neighbor_ligand_distance 
1 1 O ? A HOH 2008 ? 6.92 . 
2 1 O ? A HOH 2013 ? 6.55 . 
3 1 O ? B HOH 2006 ? 6.48 . 
4 1 O ? B HOH 2008 ? 7.04 . 
# 
loop_
_pdbx_unobs_or_zero_occ_residues.id 
_pdbx_unobs_or_zero_occ_residues.PDB_model_num 
_pdbx_unobs_or_zero_occ_residues.polymer_flag 
_pdbx_unobs_or_zero_occ_residues.occupancy_flag 
_pdbx_unobs_or_zero_occ_residues.auth_asym_id 
_pdbx_unobs_or_zero_occ_residues.auth_comp_id 
_pdbx_unobs_or_zero_occ_residues.auth_seq_id 
_pdbx_unobs_or_zero_occ_residues.PDB_ins_code 
_pdbx_unobs_or_zero_occ_residues.label_asym_id 
_pdbx_unobs_or_zero_occ_residues.label_comp_id 
_pdbx_unobs_or_zero_occ_residues.label_seq_id 
1 1 Y 1 A LEU 169 ? A LEU 1 
2 1 Y 1 A ILE 170 ? A ILE 2 
3 1 Y 1 A LYS 171 ? A LYS 3 
4 1 Y 1 A HIS 172 ? A HIS 4 
5 1 Y 1 B LEU 169 ? B LEU 1 
6 1 Y 1 B ILE 170 ? B ILE 2 
7 1 Y 1 B LYS 171 ? B LYS 3 
8 1 Y 1 B HIS 172 ? B HIS 4 
# 
loop_
_chem_comp_atom.comp_id 
_chem_comp_atom.atom_id 
_chem_comp_atom.type_symbol 
_chem_comp_atom.pdbx_aromatic_flag 
_chem_comp_atom.pdbx_stereo_config 
_chem_comp_atom.pdbx_ordinal 
ALA N    N N N 1   
ALA CA   C N S 2   
ALA C    C N N 3   
ALA O    O N N 4   
ALA CB   C N N 5   
ALA OXT  O N N 6   
ALA H    H N N 7   
ALA H2   H N N 8   
ALA HA   H N N 9   
ALA HB1  H N N 10  
ALA HB2  H N N 11  
ALA HB3  H N N 12  
ALA HXT  H N N 13  
ARG N    N N N 14  
ARG CA   C N S 15  
ARG C    C N N 16  
ARG O    O N N 17  
ARG CB   C N N 18  
ARG CG   C N N 19  
ARG CD   C N N 20  
ARG NE   N N N 21  
ARG CZ   C N N 22  
ARG NH1  N N N 23  
ARG NH2  N N N 24  
ARG OXT  O N N 25  
ARG H    H N N 26  
ARG H2   H N N 27  
ARG HA   H N N 28  
ARG HB2  H N N 29  
ARG HB3  H N N 30  
ARG HG2  H N N 31  
ARG HG3  H N N 32  
ARG HD2  H N N 33  
ARG HD3  H N N 34  
ARG HE   H N N 35  
ARG HH11 H N N 36  
ARG HH12 H N N 37  
ARG HH21 H N N 38  
ARG HH22 H N N 39  
ARG HXT  H N N 40  
ASN N    N N N 41  
ASN CA   C N S 42  
ASN C    C N N 43  
ASN O    O N N 44  
ASN CB   C N N 45  
ASN CG   C N N 46  
ASN OD1  O N N 47  
ASN ND2  N N N 48  
ASN OXT  O N N 49  
ASN H    H N N 50  
ASN H2   H N N 51  
ASN HA   H N N 52  
ASN HB2  H N N 53  
ASN HB3  H N N 54  
ASN HD21 H N N 55  
ASN HD22 H N N 56  
ASN HXT  H N N 57  
ASP N    N N N 58  
ASP CA   C N S 59  
ASP C    C N N 60  
ASP O    O N N 61  
ASP CB   C N N 62  
ASP CG   C N N 63  
ASP OD1  O N N 64  
ASP OD2  O N N 65  
ASP OXT  O N N 66  
ASP H    H N N 67  
ASP H2   H N N 68  
ASP HA   H N N 69  
ASP HB2  H N N 70  
ASP HB3  H N N 71  
ASP HD2  H N N 72  
ASP HXT  H N N 73  
GLU N    N N N 74  
GLU CA   C N S 75  
GLU C    C N N 76  
GLU O    O N N 77  
GLU CB   C N N 78  
GLU CG   C N N 79  
GLU CD   C N N 80  
GLU OE1  O N N 81  
GLU OE2  O N N 82  
GLU OXT  O N N 83  
GLU H    H N N 84  
GLU H2   H N N 85  
GLU HA   H N N 86  
GLU HB2  H N N 87  
GLU HB3  H N N 88  
GLU HG2  H N N 89  
GLU HG3  H N N 90  
GLU HE2  H N N 91  
GLU HXT  H N N 92  
GLY N    N N N 93  
GLY CA   C N N 94  
GLY C    C N N 95  
GLY O    O N N 96  
GLY OXT  O N N 97  
GLY H    H N N 98  
GLY H2   H N N 99  
GLY HA2  H N N 100 
GLY HA3  H N N 101 
GLY HXT  H N N 102 
HIS N    N N N 103 
HIS CA   C N S 104 
HIS C    C N N 105 
HIS O    O N N 106 
HIS CB   C N N 107 
HIS CG   C Y N 108 
HIS ND1  N Y N 109 
HIS CD2  C Y N 110 
HIS CE1  C Y N 111 
HIS NE2  N Y N 112 
HIS OXT  O N N 113 
HIS H    H N N 114 
HIS H2   H N N 115 
HIS HA   H N N 116 
HIS HB2  H N N 117 
HIS HB3  H N N 118 
HIS HD1  H N N 119 
HIS HD2  H N N 120 
HIS HE1  H N N 121 
HIS HE2  H N N 122 
HIS HXT  H N N 123 
HOH O    O N N 124 
HOH H1   H N N 125 
HOH H2   H N N 126 
ILE N    N N N 127 
ILE CA   C N S 128 
ILE C    C N N 129 
ILE O    O N N 130 
ILE CB   C N S 131 
ILE CG1  C N N 132 
ILE CG2  C N N 133 
ILE CD1  C N N 134 
ILE OXT  O N N 135 
ILE H    H N N 136 
ILE H2   H N N 137 
ILE HA   H N N 138 
ILE HB   H N N 139 
ILE HG12 H N N 140 
ILE HG13 H N N 141 
ILE HG21 H N N 142 
ILE HG22 H N N 143 
ILE HG23 H N N 144 
ILE HD11 H N N 145 
ILE HD12 H N N 146 
ILE HD13 H N N 147 
ILE HXT  H N N 148 
LEU N    N N N 149 
LEU CA   C N S 150 
LEU C    C N N 151 
LEU O    O N N 152 
LEU CB   C N N 153 
LEU CG   C N N 154 
LEU CD1  C N N 155 
LEU CD2  C N N 156 
LEU OXT  O N N 157 
LEU H    H N N 158 
LEU H2   H N N 159 
LEU HA   H N N 160 
LEU HB2  H N N 161 
LEU HB3  H N N 162 
LEU HG   H N N 163 
LEU HD11 H N N 164 
LEU HD12 H N N 165 
LEU HD13 H N N 166 
LEU HD21 H N N 167 
LEU HD22 H N N 168 
LEU HD23 H N N 169 
LEU HXT  H N N 170 
LYS N    N N N 171 
LYS CA   C N S 172 
LYS C    C N N 173 
LYS O    O N N 174 
LYS CB   C N N 175 
LYS CG   C N N 176 
LYS CD   C N N 177 
LYS CE   C N N 178 
LYS NZ   N N N 179 
LYS OXT  O N N 180 
LYS H    H N N 181 
LYS H2   H N N 182 
LYS HA   H N N 183 
LYS HB2  H N N 184 
LYS HB3  H N N 185 
LYS HG2  H N N 186 
LYS HG3  H N N 187 
LYS HD2  H N N 188 
LYS HD3  H N N 189 
LYS HE2  H N N 190 
LYS HE3  H N N 191 
LYS HZ1  H N N 192 
LYS HZ2  H N N 193 
LYS HZ3  H N N 194 
LYS HXT  H N N 195 
MET N    N N N 196 
MET CA   C N S 197 
MET C    C N N 198 
MET O    O N N 199 
MET CB   C N N 200 
MET CG   C N N 201 
MET SD   S N N 202 
MET CE   C N N 203 
MET OXT  O N N 204 
MET H    H N N 205 
MET H2   H N N 206 
MET HA   H N N 207 
MET HB2  H N N 208 
MET HB3  H N N 209 
MET HG2  H N N 210 
MET HG3  H N N 211 
MET HE1  H N N 212 
MET HE2  H N N 213 
MET HE3  H N N 214 
MET HXT  H N N 215 
PHE N    N N N 216 
PHE CA   C N S 217 
PHE C    C N N 218 
PHE O    O N N 219 
PHE CB   C N N 220 
PHE CG   C Y N 221 
PHE CD1  C Y N 222 
PHE CD2  C Y N 223 
PHE CE1  C Y N 224 
PHE CE2  C Y N 225 
PHE CZ   C Y N 226 
PHE OXT  O N N 227 
PHE H    H N N 228 
PHE H2   H N N 229 
PHE HA   H N N 230 
PHE HB2  H N N 231 
PHE HB3  H N N 232 
PHE HD1  H N N 233 
PHE HD2  H N N 234 
PHE HE1  H N N 235 
PHE HE2  H N N 236 
PHE HZ   H N N 237 
PHE HXT  H N N 238 
PRO N    N N N 239 
PRO CA   C N S 240 
PRO C    C N N 241 
PRO O    O N N 242 
PRO CB   C N N 243 
PRO CG   C N N 244 
PRO CD   C N N 245 
PRO OXT  O N N 246 
PRO H    H N N 247 
PRO HA   H N N 248 
PRO HB2  H N N 249 
PRO HB3  H N N 250 
PRO HG2  H N N 251 
PRO HG3  H N N 252 
PRO HD2  H N N 253 
PRO HD3  H N N 254 
PRO HXT  H N N 255 
SER N    N N N 256 
SER CA   C N S 257 
SER C    C N N 258 
SER O    O N N 259 
SER CB   C N N 260 
SER OG   O N N 261 
SER OXT  O N N 262 
SER H    H N N 263 
SER H2   H N N 264 
SER HA   H N N 265 
SER HB2  H N N 266 
SER HB3  H N N 267 
SER HG   H N N 268 
SER HXT  H N N 269 
THR N    N N N 270 
THR CA   C N S 271 
THR C    C N N 272 
THR O    O N N 273 
THR CB   C N R 274 
THR OG1  O N N 275 
THR CG2  C N N 276 
THR OXT  O N N 277 
THR H    H N N 278 
THR H2   H N N 279 
THR HA   H N N 280 
THR HB   H N N 281 
THR HG1  H N N 282 
THR HG21 H N N 283 
THR HG22 H N N 284 
THR HG23 H N N 285 
THR HXT  H N N 286 
TRP N    N N N 287 
TRP CA   C N S 288 
TRP C    C N N 289 
TRP O    O N N 290 
TRP CB   C N N 291 
TRP CG   C Y N 292 
TRP CD1  C Y N 293 
TRP CD2  C Y N 294 
TRP NE1  N Y N 295 
TRP CE2  C Y N 296 
TRP CE3  C Y N 297 
TRP CZ2  C Y N 298 
TRP CZ3  C Y N 299 
TRP CH2  C Y N 300 
TRP OXT  O N N 301 
TRP H    H N N 302 
TRP H2   H N N 303 
TRP HA   H N N 304 
TRP HB2  H N N 305 
TRP HB3  H N N 306 
TRP HD1  H N N 307 
TRP HE1  H N N 308 
TRP HE3  H N N 309 
TRP HZ2  H N N 310 
TRP HZ3  H N N 311 
TRP HH2  H N N 312 
TRP HXT  H N N 313 
VAL N    N N N 314 
VAL CA   C N S 315 
VAL C    C N N 316 
VAL O    O N N 317 
VAL CB   C N N 318 
VAL CG1  C N N 319 
VAL CG2  C N N 320 
VAL OXT  O N N 321 
VAL H    H N N 322 
VAL H2   H N N 323 
VAL HA   H N N 324 
VAL HB   H N N 325 
VAL HG11 H N N 326 
VAL HG12 H N N 327 
VAL HG13 H N N 328 
VAL HG21 H N N 329 
VAL HG22 H N N 330 
VAL HG23 H N N 331 
VAL HXT  H N N 332 
# 
loop_
_chem_comp_bond.comp_id 
_chem_comp_bond.atom_id_1 
_chem_comp_bond.atom_id_2 
_chem_comp_bond.value_order 
_chem_comp_bond.pdbx_aromatic_flag 
_chem_comp_bond.pdbx_stereo_config 
_chem_comp_bond.pdbx_ordinal 
ALA N   CA   sing N N 1   
ALA N   H    sing N N 2   
ALA N   H2   sing N N 3   
ALA CA  C    sing N N 4   
ALA CA  CB   sing N N 5   
ALA CA  HA   sing N N 6   
ALA C   O    doub N N 7   
ALA C   OXT  sing N N 8   
ALA CB  HB1  sing N N 9   
ALA CB  HB2  sing N N 10  
ALA CB  HB3  sing N N 11  
ALA OXT HXT  sing N N 12  
ARG N   CA   sing N N 13  
ARG N   H    sing N N 14  
ARG N   H2   sing N N 15  
ARG CA  C    sing N N 16  
ARG CA  CB   sing N N 17  
ARG CA  HA   sing N N 18  
ARG C   O    doub N N 19  
ARG C   OXT  sing N N 20  
ARG CB  CG   sing N N 21  
ARG CB  HB2  sing N N 22  
ARG CB  HB3  sing N N 23  
ARG CG  CD   sing N N 24  
ARG CG  HG2  sing N N 25  
ARG CG  HG3  sing N N 26  
ARG CD  NE   sing N N 27  
ARG CD  HD2  sing N N 28  
ARG CD  HD3  sing N N 29  
ARG NE  CZ   sing N N 30  
ARG NE  HE   sing N N 31  
ARG CZ  NH1  sing N N 32  
ARG CZ  NH2  doub N N 33  
ARG NH1 HH11 sing N N 34  
ARG NH1 HH12 sing N N 35  
ARG NH2 HH21 sing N N 36  
ARG NH2 HH22 sing N N 37  
ARG OXT HXT  sing N N 38  
ASN N   CA   sing N N 39  
ASN N   H    sing N N 40  
ASN N   H2   sing N N 41  
ASN CA  C    sing N N 42  
ASN CA  CB   sing N N 43  
ASN CA  HA   sing N N 44  
ASN C   O    doub N N 45  
ASN C   OXT  sing N N 46  
ASN CB  CG   sing N N 47  
ASN CB  HB2  sing N N 48  
ASN CB  HB3  sing N N 49  
ASN CG  OD1  doub N N 50  
ASN CG  ND2  sing N N 51  
ASN ND2 HD21 sing N N 52  
ASN ND2 HD22 sing N N 53  
ASN OXT HXT  sing N N 54  
ASP N   CA   sing N N 55  
ASP N   H    sing N N 56  
ASP N   H2   sing N N 57  
ASP CA  C    sing N N 58  
ASP CA  CB   sing N N 59  
ASP CA  HA   sing N N 60  
ASP C   O    doub N N 61  
ASP C   OXT  sing N N 62  
ASP CB  CG   sing N N 63  
ASP CB  HB2  sing N N 64  
ASP CB  HB3  sing N N 65  
ASP CG  OD1  doub N N 66  
ASP CG  OD2  sing N N 67  
ASP OD2 HD2  sing N N 68  
ASP OXT HXT  sing N N 69  
GLU N   CA   sing N N 70  
GLU N   H    sing N N 71  
GLU N   H2   sing N N 72  
GLU CA  C    sing N N 73  
GLU CA  CB   sing N N 74  
GLU CA  HA   sing N N 75  
GLU C   O    doub N N 76  
GLU C   OXT  sing N N 77  
GLU CB  CG   sing N N 78  
GLU CB  HB2  sing N N 79  
GLU CB  HB3  sing N N 80  
GLU CG  CD   sing N N 81  
GLU CG  HG2  sing N N 82  
GLU CG  HG3  sing N N 83  
GLU CD  OE1  doub N N 84  
GLU CD  OE2  sing N N 85  
GLU OE2 HE2  sing N N 86  
GLU OXT HXT  sing N N 87  
GLY N   CA   sing N N 88  
GLY N   H    sing N N 89  
GLY N   H2   sing N N 90  
GLY CA  C    sing N N 91  
GLY CA  HA2  sing N N 92  
GLY CA  HA3  sing N N 93  
GLY C   O    doub N N 94  
GLY C   OXT  sing N N 95  
GLY OXT HXT  sing N N 96  
HIS N   CA   sing N N 97  
HIS N   H    sing N N 98  
HIS N   H2   sing N N 99  
HIS CA  C    sing N N 100 
HIS CA  CB   sing N N 101 
HIS CA  HA   sing N N 102 
HIS C   O    doub N N 103 
HIS C   OXT  sing N N 104 
HIS CB  CG   sing N N 105 
HIS CB  HB2  sing N N 106 
HIS CB  HB3  sing N N 107 
HIS CG  ND1  sing Y N 108 
HIS CG  CD2  doub Y N 109 
HIS ND1 CE1  doub Y N 110 
HIS ND1 HD1  sing N N 111 
HIS CD2 NE2  sing Y N 112 
HIS CD2 HD2  sing N N 113 
HIS CE1 NE2  sing Y N 114 
HIS CE1 HE1  sing N N 115 
HIS NE2 HE2  sing N N 116 
HIS OXT HXT  sing N N 117 
HOH O   H1   sing N N 118 
HOH O   H2   sing N N 119 
ILE N   CA   sing N N 120 
ILE N   H    sing N N 121 
ILE N   H2   sing N N 122 
ILE CA  C    sing N N 123 
ILE CA  CB   sing N N 124 
ILE CA  HA   sing N N 125 
ILE C   O    doub N N 126 
ILE C   OXT  sing N N 127 
ILE CB  CG1  sing N N 128 
ILE CB  CG2  sing N N 129 
ILE CB  HB   sing N N 130 
ILE CG1 CD1  sing N N 131 
ILE CG1 HG12 sing N N 132 
ILE CG1 HG13 sing N N 133 
ILE CG2 HG21 sing N N 134 
ILE CG2 HG22 sing N N 135 
ILE CG2 HG23 sing N N 136 
ILE CD1 HD11 sing N N 137 
ILE CD1 HD12 sing N N 138 
ILE CD1 HD13 sing N N 139 
ILE OXT HXT  sing N N 140 
LEU N   CA   sing N N 141 
LEU N   H    sing N N 142 
LEU N   H2   sing N N 143 
LEU CA  C    sing N N 144 
LEU CA  CB   sing N N 145 
LEU CA  HA   sing N N 146 
LEU C   O    doub N N 147 
LEU C   OXT  sing N N 148 
LEU CB  CG   sing N N 149 
LEU CB  HB2  sing N N 150 
LEU CB  HB3  sing N N 151 
LEU CG  CD1  sing N N 152 
LEU CG  CD2  sing N N 153 
LEU CG  HG   sing N N 154 
LEU CD1 HD11 sing N N 155 
LEU CD1 HD12 sing N N 156 
LEU CD1 HD13 sing N N 157 
LEU CD2 HD21 sing N N 158 
LEU CD2 HD22 sing N N 159 
LEU CD2 HD23 sing N N 160 
LEU OXT HXT  sing N N 161 
LYS N   CA   sing N N 162 
LYS N   H    sing N N 163 
LYS N   H2   sing N N 164 
LYS CA  C    sing N N 165 
LYS CA  CB   sing N N 166 
LYS CA  HA   sing N N 167 
LYS C   O    doub N N 168 
LYS C   OXT  sing N N 169 
LYS CB  CG   sing N N 170 
LYS CB  HB2  sing N N 171 
LYS CB  HB3  sing N N 172 
LYS CG  CD   sing N N 173 
LYS CG  HG2  sing N N 174 
LYS CG  HG3  sing N N 175 
LYS CD  CE   sing N N 176 
LYS CD  HD2  sing N N 177 
LYS CD  HD3  sing N N 178 
LYS CE  NZ   sing N N 179 
LYS CE  HE2  sing N N 180 
LYS CE  HE3  sing N N 181 
LYS NZ  HZ1  sing N N 182 
LYS NZ  HZ2  sing N N 183 
LYS NZ  HZ3  sing N N 184 
LYS OXT HXT  sing N N 185 
MET N   CA   sing N N 186 
MET N   H    sing N N 187 
MET N   H2   sing N N 188 
MET CA  C    sing N N 189 
MET CA  CB   sing N N 190 
MET CA  HA   sing N N 191 
MET C   O    doub N N 192 
MET C   OXT  sing N N 193 
MET CB  CG   sing N N 194 
MET CB  HB2  sing N N 195 
MET CB  HB3  sing N N 196 
MET CG  SD   sing N N 197 
MET CG  HG2  sing N N 198 
MET CG  HG3  sing N N 199 
MET SD  CE   sing N N 200 
MET CE  HE1  sing N N 201 
MET CE  HE2  sing N N 202 
MET CE  HE3  sing N N 203 
MET OXT HXT  sing N N 204 
PHE N   CA   sing N N 205 
PHE N   H    sing N N 206 
PHE N   H2   sing N N 207 
PHE CA  C    sing N N 208 
PHE CA  CB   sing N N 209 
PHE CA  HA   sing N N 210 
PHE C   O    doub N N 211 
PHE C   OXT  sing N N 212 
PHE CB  CG   sing N N 213 
PHE CB  HB2  sing N N 214 
PHE CB  HB3  sing N N 215 
PHE CG  CD1  doub Y N 216 
PHE CG  CD2  sing Y N 217 
PHE CD1 CE1  sing Y N 218 
PHE CD1 HD1  sing N N 219 
PHE CD2 CE2  doub Y N 220 
PHE CD2 HD2  sing N N 221 
PHE CE1 CZ   doub Y N 222 
PHE CE1 HE1  sing N N 223 
PHE CE2 CZ   sing Y N 224 
PHE CE2 HE2  sing N N 225 
PHE CZ  HZ   sing N N 226 
PHE OXT HXT  sing N N 227 
PRO N   CA   sing N N 228 
PRO N   CD   sing N N 229 
PRO N   H    sing N N 230 
PRO CA  C    sing N N 231 
PRO CA  CB   sing N N 232 
PRO CA  HA   sing N N 233 
PRO C   O    doub N N 234 
PRO C   OXT  sing N N 235 
PRO CB  CG   sing N N 236 
PRO CB  HB2  sing N N 237 
PRO CB  HB3  sing N N 238 
PRO CG  CD   sing N N 239 
PRO CG  HG2  sing N N 240 
PRO CG  HG3  sing N N 241 
PRO CD  HD2  sing N N 242 
PRO CD  HD3  sing N N 243 
PRO OXT HXT  sing N N 244 
SER N   CA   sing N N 245 
SER N   H    sing N N 246 
SER N   H2   sing N N 247 
SER CA  C    sing N N 248 
SER CA  CB   sing N N 249 
SER CA  HA   sing N N 250 
SER C   O    doub N N 251 
SER C   OXT  sing N N 252 
SER CB  OG   sing N N 253 
SER CB  HB2  sing N N 254 
SER CB  HB3  sing N N 255 
SER OG  HG   sing N N 256 
SER OXT HXT  sing N N 257 
THR N   CA   sing N N 258 
THR N   H    sing N N 259 
THR N   H2   sing N N 260 
THR CA  C    sing N N 261 
THR CA  CB   sing N N 262 
THR CA  HA   sing N N 263 
THR C   O    doub N N 264 
THR C   OXT  sing N N 265 
THR CB  OG1  sing N N 266 
THR CB  CG2  sing N N 267 
THR CB  HB   sing N N 268 
THR OG1 HG1  sing N N 269 
THR CG2 HG21 sing N N 270 
THR CG2 HG22 sing N N 271 
THR CG2 HG23 sing N N 272 
THR OXT HXT  sing N N 273 
TRP N   CA   sing N N 274 
TRP N   H    sing N N 275 
TRP N   H2   sing N N 276 
TRP CA  C    sing N N 277 
TRP CA  CB   sing N N 278 
TRP CA  HA   sing N N 279 
TRP C   O    doub N N 280 
TRP C   OXT  sing N N 281 
TRP CB  CG   sing N N 282 
TRP CB  HB2  sing N N 283 
TRP CB  HB3  sing N N 284 
TRP CG  CD1  doub Y N 285 
TRP CG  CD2  sing Y N 286 
TRP CD1 NE1  sing Y N 287 
TRP CD1 HD1  sing N N 288 
TRP CD2 CE2  doub Y N 289 
TRP CD2 CE3  sing Y N 290 
TRP NE1 CE2  sing Y N 291 
TRP NE1 HE1  sing N N 292 
TRP CE2 CZ2  sing Y N 293 
TRP CE3 CZ3  doub Y N 294 
TRP CE3 HE3  sing N N 295 
TRP CZ2 CH2  doub Y N 296 
TRP CZ2 HZ2  sing N N 297 
TRP CZ3 CH2  sing Y N 298 
TRP CZ3 HZ3  sing N N 299 
TRP CH2 HH2  sing N N 300 
TRP OXT HXT  sing N N 301 
VAL N   CA   sing N N 302 
VAL N   H    sing N N 303 
VAL N   H2   sing N N 304 
VAL CA  C    sing N N 305 
VAL CA  CB   sing N N 306 
VAL CA  HA   sing N N 307 
VAL C   O    doub N N 308 
VAL C   OXT  sing N N 309 
VAL CB  CG1  sing N N 310 
VAL CB  CG2  sing N N 311 
VAL CB  HB   sing N N 312 
VAL CG1 HG11 sing N N 313 
VAL CG1 HG12 sing N N 314 
VAL CG1 HG13 sing N N 315 
VAL CG2 HG21 sing N N 316 
VAL CG2 HG22 sing N N 317 
VAL CG2 HG23 sing N N 318 
VAL OXT HXT  sing N N 319 
# 
_atom_sites.entry_id                    1W6X 
_atom_sites.fract_transf_matrix[1][1]   -0.01624180 
_atom_sites.fract_transf_matrix[1][2]   -0.01360736 
_atom_sites.fract_transf_matrix[1][3]   -0.02201242 
_atom_sites.fract_transf_matrix[2][1]   0.00305181 
_atom_sites.fract_transf_matrix[2][2]   0.01757669 
_atom_sites.fract_transf_matrix[2][3]   -0.01311711 
_atom_sites.fract_transf_matrix[3][1]   0.01788561 
_atom_sites.fract_transf_matrix[3][2]   -0.01679996 
_atom_sites.fract_transf_matrix[3][3]   -0.01835040 
_atom_sites.fract_transf_vector[1]      0.266302 
_atom_sites.fract_transf_vector[2]      0.086601 
_atom_sites.fract_transf_vector[3]      0.233652 
# 
loop_
_atom_type.symbol 
C 
N 
O 
S 
# 
loop_
_atom_site.group_PDB 
_atom_site.id 
_atom_site.type_symbol 
_atom_site.label_atom_id 
_atom_site.label_alt_id 
_atom_site.label_comp_id 
_atom_site.label_asym_id 
_atom_site.label_entity_id 
_atom_site.label_seq_id 
_atom_site.pdbx_PDB_ins_code 
_atom_site.Cartn_x 
_atom_site.Cartn_y 
_atom_site.Cartn_z 
_atom_site.occupancy 
_atom_site.B_iso_or_equiv 
_atom_site.pdbx_formal_charge 
_atom_site.auth_seq_id 
_atom_site.auth_comp_id 
_atom_site.auth_asym_id 
_atom_site.auth_atom_id 
_atom_site.pdbx_PDB_model_num 
ATOM   1   N N   . MET A 1 5  ? 7.318   -5.740  9.642   1.00 43.24 ? 173  MET A N   1 
ATOM   2   C CA  . MET A 1 5  ? 6.988   -5.710  11.103  1.00 40.99 ? 173  MET A CA  1 
ATOM   3   C C   . MET A 1 5  ? 5.540   -5.257  11.302  1.00 37.93 ? 173  MET A C   1 
ATOM   4   O O   . MET A 1 5  ? 4.756   -5.244  10.358  1.00 37.70 ? 173  MET A O   1 
ATOM   5   C CB  . MET A 1 5  ? 7.937   -4.755  11.836  1.00 45.43 ? 173  MET A CB  1 
ATOM   6   C CG  . MET A 1 5  ? 9.408   -5.005  11.532  1.00 50.32 ? 173  MET A CG  1 
ATOM   7   S SD  . MET A 1 5  ? 10.554  -4.256  12.723  1.00 57.23 ? 173  MET A SD  1 
ATOM   8   C CE  . MET A 1 5  ? 10.793  -5.663  13.873  1.00 56.14 ? 173  MET A CE  1 
ATOM   9   N N   A ARG A 1 6  ? 5.193   -4.885  12.529  0.50 36.06 ? 174  ARG A N   1 
ATOM   10  N N   B ARG A 1 6  ? 5.200   -4.890  12.534  0.50 35.48 ? 174  ARG A N   1 
ATOM   11  C CA  A ARG A 1 6  ? 3.846   -4.427  12.833  0.50 33.50 ? 174  ARG A CA  1 
ATOM   12  C CA  B ARG A 1 6  ? 3.850   -4.450  12.856  0.50 32.47 ? 174  ARG A CA  1 
ATOM   13  C C   A ARG A 1 6  ? 3.862   -3.205  13.735  0.50 31.81 ? 174  ARG A C   1 
ATOM   14  C C   B ARG A 1 6  ? 3.862   -3.208  13.741  0.50 31.17 ? 174  ARG A C   1 
ATOM   15  O O   A ARG A 1 6  ? 4.848   -2.912  14.389  0.50 30.94 ? 174  ARG A O   1 
ATOM   16  O O   B ARG A 1 6  ? 4.851   -2.904  14.388  0.50 30.35 ? 174  ARG A O   1 
ATOM   17  C CB  A ARG A 1 6  ? 3.031   -5.535  13.509  0.50 33.86 ? 174  ARG A CB  1 
ATOM   18  C CB  B ARG A 1 6  ? 3.092   -5.567  13.583  0.50 31.62 ? 174  ARG A CB  1 
ATOM   19  C CG  A ARG A 1 6  ? 2.771   -6.735  12.624  0.50 33.97 ? 174  ARG A CG  1 
ATOM   20  C CG  B ARG A 1 6  ? 2.954   -6.869  12.814  0.50 29.92 ? 174  ARG A CG  1 
ATOM   21  C CD  A ARG A 1 6  ? 1.943   -7.779  13.348  0.50 35.28 ? 174  ARG A CD  1 
ATOM   22  C CD  B ARG A 1 6  ? 2.221   -7.895  13.664  0.50 29.84 ? 174  ARG A CD  1 
ATOM   23  N NE  A ARG A 1 6  ? 2.486   -9.113  13.113  0.50 35.97 ? 174  ARG A NE  1 
ATOM   24  N NE  B ARG A 1 6  ? 3.010   -8.338  14.814  0.50 27.79 ? 174  ARG A NE  1 
ATOM   25  C CZ  A ARG A 1 6  ? 2.571   -9.691  11.922  0.50 35.99 ? 174  ARG A CZ  1 
ATOM   26  C CZ  B ARG A 1 6  ? 3.884   -9.342  14.778  0.50 28.14 ? 174  ARG A CZ  1 
ATOM   27  N NH1 A ARG A 1 6  ? 2.143   -9.059  10.847  0.50 37.72 ? 174  ARG A NH1 1 
ATOM   28  N NH1 B ARG A 1 6  ? 4.080   -10.015 13.649  0.50 28.77 ? 174  ARG A NH1 1 
ATOM   29  N NH2 A ARG A 1 6  ? 3.110   -10.891 11.804  0.50 36.92 ? 174  ARG A NH2 1 
ATOM   30  N NH2 B ARG A 1 6  ? 4.563   -9.677  15.865  0.50 27.60 ? 174  ARG A NH2 1 
ATOM   31  N N   . ALA A 1 7  ? 2.738   -2.501  13.770  1.00 30.07 ? 175  ALA A N   1 
ATOM   32  C CA  . ALA A 1 7  ? 2.603   -1.300  14.587  1.00 29.43 ? 175  ALA A CA  1 
ATOM   33  C C   . ALA A 1 7  ? 1.244   -1.279  15.258  1.00 26.95 ? 175  ALA A C   1 
ATOM   34  O O   . ALA A 1 7  ? 0.246   -1.639  14.643  1.00 25.80 ? 175  ALA A O   1 
ATOM   35  C CB  . ALA A 1 7  ? 2.764   -0.040  13.719  1.00 27.77 ? 175  ALA A CB  1 
ATOM   36  N N   . GLU A 1 8  ? 1.208   -0.873  16.523  1.00 24.91 ? 176  GLU A N   1 
ATOM   37  C CA  . GLU A 1 8  ? -0.054  -0.786  17.235  1.00 24.87 ? 176  GLU A CA  1 
ATOM   38  C C   . GLU A 1 8  ? -0.495  0.690   17.216  1.00 24.68 ? 176  GLU A C   1 
ATOM   39  O O   . GLU A 1 8  ? 0.252   1.570   17.625  1.00 25.48 ? 176  GLU A O   1 
ATOM   40  C CB  . GLU A 1 8  ? 0.099   -1.285  18.685  1.00 26.05 ? 176  GLU A CB  1 
ATOM   41  C CG  . GLU A 1 8  ? -1.226  -1.345  19.466  1.00 27.73 ? 176  GLU A CG  1 
ATOM   42  C CD  . GLU A 1 8  ? -1.081  -1.922  20.878  1.00 30.06 ? 176  GLU A CD  1 
ATOM   43  O OE1 . GLU A 1 8  ? 0.058   -2.176  21.313  1.00 34.06 ? 176  GLU A OE1 1 
ATOM   44  O OE2 . GLU A 1 8  ? -2.110  -2.113  21.562  1.00 34.66 ? 176  GLU A OE2 1 
ATOM   45  N N   . ALA A 1 9  ? -1.703  0.959   16.732  1.00 23.26 ? 177  ALA A N   1 
ATOM   46  C CA  . ALA A 1 9  ? -2.198  2.331   16.672  1.00 25.25 ? 177  ALA A CA  1 
ATOM   47  C C   . ALA A 1 9  ? -2.393  2.906   18.087  1.00 25.24 ? 177  ALA A C   1 
ATOM   48  O O   . ALA A 1 9  ? -2.956  2.247   18.960  1.00 23.30 ? 177  ALA A O   1 
ATOM   49  C CB  . ALA A 1 9  ? -3.519  2.380   15.894  1.00 22.19 ? 177  ALA A CB  1 
ATOM   50  N N   . LEU A 1 10 ? -1.918  4.131   18.301  1.00 28.71 ? 178  LEU A N   1 
ATOM   51  C CA  . LEU A 1 10 ? -2.046  4.800   19.601  1.00 29.44 ? 178  LEU A CA  1 
ATOM   52  C C   . LEU A 1 10 ? -3.242  5.738   19.600  1.00 29.67 ? 178  LEU A C   1 
ATOM   53  O O   . LEU A 1 10 ? -3.892  5.949   20.630  1.00 29.69 ? 178  LEU A O   1 
ATOM   54  C CB  . LEU A 1 10 ? -0.778  5.589   19.917  1.00 29.31 ? 178  LEU A CB  1 
ATOM   55  C CG  . LEU A 1 10 ? 0.438   4.702   20.169  1.00 29.43 ? 178  LEU A CG  1 
ATOM   56  C CD1 . LEU A 1 10 ? 1.699   5.536   20.305  1.00 29.73 ? 178  LEU A CD1 1 
ATOM   57  C CD2 . LEU A 1 10 ? 0.178   3.876   21.428  1.00 31.90 ? 178  LEU A CD2 1 
ATOM   58  N N   . PHE A 1 11 ? -3.529  6.286   18.426  1.00 29.13 ? 179  PHE A N   1 
ATOM   59  C CA  . PHE A 1 11 ? -4.639  7.197   18.243  1.00 28.94 ? 179  PHE A CA  1 
ATOM   60  C C   . PHE A 1 11 ? -5.427  6.762   17.027  1.00 30.64 ? 179  PHE A C   1 
ATOM   61  O O   . PHE A 1 11 ? -4.923  6.009   16.185  1.00 30.07 ? 179  PHE A O   1 
ATOM   62  C CB  . PHE A 1 11 ? -4.115  8.618   18.012  1.00 28.82 ? 179  PHE A CB  1 
ATOM   63  C CG  . PHE A 1 11 ? -3.194  9.109   19.087  1.00 27.13 ? 179  PHE A CG  1 
ATOM   64  C CD1 . PHE A 1 11 ? -3.700  9.645   20.267  1.00 28.31 ? 179  PHE A CD1 1 
ATOM   65  C CD2 . PHE A 1 11 ? -1.819  8.980   18.943  1.00 26.03 ? 179  PHE A CD2 1 
ATOM   66  C CE1 . PHE A 1 11 ? -2.841  10.044  21.292  1.00 26.10 ? 179  PHE A CE1 1 
ATOM   67  C CE2 . PHE A 1 11 ? -0.956  9.376   19.961  1.00 28.79 ? 179  PHE A CE2 1 
ATOM   68  C CZ  . PHE A 1 11 ? -1.467  9.905   21.139  1.00 25.84 ? 179  PHE A CZ  1 
ATOM   69  N N   . ASP A 1 12 ? -6.670  7.221   16.939  1.00 30.78 ? 180  ASP A N   1 
ATOM   70  C CA  . ASP A 1 12 ? -7.492  6.904   15.787  1.00 33.89 ? 180  ASP A CA  1 
ATOM   71  C C   . ASP A 1 12 ? -6.956  7.760   14.653  1.00 33.77 ? 180  ASP A C   1 
ATOM   72  O O   . ASP A 1 12 ? -6.512  8.891   14.881  1.00 33.85 ? 180  ASP A O   1 
ATOM   73  C CB  . ASP A 1 12 ? -8.954  7.277   16.035  1.00 36.02 ? 180  ASP A CB  1 
ATOM   74  C CG  . ASP A 1 12 ? -9.612  6.393   17.068  1.00 37.34 ? 180  ASP A CG  1 
ATOM   75  O OD1 . ASP A 1 12 ? -8.904  5.551   17.662  1.00 38.58 ? 180  ASP A OD1 1 
ATOM   76  O OD2 . ASP A 1 12 ? -10.837 6.538   17.281  1.00 35.95 ? 180  ASP A OD2 1 
ATOM   77  N N   . PHE A 1 13 ? -6.964  7.222   13.440  1.00 33.00 ? 181  PHE A N   1 
ATOM   78  C CA  . PHE A 1 13 ? -6.521  7.999   12.292  1.00 31.70 ? 181  PHE A CA  1 
ATOM   79  C C   . PHE A 1 13 ? -7.578  7.861   11.215  1.00 34.24 ? 181  PHE A C   1 
ATOM   80  O O   . PHE A 1 13 ? -7.807  6.777   10.676  1.00 34.03 ? 181  PHE A O   1 
ATOM   81  C CB  . PHE A 1 13 ? -5.175  7.525   11.737  1.00 28.36 ? 181  PHE A CB  1 
ATOM   82  C CG  . PHE A 1 13 ? -4.728  8.300   10.515  1.00 24.95 ? 181  PHE A CG  1 
ATOM   83  C CD1 . PHE A 1 13 ? -4.493  9.672   10.596  1.00 22.31 ? 181  PHE A CD1 1 
ATOM   84  C CD2 . PHE A 1 13 ? -4.598  7.675   9.276   1.00 22.84 ? 181  PHE A CD2 1 
ATOM   85  C CE1 . PHE A 1 13 ? -4.140  10.408  9.468   1.00 23.15 ? 181  PHE A CE1 1 
ATOM   86  C CE2 . PHE A 1 13 ? -4.244  8.403   8.134   1.00 20.44 ? 181  PHE A CE2 1 
ATOM   87  C CZ  . PHE A 1 13 ? -4.014  9.772   8.226   1.00 23.66 ? 181  PHE A CZ  1 
ATOM   88  N N   . THR A 1 14 ? -8.245  8.972   10.935  1.00 36.10 ? 182  THR A N   1 
ATOM   89  C CA  . THR A 1 14 ? -9.278  9.009   9.919   1.00 38.37 ? 182  THR A CA  1 
ATOM   90  C C   . THR A 1 14 ? -8.692  9.811   8.774   1.00 39.31 ? 182  THR A C   1 
ATOM   91  O O   . THR A 1 14 ? -8.450  11.016  8.902   1.00 39.20 ? 182  THR A O   1 
ATOM   92  C CB  . THR A 1 14 ? -10.553 9.709   10.433  1.00 38.78 ? 182  THR A CB  1 
ATOM   93  O OG1 . THR A 1 14 ? -11.092 8.969   11.538  1.00 41.12 ? 182  THR A OG1 1 
ATOM   94  C CG2 . THR A 1 14 ? -11.595 9.796   9.320   1.00 39.08 ? 182  THR A CG2 1 
ATOM   95  N N   . GLY A 1 15 ? -8.431  9.130   7.670   1.00 39.95 ? 183  GLY A N   1 
ATOM   96  C CA  . GLY A 1 15 ? -7.867  9.807   6.525   1.00 41.58 ? 183  GLY A CA  1 
ATOM   97  C C   . GLY A 1 15 ? -8.980  10.392  5.691   1.00 42.75 ? 183  GLY A C   1 
ATOM   98  O O   . GLY A 1 15 ? -10.133 9.975   5.789   1.00 43.20 ? 183  GLY A O   1 
ATOM   99  N N   . ASN A 1 16 ? -8.634  11.365  4.864   1.00 43.53 ? 184  ASN A N   1 
ATOM   100 C CA  . ASN A 1 16 ? -9.617  12.000  4.008   1.00 43.79 ? 184  ASN A CA  1 
ATOM   101 C C   . ASN A 1 16 ? -9.723  11.214  2.703   1.00 42.18 ? 184  ASN A C   1 
ATOM   102 O O   . ASN A 1 16 ? -10.820 10.991  2.183   1.00 44.50 ? 184  ASN A O   1 
ATOM   103 C CB  . ASN A 1 16 ? -9.189  13.439  3.723   1.00 44.87 ? 184  ASN A CB  1 
ATOM   104 C CG  . ASN A 1 16 ? -8.774  14.176  4.981   1.00 46.81 ? 184  ASN A CG  1 
ATOM   105 O OD1 . ASN A 1 16 ? -7.656  14.694  5.070   1.00 48.48 ? 184  ASN A OD1 1 
ATOM   106 N ND2 . ASN A 1 16 ? -9.668  14.223  5.965   1.00 45.58 ? 184  ASN A ND2 1 
ATOM   107 N N   . SER A 1 17 ? -8.573  10.776  2.197   1.00 37.86 ? 185  SER A N   1 
ATOM   108 C CA  . SER A 1 17 ? -8.494  10.035  0.942   1.00 33.57 ? 185  SER A CA  1 
ATOM   109 C C   . SER A 1 17 ? -8.503  8.519   1.123   1.00 31.88 ? 185  SER A C   1 
ATOM   110 O O   . SER A 1 17 ? -8.123  8.007   2.179   1.00 29.56 ? 185  SER A O   1 
ATOM   111 C CB  . SER A 1 17 ? -7.215  10.444  0.213   1.00 33.39 ? 185  SER A CB  1 
ATOM   112 O OG  . SER A 1 17 ? -6.931  9.554   -0.851  1.00 34.95 ? 185  SER A OG  1 
ATOM   113 N N   . LYS A 1 18 ? -8.934  7.799   0.089   1.00 29.52 ? 186  LYS A N   1 
ATOM   114 C CA  . LYS A 1 18 ? -8.937  6.345   0.154   1.00 29.56 ? 186  LYS A CA  1 
ATOM   115 C C   . LYS A 1 18 ? -7.482  5.848   0.091   1.00 26.13 ? 186  LYS A C   1 
ATOM   116 O O   . LYS A 1 18 ? -7.208  4.670   0.303   1.00 27.98 ? 186  LYS A O   1 
ATOM   117 C CB  . LYS A 1 18 ? -9.774  5.734   -0.990  1.00 32.75 ? 186  LYS A CB  1 
ATOM   118 C CG  . LYS A 1 18 ? -9.294  6.071   -2.399  1.00 38.81 ? 186  LYS A CG  1 
ATOM   119 C CD  . LYS A 1 18 ? -9.910  5.124   -3.448  1.00 41.10 ? 186  LYS A CD  1 
ATOM   120 C CE  . LYS A 1 18 ? -9.491  3.671   -3.203  1.00 43.63 ? 186  LYS A CE  1 
ATOM   121 N NZ  . LYS A 1 18 ? -10.140 2.697   -4.132  1.00 43.32 ? 186  LYS A NZ  1 
ATOM   122 N N   . LEU A 1 19 ? -6.550  6.758   -0.183  1.00 24.20 ? 187  LEU A N   1 
ATOM   123 C CA  . LEU A 1 19 ? -5.126  6.407   -0.222  1.00 23.32 ? 187  LEU A CA  1 
ATOM   124 C C   . LEU A 1 19 ? -4.574  6.335   1.198   1.00 23.17 ? 187  LEU A C   1 
ATOM   125 O O   . LEU A 1 19 ? -3.549  5.702   1.430   1.00 24.45 ? 187  LEU A O   1 
ATOM   126 C CB  . LEU A 1 19 ? -4.317  7.431   -1.033  1.00 21.78 ? 187  LEU A CB  1 
ATOM   127 C CG  . LEU A 1 19 ? -4.564  7.436   -2.551  1.00 25.66 ? 187  LEU A CG  1 
ATOM   128 C CD1 . LEU A 1 19 ? -3.636  8.443   -3.218  1.00 23.65 ? 187  LEU A CD1 1 
ATOM   129 C CD2 . LEU A 1 19 ? -4.334  6.029   -3.126  1.00 23.90 ? 187  LEU A CD2 1 
ATOM   130 N N   . GLU A 1 20 ? -5.245  6.998   2.139   1.00 21.71 ? 188  GLU A N   1 
ATOM   131 C CA  . GLU A 1 20 ? -4.823  6.979   3.537   1.00 22.85 ? 188  GLU A CA  1 
ATOM   132 C C   . GLU A 1 20 ? -5.487  5.826   4.280   1.00 22.36 ? 188  GLU A C   1 
ATOM   133 O O   . GLU A 1 20 ? -6.661  5.514   4.068   1.00 23.67 ? 188  GLU A O   1 
ATOM   134 C CB  . GLU A 1 20 ? -5.133  8.328   4.212   1.00 24.04 ? 188  GLU A CB  1 
ATOM   135 C CG  . GLU A 1 20 ? -4.230  9.445   3.701   1.00 26.51 ? 188  GLU A CG  1 
ATOM   136 C CD  . GLU A 1 20 ? -4.692  10.837  4.110   1.00 31.73 ? 188  GLU A CD  1 
ATOM   137 O OE1 . GLU A 1 20 ? -5.917  11.073  4.168   1.00 34.98 ? 188  GLU A OE1 1 
ATOM   138 O OE2 . GLU A 1 20 ? -3.825  11.705  4.338   1.00 34.25 ? 188  GLU A OE2 1 
ATOM   139 N N   . LEU A 1 21 ? -4.718  5.182   5.142   1.00 22.92 ? 189  LEU A N   1 
ATOM   140 C CA  . LEU A 1 21 ? -5.195  4.033   5.896   1.00 24.09 ? 189  LEU A CA  1 
ATOM   141 C C   . LEU A 1 21 ? -5.931  4.423   7.155   1.00 25.51 ? 189  LEU A C   1 
ATOM   142 O O   . LEU A 1 21 ? -5.353  5.056   8.034   1.00 26.87 ? 189  LEU A O   1 
ATOM   143 C CB  . LEU A 1 21 ? -4.020  3.136   6.277   1.00 24.14 ? 189  LEU A CB  1 
ATOM   144 C CG  . LEU A 1 21 ? -4.398  1.897   7.084   1.00 22.37 ? 189  LEU A CG  1 
ATOM   145 C CD1 . LEU A 1 21 ? -5.206  0.973   6.180   1.00 23.92 ? 189  LEU A CD1 1 
ATOM   146 C CD2 . LEU A 1 21 ? -3.135  1.203   7.610   1.00 21.24 ? 189  LEU A CD2 1 
ATOM   147 N N   . ASN A 1 22 ? -7.202  4.034   7.238   1.00 25.64 ? 190  ASN A N   1 
ATOM   148 C CA  . ASN A 1 22 ? -8.026  4.331   8.401   1.00 27.46 ? 190  ASN A CA  1 
ATOM   149 C C   . ASN A 1 22 ? -7.840  3.273   9.488   1.00 27.08 ? 190  ASN A C   1 
ATOM   150 O O   . ASN A 1 22 ? -7.731  2.078   9.202   1.00 25.07 ? 190  ASN A O   1 
ATOM   151 C CB  . ASN A 1 22 ? -9.507  4.379   8.003   1.00 29.47 ? 190  ASN A CB  1 
ATOM   152 C CG  . ASN A 1 22 ? -9.912  5.703   7.383   1.00 31.38 ? 190  ASN A CG  1 
ATOM   153 O OD1 . ASN A 1 22 ? -9.084  6.433   6.836   1.00 35.17 ? 190  ASN A OD1 1 
ATOM   154 N ND2 . ASN A 1 22 ? -11.201 6.011   7.454   1.00 33.79 ? 190  ASN A ND2 1 
ATOM   155 N N   . PHE A 1 23 ? -7.790  3.712   10.739  1.00 26.70 ? 191  PHE A N   1 
ATOM   156 C CA  . PHE A 1 23 ? -7.661  2.768   11.831  1.00 26.27 ? 191  PHE A CA  1 
ATOM   157 C C   . PHE A 1 23 ? -8.019  3.400   13.151  1.00 25.88 ? 191  PHE A C   1 
ATOM   158 O O   . PHE A 1 23 ? -8.150  4.614   13.250  1.00 25.41 ? 191  PHE A O   1 
ATOM   159 C CB  . PHE A 1 23 ? -6.244  2.152   11.869  1.00 27.07 ? 191  PHE A CB  1 
ATOM   160 C CG  . PHE A 1 23 ? -5.117  3.150   12.003  1.00 26.79 ? 191  PHE A CG  1 
ATOM   161 C CD1 . PHE A 1 23 ? -4.809  3.719   13.233  1.00 27.54 ? 191  PHE A CD1 1 
ATOM   162 C CD2 . PHE A 1 23 ? -4.328  3.476   10.901  1.00 27.88 ? 191  PHE A CD2 1 
ATOM   163 C CE1 . PHE A 1 23 ? -3.722  4.592   13.368  1.00 26.58 ? 191  PHE A CE1 1 
ATOM   164 C CE2 . PHE A 1 23 ? -3.248  4.344   11.020  1.00 27.27 ? 191  PHE A CE2 1 
ATOM   165 C CZ  . PHE A 1 23 ? -2.941  4.904   12.256  1.00 28.24 ? 191  PHE A CZ  1 
ATOM   166 N N   . LYS A 1 24 ? -8.203  2.562   14.161  1.00 27.20 ? 192  LYS A N   1 
ATOM   167 C CA  . LYS A 1 24 ? -8.554  3.043   15.493  1.00 29.05 ? 192  LYS A CA  1 
ATOM   168 C C   . LYS A 1 24 ? -7.460  2.659   16.472  1.00 28.37 ? 192  LYS A C   1 
ATOM   169 O O   . LYS A 1 24 ? -6.725  1.694   16.242  1.00 27.56 ? 192  LYS A O   1 
ATOM   170 C CB  . LYS A 1 24 ? -9.873  2.422   15.956  1.00 31.26 ? 192  LYS A CB  1 
ATOM   171 C CG  . LYS A 1 24 ? -11.089 2.801   15.121  1.00 34.48 ? 192  LYS A CG  1 
ATOM   172 C CD  . LYS A 1 24 ? -12.273 1.921   15.498  1.00 38.54 ? 192  LYS A CD  1 
ATOM   173 C CE  . LYS A 1 24 ? -13.457 2.135   14.563  1.00 41.42 ? 192  LYS A CE  1 
ATOM   174 N NZ  . LYS A 1 24 ? -14.560 1.159   14.824  1.00 43.35 ? 192  LYS A NZ  1 
ATOM   175 N N   . ALA A 1 25 ? -7.357  3.409   17.565  1.00 26.57 ? 193  ALA A N   1 
ATOM   176 C CA  . ALA A 1 25 ? -6.355  3.124   18.584  1.00 27.29 ? 193  ALA A CA  1 
ATOM   177 C C   . ALA A 1 25 ? -6.487  1.660   18.991  1.00 25.15 ? 193  ALA A C   1 
ATOM   178 O O   . ALA A 1 25 ? -7.593  1.156   19.164  1.00 26.13 ? 193  ALA A O   1 
ATOM   179 C CB  . ALA A 1 25 ? -6.565  4.039   19.803  1.00 28.13 ? 193  ALA A CB  1 
ATOM   180 N N   . GLY A 1 26 ? -5.360  0.975   19.139  1.00 25.36 ? 194  GLY A N   1 
ATOM   181 C CA  . GLY A 1 26 ? -5.414  -0.425  19.515  1.00 24.32 ? 194  GLY A CA  1 
ATOM   182 C C   . GLY A 1 26 ? -5.321  -1.392  18.347  1.00 24.68 ? 194  GLY A C   1 
ATOM   183 O O   . GLY A 1 26 ? -5.038  -2.573  18.548  1.00 22.65 ? 194  GLY A O   1 
ATOM   184 N N   . ASP A 1 27 ? -5.576  -0.917  17.127  1.00 25.13 ? 195  ASP A N   1 
ATOM   185 C CA  . ASP A 1 27 ? -5.479  -1.788  15.954  1.00 21.71 ? 195  ASP A CA  1 
ATOM   186 C C   . ASP A 1 27 ? -4.018  -2.115  15.758  1.00 21.55 ? 195  ASP A C   1 
ATOM   187 O O   . ASP A 1 27 ? -3.160  -1.307  16.103  1.00 19.93 ? 195  ASP A O   1 
ATOM   188 C CB  . ASP A 1 27 ? -5.964  -1.088  14.677  1.00 24.43 ? 195  ASP A CB  1 
ATOM   189 C CG  . ASP A 1 27 ? -7.472  -1.082  14.540  1.00 26.61 ? 195  ASP A CG  1 
ATOM   190 O OD1 . ASP A 1 27 ? -8.145  -1.896  15.208  1.00 30.21 ? 195  ASP A OD1 1 
ATOM   191 O OD2 . ASP A 1 27 ? -7.978  -0.275  13.738  1.00 28.32 ? 195  ASP A OD2 1 
ATOM   192 N N   . VAL A 1 28 ? -3.727  -3.299  15.214  1.00 20.90 ? 196  VAL A N   1 
ATOM   193 C CA  . VAL A 1 28 ? -2.348  -3.664  14.931  1.00 21.20 ? 196  VAL A CA  1 
ATOM   194 C C   . VAL A 1 28 ? -2.234  -3.672  13.415  1.00 23.32 ? 196  VAL A C   1 
ATOM   195 O O   . VAL A 1 28 ? -2.956  -4.393  12.724  1.00 22.57 ? 196  VAL A O   1 
ATOM   196 C CB  . VAL A 1 28 ? -1.972  -5.033  15.512  1.00 22.20 ? 196  VAL A CB  1 
ATOM   197 C CG1 . VAL A 1 28 ? -0.534  -5.385  15.133  1.00 21.34 ? 196  VAL A CG1 1 
ATOM   198 C CG2 . VAL A 1 28 ? -2.096  -4.991  17.042  1.00 24.19 ? 196  VAL A CG2 1 
ATOM   199 N N   . ILE A 1 29 ? -1.329  -2.844  12.907  1.00 21.65 ? 197  ILE A N   1 
ATOM   200 C CA  . ILE A 1 29 ? -1.134  -2.682  11.478  1.00 23.76 ? 197  ILE A CA  1 
ATOM   201 C C   . ILE A 1 29 ? 0.019   -3.519  10.942  1.00 26.94 ? 197  ILE A C   1 
ATOM   202 O O   . ILE A 1 29 ? 1.102   -3.577  11.539  1.00 25.22 ? 197  ILE A O   1 
ATOM   203 C CB  . ILE A 1 29 ? -0.863  -1.192  11.143  1.00 18.71 ? 197  ILE A CB  1 
ATOM   204 C CG1 . ILE A 1 29 ? -1.985  -0.322  11.732  1.00 19.80 ? 197  ILE A CG1 1 
ATOM   205 C CG2 . ILE A 1 29 ? -0.807  -0.984  9.643   1.00 16.41 ? 197  ILE A CG2 1 
ATOM   206 C CD1 . ILE A 1 29 ? -1.592  1.112   11.979  1.00 15.73 ? 197  ILE A CD1 1 
ATOM   207 N N   . PHE A 1 30 ? -0.232  -4.166  9.809   1.00 29.65 ? 198  PHE A N   1 
ATOM   208 C CA  . PHE A 1 30 ? 0.769   -4.983  9.127   1.00 34.19 ? 198  PHE A CA  1 
ATOM   209 C C   . PHE A 1 30 ? 1.486   -4.007  8.189   1.00 35.02 ? 198  PHE A C   1 
ATOM   210 O O   . PHE A 1 30 ? 0.922   -3.553  7.193   1.00 35.20 ? 198  PHE A O   1 
ATOM   211 C CB  . PHE A 1 30 ? 0.071   -6.102  8.342   1.00 35.22 ? 198  PHE A CB  1 
ATOM   212 C CG  . PHE A 1 30 ? 0.979   -6.857  7.418   1.00 41.90 ? 198  PHE A CG  1 
ATOM   213 C CD1 . PHE A 1 30 ? 2.098   -7.529  7.912   1.00 43.62 ? 198  PHE A CD1 1 
ATOM   214 C CD2 . PHE A 1 30 ? 0.730   -6.883  6.047   1.00 42.82 ? 198  PHE A CD2 1 
ATOM   215 C CE1 . PHE A 1 30 ? 2.954   -8.219  7.050   1.00 43.74 ? 198  PHE A CE1 1 
ATOM   216 C CE2 . PHE A 1 30 ? 1.579   -7.568  5.181   1.00 45.23 ? 198  PHE A CE2 1 
ATOM   217 C CZ  . PHE A 1 30 ? 2.696   -8.236  5.680   1.00 44.92 ? 198  PHE A CZ  1 
ATOM   218 N N   . LEU A 1 31 ? 2.726   -3.667  8.523   1.00 37.86 ? 199  LEU A N   1 
ATOM   219 C CA  . LEU A 1 31 ? 3.492   -2.703  7.729   1.00 39.44 ? 199  LEU A CA  1 
ATOM   220 C C   . LEU A 1 31 ? 3.960   -3.230  6.392   1.00 41.51 ? 199  LEU A C   1 
ATOM   221 O O   . LEU A 1 31 ? 4.292   -4.404  6.248   1.00 42.25 ? 199  LEU A O   1 
ATOM   222 C CB  . LEU A 1 31 ? 4.700   -2.186  8.524   1.00 37.35 ? 199  LEU A CB  1 
ATOM   223 C CG  . LEU A 1 31 ? 4.324   -1.514  9.847   1.00 36.36 ? 199  LEU A CG  1 
ATOM   224 C CD1 . LEU A 1 31 ? 5.569   -1.005  10.570  1.00 36.60 ? 199  LEU A CD1 1 
ATOM   225 C CD2 . LEU A 1 31 ? 3.365   -0.382  9.557   1.00 35.82 ? 199  LEU A CD2 1 
ATOM   226 N N   . LEU A 1 32 ? 3.975   -2.338  5.408   1.00 43.68 ? 200  LEU A N   1 
ATOM   227 C CA  . LEU A 1 32 ? 4.404   -2.678  4.055   1.00 45.88 ? 200  LEU A CA  1 
ATOM   228 C C   . LEU A 1 32 ? 5.720   -1.970  3.703   1.00 46.12 ? 200  LEU A C   1 
ATOM   229 O O   . LEU A 1 32 ? 6.553   -2.530  2.992   1.00 46.89 ? 200  LEU A O   1 
ATOM   230 C CB  . LEU A 1 32 ? 3.307   -2.301  3.053   1.00 46.15 ? 200  LEU A CB  1 
ATOM   231 C CG  . LEU A 1 32 ? 2.056   -3.192  3.135   1.00 48.06 ? 200  LEU A CG  1 
ATOM   232 C CD1 . LEU A 1 32 ? 0.849   -2.501  2.520   1.00 47.33 ? 200  LEU A CD1 1 
ATOM   233 C CD2 . LEU A 1 32 ? 2.349   -4.510  2.436   1.00 49.47 ? 200  LEU A CD2 1 
ATOM   234 N N   . SER A 1 33 ? 5.906   -0.751  4.216   1.00 45.58 ? 201  SER A N   1 
ATOM   235 C CA  . SER A 1 33 ? 7.123   0.020   3.968   1.00 43.91 ? 201  SER A CA  1 
ATOM   236 C C   . SER A 1 33 ? 7.002   1.481   4.392   1.00 43.32 ? 201  SER A C   1 
ATOM   237 O O   . SER A 1 33 ? 5.912   1.981   4.687   1.00 40.90 ? 201  SER A O   1 
ATOM   238 C CB  . SER A 1 33 ? 7.496   -0.026  2.482   1.00 45.44 ? 201  SER A CB  1 
ATOM   239 O OG  . SER A 1 33 ? 6.483   0.565   1.688   1.00 45.57 ? 201  SER A OG  1 
ATOM   240 N N   . ARG A 1 34 ? 8.139   2.164   4.437   1.00 42.38 ? 202  ARG A N   1 
ATOM   241 C CA  . ARG A 1 34 ? 8.157   3.583   4.771   1.00 42.47 ? 202  ARG A CA  1 
ATOM   242 C C   . ARG A 1 34 ? 8.021   4.316   3.446   1.00 40.27 ? 202  ARG A C   1 
ATOM   243 O O   . ARG A 1 34 ? 8.728   3.989   2.504   1.00 41.66 ? 202  ARG A O   1 
ATOM   244 C CB  . ARG A 1 34 ? 9.496   3.985   5.396   1.00 43.64 ? 202  ARG A CB  1 
ATOM   245 C CG  . ARG A 1 34 ? 9.622   3.776   6.888   1.00 47.62 ? 202  ARG A CG  1 
ATOM   246 C CD  . ARG A 1 34 ? 10.770  4.625   7.426   1.00 50.78 ? 202  ARG A CD  1 
ATOM   247 N NE  . ARG A 1 34 ? 11.006  4.453   8.862   1.00 53.28 ? 202  ARG A NE  1 
ATOM   248 C CZ  . ARG A 1 34 ? 11.525  3.359   9.414   1.00 54.20 ? 202  ARG A CZ  1 
ATOM   249 N NH1 . ARG A 1 34 ? 11.864  2.318   8.657   1.00 54.17 ? 202  ARG A NH1 1 
ATOM   250 N NH2 . ARG A 1 34 ? 11.724  3.311   10.724  1.00 55.32 ? 202  ARG A NH2 1 
ATOM   251 N N   . ILE A 1 35 ? 7.117   5.284   3.356   1.00 39.21 ? 203  ILE A N   1 
ATOM   252 C CA  . ILE A 1 35 ? 6.978   6.046   2.120   1.00 37.76 ? 203  ILE A CA  1 
ATOM   253 C C   . ILE A 1 35 ? 7.840   7.308   2.207   1.00 35.52 ? 203  ILE A C   1 
ATOM   254 O O   . ILE A 1 35 ? 8.241   7.881   1.195   1.00 34.20 ? 203  ILE A O   1 
ATOM   255 C CB  . ILE A 1 35 ? 5.497   6.408   1.837   1.00 39.92 ? 203  ILE A CB  1 
ATOM   256 C CG1 . ILE A 1 35 ? 4.911   7.211   2.991   1.00 42.45 ? 203  ILE A CG1 1 
ATOM   257 C CG2 . ILE A 1 35 ? 4.684   5.147   1.659   1.00 40.95 ? 203  ILE A CG2 1 
ATOM   258 C CD1 . ILE A 1 35 ? 3.541   7.785   2.678   1.00 44.01 ? 203  ILE A CD1 1 
ATOM   259 N N   . ASN A 1 36 ? 8.114   7.731   3.436   1.00 34.14 ? 204  ASN A N   1 
ATOM   260 C CA  . ASN A 1 36 ? 8.975   8.881   3.711   1.00 33.55 ? 204  ASN A CA  1 
ATOM   261 C C   . ASN A 1 36 ? 9.219   8.854   5.226   1.00 35.01 ? 204  ASN A C   1 
ATOM   262 O O   . ASN A 1 36 ? 8.652   8.007   5.917   1.00 35.97 ? 204  ASN A O   1 
ATOM   263 C CB  . ASN A 1 36 ? 8.346   10.207  3.218   1.00 30.32 ? 204  ASN A CB  1 
ATOM   264 C CG  . ASN A 1 36 ? 7.081   10.590  3.959   1.00 31.28 ? 204  ASN A CG  1 
ATOM   265 O OD1 . ASN A 1 36 ? 7.097   10.773  5.178   1.00 31.07 ? 204  ASN A OD1 1 
ATOM   266 N ND2 . ASN A 1 36 ? 5.974   10.731  3.220   1.00 26.25 ? 204  ASN A ND2 1 
ATOM   267 N N   . LYS A 1 37 ? 10.063  9.743   5.743   1.00 35.58 ? 205  LYS A N   1 
ATOM   268 C CA  . LYS A 1 37 ? 10.394  9.765   7.176   1.00 33.84 ? 205  LYS A CA  1 
ATOM   269 C C   . LYS A 1 37 ? 9.214   9.813   8.147   1.00 32.13 ? 205  LYS A C   1 
ATOM   270 O O   . LYS A 1 37 ? 9.252   9.178   9.207   1.00 32.22 ? 205  LYS A O   1 
ATOM   271 C CB  . LYS A 1 37 ? 11.364  10.936  7.473   1.00 35.67 ? 205  LYS A CB  1 
ATOM   272 N N   . ASP A 1 38 ? 8.173   10.558  7.794   1.00 30.00 ? 206  ASP A N   1 
ATOM   273 C CA  . ASP A 1 38 ? 7.001   10.692  8.658   1.00 30.31 ? 206  ASP A CA  1 
ATOM   274 C C   . ASP A 1 38 ? 5.799   9.790   8.321   1.00 28.62 ? 206  ASP A C   1 
ATOM   275 O O   . ASP A 1 38 ? 4.800   9.792   9.051   1.00 26.68 ? 206  ASP A O   1 
ATOM   276 C CB  . ASP A 1 38 ? 6.515   12.148  8.674   1.00 31.27 ? 206  ASP A CB  1 
ATOM   277 C CG  . ASP A 1 38 ? 7.537   13.117  9.272   1.00 34.73 ? 206  ASP A CG  1 
ATOM   278 O OD1 . ASP A 1 38 ? 8.074   12.831  10.365  1.00 34.88 ? 206  ASP A OD1 1 
ATOM   279 O OD2 . ASP A 1 38 ? 7.791   14.176  8.651   1.00 35.19 ? 206  ASP A OD2 1 
ATOM   280 N N   . TRP A 1 39 ? 5.878   9.021   7.236   1.00 28.99 ? 207  TRP A N   1 
ATOM   281 C CA  . TRP A 1 39 ? 4.749   8.179   6.850   1.00 27.83 ? 207  TRP A CA  1 
ATOM   282 C C   . TRP A 1 39 ? 5.055   6.732   6.474   1.00 28.15 ? 207  TRP A C   1 
ATOM   283 O O   . TRP A 1 39 ? 6.116   6.403   5.941   1.00 30.66 ? 207  TRP A O   1 
ATOM   284 C CB  . TRP A 1 39 ? 3.979   8.834   5.693   1.00 27.06 ? 207  TRP A CB  1 
ATOM   285 C CG  . TRP A 1 39 ? 3.326   10.135  6.038   1.00 23.79 ? 207  TRP A CG  1 
ATOM   286 C CD1 . TRP A 1 39 ? 3.948   11.317  6.332   1.00 23.09 ? 207  TRP A CD1 1 
ATOM   287 C CD2 . TRP A 1 39 ? 1.917   10.393  6.119   1.00 23.22 ? 207  TRP A CD2 1 
ATOM   288 N NE1 . TRP A 1 39 ? 3.007   12.296  6.595   1.00 24.02 ? 207  TRP A NE1 1 
ATOM   289 C CE2 . TRP A 1 39 ? 1.757   11.753  6.471   1.00 22.86 ? 207  TRP A CE2 1 
ATOM   290 C CE3 . TRP A 1 39 ? 0.776   9.607   5.921   1.00 22.22 ? 207  TRP A CE3 1 
ATOM   291 C CZ2 . TRP A 1 39 ? 0.499   12.340  6.634   1.00 24.06 ? 207  TRP A CZ2 1 
ATOM   292 C CZ3 . TRP A 1 39 ? -0.476  10.189  6.081   1.00 21.96 ? 207  TRP A CZ3 1 
ATOM   293 C CH2 . TRP A 1 39 ? -0.603  11.547  6.434   1.00 24.25 ? 207  TRP A CH2 1 
ATOM   294 N N   . LEU A 1 40 ? 4.081   5.876   6.730   1.00 28.00 ? 208  LEU A N   1 
ATOM   295 C CA  . LEU A 1 40 ? 4.198   4.454   6.448   1.00 28.13 ? 208  LEU A CA  1 
ATOM   296 C C   . LEU A 1 40 ? 3.042   3.977   5.605   1.00 27.63 ? 208  LEU A C   1 
ATOM   297 O O   . LEU A 1 40 ? 1.990   4.608   5.552   1.00 26.42 ? 208  LEU A O   1 
ATOM   298 C CB  . LEU A 1 40 ? 4.184   3.655   7.756   1.00 29.67 ? 208  LEU A CB  1 
ATOM   299 C CG  . LEU A 1 40 ? 5.503   3.270   8.430   1.00 31.68 ? 208  LEU A CG  1 
ATOM   300 C CD1 . LEU A 1 40 ? 6.445   4.446   8.441   1.00 33.33 ? 208  LEU A CD1 1 
ATOM   301 C CD2 . LEU A 1 40 ? 5.213   2.778   9.854   1.00 33.59 ? 208  LEU A CD2 1 
ATOM   302 N N   . GLU A 1 41 ? 3.260   2.846   4.951   1.00 27.19 ? 209  GLU A N   1 
ATOM   303 C CA  . GLU A 1 41 ? 2.248   2.197   4.141   1.00 27.74 ? 209  GLU A CA  1 
ATOM   304 C C   . GLU A 1 41 ? 1.982   0.922   4.934   1.00 25.25 ? 209  GLU A C   1 
ATOM   305 O O   . GLU A 1 41 ? 2.922   0.256   5.377   1.00 25.32 ? 209  GLU A O   1 
ATOM   306 C CB  . GLU A 1 41 ? 2.802   1.847   2.761   1.00 31.23 ? 209  GLU A CB  1 
ATOM   307 C CG  . GLU A 1 41 ? 1.738   1.266   1.844   1.00 37.93 ? 209  GLU A CG  1 
ATOM   308 C CD  . GLU A 1 41 ? 1.115   2.303   0.939   1.00 41.70 ? 209  GLU A CD  1 
ATOM   309 O OE1 . GLU A 1 41 ? 0.823   3.424   1.412   1.00 44.26 ? 209  GLU A OE1 1 
ATOM   310 O OE2 . GLU A 1 41 ? 0.903   1.992   -0.253  1.00 46.21 ? 209  GLU A OE2 1 
ATOM   311 N N   . GLY A 1 42 ? 0.715   0.588   5.142   1.00 21.71 ? 210  GLY A N   1 
ATOM   312 C CA  . GLY A 1 42 ? 0.406   -0.596  5.910   1.00 19.96 ? 210  GLY A CA  1 
ATOM   313 C C   . GLY A 1 42 ? -0.957  -1.151  5.582   1.00 21.05 ? 210  GLY A C   1 
ATOM   314 O O   . GLY A 1 42 ? -1.701  -0.557  4.806   1.00 19.09 ? 210  GLY A O   1 
ATOM   315 N N   . THR A 1 43 ? -1.278  -2.285  6.190   1.00 20.80 ? 211  THR A N   1 
ATOM   316 C CA  . THR A 1 43 ? -2.543  -2.963  5.967   1.00 23.27 ? 211  THR A CA  1 
ATOM   317 C C   . THR A 1 43 ? -3.242  -3.299  7.276   1.00 24.84 ? 211  THR A C   1 
ATOM   318 O O   . THR A 1 43 ? -2.618  -3.811  8.200   1.00 23.70 ? 211  THR A O   1 
ATOM   319 C CB  . THR A 1 43 ? -2.345  -4.313  5.224   1.00 22.17 ? 211  THR A CB  1 
ATOM   320 O OG1 . THR A 1 43 ? -1.838  -4.072  3.906   1.00 25.13 ? 211  THR A OG1 1 
ATOM   321 C CG2 . THR A 1 43 ? -3.646  -5.057  5.136   1.00 21.89 ? 211  THR A CG2 1 
ATOM   322 N N   . VAL A 1 44 ? -4.546  -3.024  7.331   1.00 25.88 ? 212  VAL A N   1 
ATOM   323 C CA  . VAL A 1 44 ? -5.374  -3.324  8.491   1.00 30.76 ? 212  VAL A CA  1 
ATOM   324 C C   . VAL A 1 44 ? -6.830  -3.124  8.072   1.00 34.52 ? 212  VAL A C   1 
ATOM   325 O O   . VAL A 1 44 ? -7.111  -2.393  7.118   1.00 35.11 ? 212  VAL A O   1 
ATOM   326 C CB  . VAL A 1 44 ? -5.050  -2.396  9.708   1.00 30.10 ? 212  VAL A CB  1 
ATOM   327 C CG1 . VAL A 1 44 ? -5.538  -0.984  9.453   1.00 32.20 ? 212  VAL A CG1 1 
ATOM   328 C CG2 . VAL A 1 44 ? -5.683  -2.958  10.969  1.00 30.23 ? 212  VAL A CG2 1 
ATOM   329 N N   . ARG A 1 45 ? -7.746  -3.782  8.781   1.00 36.79 ? 213  ARG A N   1 
ATOM   330 C CA  . ARG A 1 45 ? -9.182  -3.691  8.501   1.00 39.28 ? 213  ARG A CA  1 
ATOM   331 C C   . ARG A 1 45 ? -9.543  -3.953  7.037   1.00 39.59 ? 213  ARG A C   1 
ATOM   332 O O   . ARG A 1 45 ? -10.501 -3.372  6.514   1.00 41.35 ? 213  ARG A O   1 
ATOM   333 C CB  . ARG A 1 45 ? -9.727  -2.320  8.934   1.00 40.31 ? 213  ARG A CB  1 
ATOM   334 C CG  . ARG A 1 45 ? -9.786  -2.134  10.448  1.00 43.27 ? 213  ARG A CG  1 
ATOM   335 C CD  . ARG A 1 45 ? -10.057 -0.687  10.831  1.00 46.20 ? 213  ARG A CD  1 
ATOM   336 N NE  . ARG A 1 45 ? -10.063 -0.494  12.281  1.00 47.81 ? 213  ARG A NE  1 
ATOM   337 C CZ  . ARG A 1 45 ? -11.014 -0.941  13.098  1.00 50.56 ? 213  ARG A CZ  1 
ATOM   338 N NH1 . ARG A 1 45 ? -12.055 -1.609  12.615  1.00 52.64 ? 213  ARG A NH1 1 
ATOM   339 N NH2 . ARG A 1 45 ? -10.918 -0.731  14.407  1.00 52.26 ? 213  ARG A NH2 1 
ATOM   340 N N   . GLY A 1 46 ? -8.780  -4.831  6.387   1.00 39.05 ? 214  GLY A N   1 
ATOM   341 C CA  . GLY A 1 46 ? -9.056  -5.180  5.005   1.00 36.29 ? 214  GLY A CA  1 
ATOM   342 C C   . GLY A 1 46 ? -8.639  -4.139  3.986   1.00 35.09 ? 214  GLY A C   1 
ATOM   343 O O   . GLY A 1 46 ? -8.925  -4.271  2.795   1.00 37.11 ? 214  GLY A O   1 
ATOM   344 N N   . ALA A 1 47 ? -7.951  -3.102  4.433   1.00 32.37 ? 215  ALA A N   1 
ATOM   345 C CA  . ALA A 1 47 ? -7.523  -2.066  3.510   1.00 31.27 ? 215  ALA A CA  1 
ATOM   346 C C   . ALA A 1 47 ? -6.039  -1.767  3.641   1.00 30.16 ? 215  ALA A C   1 
ATOM   347 O O   . ALA A 1 47 ? -5.391  -2.155  4.614   1.00 26.55 ? 215  ALA A O   1 
ATOM   348 C CB  . ALA A 1 47 ? -8.328  -0.803  3.738   1.00 29.16 ? 215  ALA A CB  1 
ATOM   349 N N   . THR A 1 48 ? -5.514  -1.090  2.628   1.00 30.36 ? 216  THR A N   1 
ATOM   350 C CA  . THR A 1 48 ? -4.117  -0.693  2.596   1.00 30.41 ? 216  THR A CA  1 
ATOM   351 C C   . THR A 1 48 ? -4.077  0.810   2.355   1.00 28.57 ? 216  THR A C   1 
ATOM   352 O O   . THR A 1 48 ? -5.007  1.373   1.777   1.00 28.88 ? 216  THR A O   1 
ATOM   353 C CB  . THR A 1 48 ? -3.363  -1.416  1.472   1.00 31.56 ? 216  THR A CB  1 
ATOM   354 O OG1 . THR A 1 48 ? -3.487  -2.831  1.660   1.00 33.00 ? 216  THR A OG1 1 
ATOM   355 C CG2 . THR A 1 48 ? -1.893  -1.025  1.481   1.00 27.83 ? 216  THR A CG2 1 
ATOM   356 N N   . GLY A 1 49 ? -3.011  1.462   2.808   1.00 27.67 ? 217  GLY A N   1 
ATOM   357 C CA  . GLY A 1 49 ? -2.909  2.903   2.627   1.00 24.69 ? 217  GLY A CA  1 
ATOM   358 C C   . GLY A 1 49 ? -1.775  3.500   3.439   1.00 23.57 ? 217  GLY A C   1 
ATOM   359 O O   . GLY A 1 49 ? -1.072  2.787   4.154   1.00 19.86 ? 217  GLY A O   1 
ATOM   360 N N   . ILE A 1 50 ? -1.585  4.812   3.331   1.00 23.19 ? 218  ILE A N   1 
ATOM   361 C CA  . ILE A 1 50 ? -0.511  5.454   4.066   1.00 23.82 ? 218  ILE A CA  1 
ATOM   362 C C   . ILE A 1 50 ? -1.060  6.078   5.347   1.00 23.90 ? 218  ILE A C   1 
ATOM   363 O O   . ILE A 1 50 ? -2.248  6.377   5.441   1.00 20.90 ? 218  ILE A O   1 
ATOM   364 C CB  . ILE A 1 50 ? 0.188   6.533   3.205   1.00 23.45 ? 218  ILE A CB  1 
ATOM   365 C CG1 . ILE A 1 50 ? -0.633  7.822   3.197   1.00 27.34 ? 218  ILE A CG1 1 
ATOM   366 C CG2 . ILE A 1 50 ? 0.350   6.025   1.752   1.00 26.37 ? 218  ILE A CG2 1 
ATOM   367 C CD1 . ILE A 1 50 ? -0.046  8.900   2.298   1.00 29.07 ? 218  ILE A CD1 1 
ATOM   368 N N   . PHE A 1 51 ? -0.196  6.257   6.339   1.00 24.48 ? 219  PHE A N   1 
ATOM   369 C CA  . PHE A 1 51 ? -0.618  6.855   7.597   1.00 24.06 ? 219  PHE A CA  1 
ATOM   370 C C   . PHE A 1 51 ? 0.603   7.433   8.296   1.00 25.17 ? 219  PHE A C   1 
ATOM   371 O O   . PHE A 1 51 ? 1.740   7.059   7.983   1.00 22.04 ? 219  PHE A O   1 
ATOM   372 C CB  . PHE A 1 51 ? -1.320  5.814   8.478   1.00 24.50 ? 219  PHE A CB  1 
ATOM   373 C CG  . PHE A 1 51 ? -0.449  4.641   8.858   1.00 25.12 ? 219  PHE A CG  1 
ATOM   374 C CD1 . PHE A 1 51 ? 0.388   4.707   9.967   1.00 22.44 ? 219  PHE A CD1 1 
ATOM   375 C CD2 . PHE A 1 51 ? -0.449  3.478   8.083   1.00 24.07 ? 219  PHE A CD2 1 
ATOM   376 C CE1 . PHE A 1 51 ? 1.212   3.634   10.301  1.00 25.50 ? 219  PHE A CE1 1 
ATOM   377 C CE2 . PHE A 1 51 ? 0.371   2.406   8.410   1.00 24.67 ? 219  PHE A CE2 1 
ATOM   378 C CZ  . PHE A 1 51 ? 1.205   2.486   9.528   1.00 22.62 ? 219  PHE A CZ  1 
ATOM   379 N N   . PRO A 1 52 ? 0.387   8.374   9.239   1.00 26.70 ? 220  PRO A N   1 
ATOM   380 C CA  . PRO A 1 52 ? 1.476   9.016   9.982   1.00 27.52 ? 220  PRO A CA  1 
ATOM   381 C C   . PRO A 1 52 ? 2.116   8.090   11.004  1.00 28.30 ? 220  PRO A C   1 
ATOM   382 O O   . PRO A 1 52 ? 1.426   7.475   11.814  1.00 25.75 ? 220  PRO A O   1 
ATOM   383 C CB  . PRO A 1 52 ? 0.790   10.218  10.642  1.00 26.68 ? 220  PRO A CB  1 
ATOM   384 C CG  . PRO A 1 52 ? -0.447  10.430  9.822   1.00 26.01 ? 220  PRO A CG  1 
ATOM   385 C CD  . PRO A 1 52 ? -0.894  9.030   9.549   1.00 26.12 ? 220  PRO A CD  1 
ATOM   386 N N   . LEU A 1 53 ? 3.443   8.011   10.956  1.00 30.54 ? 221  LEU A N   1 
ATOM   387 C CA  . LEU A 1 53 ? 4.213   7.170   11.860  1.00 34.18 ? 221  LEU A CA  1 
ATOM   388 C C   . LEU A 1 53 ? 3.958   7.534   13.318  1.00 36.10 ? 221  LEU A C   1 
ATOM   389 O O   . LEU A 1 53 ? 3.955   6.669   14.201  1.00 37.12 ? 221  LEU A O   1 
ATOM   390 C CB  . LEU A 1 53 ? 5.705   7.315   11.556  1.00 36.04 ? 221  LEU A CB  1 
ATOM   391 C CG  . LEU A 1 53 ? 6.689   6.626   12.508  1.00 40.32 ? 221  LEU A CG  1 
ATOM   392 C CD1 . LEU A 1 53 ? 6.470   5.109   12.487  1.00 40.02 ? 221  LEU A CD1 1 
ATOM   393 C CD2 . LEU A 1 53 ? 8.124   6.977   12.098  1.00 40.47 ? 221  LEU A CD2 1 
ATOM   394 N N   . SER A 1 54 ? 3.720   8.816   13.560  1.00 35.23 ? 222  SER A N   1 
ATOM   395 C CA  . SER A 1 54 ? 3.498   9.311   14.910  1.00 35.12 ? 222  SER A CA  1 
ATOM   396 C C   . SER A 1 54 ? 2.176   8.880   15.552  1.00 34.38 ? 222  SER A C   1 
ATOM   397 O O   . SER A 1 54 ? 1.925   9.174   16.726  1.00 34.10 ? 222  SER A O   1 
ATOM   398 C CB  . SER A 1 54 ? 3.620   10.843  14.905  1.00 34.91 ? 222  SER A CB  1 
ATOM   399 O OG  . SER A 1 54 ? 2.436   11.455  14.431  1.00 35.16 ? 222  SER A OG  1 
ATOM   400 N N   . PHE A 1 55 ? 1.332   8.182   14.797  1.00 32.28 ? 223  PHE A N   1 
ATOM   401 C CA  . PHE A 1 55 ? 0.053   7.732   15.337  1.00 30.94 ? 223  PHE A CA  1 
ATOM   402 C C   . PHE A 1 55 ? 0.098   6.284   15.817  1.00 29.92 ? 223  PHE A C   1 
ATOM   403 O O   . PHE A 1 55 ? -0.904  5.753   16.297  1.00 28.95 ? 223  PHE A O   1 
ATOM   404 C CB  . PHE A 1 55 ? -1.053  7.880   14.296  1.00 32.68 ? 223  PHE A CB  1 
ATOM   405 C CG  . PHE A 1 55 ? -1.521  9.293   14.102  1.00 32.79 ? 223  PHE A CG  1 
ATOM   406 C CD1 . PHE A 1 55 ? -0.606  10.323  13.904  1.00 35.52 ? 223  PHE A CD1 1 
ATOM   407 C CD2 . PHE A 1 55 ? -2.873  9.592   14.112  1.00 34.84 ? 223  PHE A CD2 1 
ATOM   408 C CE1 . PHE A 1 55 ? -1.028  11.632  13.722  1.00 34.94 ? 223  PHE A CE1 1 
ATOM   409 C CE2 . PHE A 1 55 ? -3.315  10.908  13.929  1.00 35.24 ? 223  PHE A CE2 1 
ATOM   410 C CZ  . PHE A 1 55 ? -2.394  11.923  13.734  1.00 35.33 ? 223  PHE A CZ  1 
ATOM   411 N N   . VAL A 1 56 ? 1.260   5.652   15.679  1.00 28.32 ? 224  VAL A N   1 
ATOM   412 C CA  . VAL A 1 56 ? 1.430   4.255   16.082  1.00 29.32 ? 224  VAL A CA  1 
ATOM   413 C C   . VAL A 1 56 ? 2.758   4.020   16.783  1.00 30.65 ? 224  VAL A C   1 
ATOM   414 O O   . VAL A 1 56 ? 3.656   4.866   16.757  1.00 30.98 ? 224  VAL A O   1 
ATOM   415 C CB  . VAL A 1 56 ? 1.420   3.290   14.861  1.00 27.27 ? 224  VAL A CB  1 
ATOM   416 C CG1 . VAL A 1 56 ? 0.215   3.570   13.980  1.00 27.19 ? 224  VAL A CG1 1 
ATOM   417 C CG2 . VAL A 1 56 ? 2.727   3.441   14.081  1.00 23.88 ? 224  VAL A CG2 1 
ATOM   418 N N   . LYS A 1 57 ? 2.869   2.842   17.386  1.00 32.59 ? 225  LYS A N   1 
ATOM   419 C CA  . LYS A 1 57 ? 4.081   2.419   18.069  1.00 33.39 ? 225  LYS A CA  1 
ATOM   420 C C   . LYS A 1 57 ? 4.524   1.192   17.297  1.00 32.92 ? 225  LYS A C   1 
ATOM   421 O O   . LYS A 1 57 ? 3.757   0.232   17.164  1.00 32.67 ? 225  LYS A O   1 
ATOM   422 C CB  . LYS A 1 57 ? 3.764   2.041   19.520  1.00 35.75 ? 225  LYS A CB  1 
ATOM   423 C CG  . LYS A 1 57 ? 4.923   2.187   20.501  1.00 41.13 ? 225  LYS A CG  1 
ATOM   424 C CD  . LYS A 1 57 ? 5.872   1.000   20.514  1.00 42.66 ? 225  LYS A CD  1 
ATOM   425 C CE  . LYS A 1 57 ? 6.884   1.165   21.639  1.00 42.82 ? 225  LYS A CE  1 
ATOM   426 N NZ  . LYS A 1 57 ? 8.275   0.956   21.169  1.00 45.56 ? 225  LYS A NZ  1 
ATOM   427 N N   . ILE A 1 58 ? 5.735   1.228   16.757  1.00 33.07 ? 226  ILE A N   1 
ATOM   428 C CA  . ILE A 1 58 ? 6.253   0.094   16.011  1.00 33.41 ? 226  ILE A CA  1 
ATOM   429 C C   . ILE A 1 58 ? 6.584   -1.034  16.979  1.00 33.48 ? 226  ILE A C   1 
ATOM   430 O O   . ILE A 1 58 ? 7.297   -0.828  17.955  1.00 32.62 ? 226  ILE A O   1 
ATOM   431 C CB  . ILE A 1 58 ? 7.547   0.448   15.257  1.00 33.32 ? 226  ILE A CB  1 
ATOM   432 C CG1 . ILE A 1 58 ? 7.290   1.580   14.262  1.00 35.55 ? 226  ILE A CG1 1 
ATOM   433 C CG2 . ILE A 1 58 ? 8.086   -0.793  14.541  1.00 32.67 ? 226  ILE A CG2 1 
ATOM   434 C CD1 . ILE A 1 58 ? 6.361   1.213   13.136  1.00 34.42 ? 226  ILE A CD1 1 
ATOM   435 N N   . LEU A 1 59 ? 6.073   -2.227  16.701  1.00 35.13 ? 227  LEU A N   1 
ATOM   436 C CA  . LEU A 1 59 ? 6.328   -3.388  17.549  1.00 36.72 ? 227  LEU A CA  1 
ATOM   437 C C   . LEU A 1 59 ? 7.601   -4.087  17.085  1.00 39.14 ? 227  LEU A C   1 
ATOM   438 O O   . LEU A 1 59 ? 7.570   -4.926  16.184  1.00 40.13 ? 227  LEU A O   1 
ATOM   439 C CB  . LEU A 1 59 ? 5.129   -4.349  17.496  1.00 33.52 ? 227  LEU A CB  1 
ATOM   440 C CG  . LEU A 1 59 ? 3.811   -3.719  17.982  1.00 33.92 ? 227  LEU A CG  1 
ATOM   441 C CD1 . LEU A 1 59 ? 2.642   -4.667  17.751  1.00 29.55 ? 227  LEU A CD1 1 
ATOM   442 C CD2 . LEU A 1 59 ? 3.939   -3.369  19.460  1.00 32.16 ? 227  LEU A CD2 1 
ATOM   443 N N   . LYS A 1 60 ? 8.714   -3.725  17.714  1.00 41.87 ? 228  LYS A N   1 
ATOM   444 C CA  . LYS A 1 60 ? 10.017  -4.278  17.381  1.00 45.91 ? 228  LYS A CA  1 
ATOM   445 C C   . LYS A 1 60 ? 10.906  -4.269  18.618  1.00 47.19 ? 228  LYS A C   1 
ATOM   446 O O   . LYS A 1 60 ? 11.869  -5.068  18.664  1.00 49.37 ? 228  LYS A O   1 
ATOM   447 C CB  . LYS A 1 60 ? 10.684  -3.459  16.268  1.00 46.65 ? 228  LYS A CB  1 
ATOM   448 C CG  . LYS A 1 60 ? 11.149  -2.073  16.694  1.00 49.03 ? 228  LYS A CG  1 
ATOM   449 C CD  . LYS A 1 60 ? 11.744  -1.313  15.507  1.00 51.60 ? 228  LYS A CD  1 
ATOM   450 C CE  . LYS A 1 60 ? 12.172  0.099   15.889  1.00 53.23 ? 228  LYS A CE  1 
ATOM   451 N NZ  . LYS A 1 60 ? 13.588  0.186   16.353  1.00 54.49 ? 228  LYS A NZ  1 
ATOM   452 O OXT . LYS A 1 60 ? 10.638  -3.442  19.518  1.00 48.38 ? 228  LYS A OXT 1 
ATOM   453 N N   . MET B 1 5  ? 10.219  4.343   -7.859  1.00 41.39 ? 173  MET B N   1 
ATOM   454 C CA  . MET B 1 5  ? 10.134  3.998   -9.311  1.00 39.29 ? 173  MET B CA  1 
ATOM   455 C C   . MET B 1 5  ? 8.679   3.863   -9.763  1.00 35.42 ? 173  MET B C   1 
ATOM   456 O O   . MET B 1 5  ? 7.756   3.972   -8.957  1.00 34.20 ? 173  MET B O   1 
ATOM   457 C CB  . MET B 1 5  ? 10.873  2.679   -9.588  1.00 44.76 ? 173  MET B CB  1 
ATOM   458 C CG  . MET B 1 5  ? 12.369  2.718   -9.297  1.00 50.32 ? 173  MET B CG  1 
ATOM   459 S SD  . MET B 1 5  ? 13.335  3.592   -10.563 1.00 59.14 ? 173  MET B SD  1 
ATOM   460 C CE  . MET B 1 5  ? 14.870  2.648   -10.531 1.00 56.44 ? 173  MET B CE  1 
ATOM   461 N N   A ARG B 1 6  ? 8.493   3.621   -11.056 0.50 33.09 ? 174  ARG B N   1 
ATOM   462 N N   B ARG B 1 6  ? 8.501   3.635   -11.066 0.50 32.89 ? 174  ARG B N   1 
ATOM   463 C CA  A ARG B 1 6  ? 7.164   3.459   -11.631 0.50 30.73 ? 174  ARG B CA  1 
ATOM   464 C CA  B ARG B 1 6  ? 7.168   3.476   -11.643 0.50 30.36 ? 174  ARG B CA  1 
ATOM   465 C C   A ARG B 1 6  ? 7.149   2.219   -12.522 0.50 29.67 ? 174  ARG B C   1 
ATOM   466 C C   B ARG B 1 6  ? 7.146   2.230   -12.531 0.50 29.45 ? 174  ARG B C   1 
ATOM   467 O O   A ARG B 1 6  ? 8.200   1.724   -12.931 0.50 28.59 ? 174  ARG B O   1 
ATOM   468 O O   B ARG B 1 6  ? 8.195   1.739   -12.948 0.50 28.35 ? 174  ARG B O   1 
ATOM   469 C CB  A ARG B 1 6  ? 6.795   4.686   -12.473 0.50 30.03 ? 174  ARG B CB  1 
ATOM   470 C CB  B ARG B 1 6  ? 6.797   4.701   -12.494 0.50 29.33 ? 174  ARG B CB  1 
ATOM   471 C CG  A ARG B 1 6  ? 7.069   6.014   -11.795 0.50 29.66 ? 174  ARG B CG  1 
ATOM   472 C CG  B ARG B 1 6  ? 6.652   6.011   -11.727 0.50 28.02 ? 174  ARG B CG  1 
ATOM   473 C CD  A ARG B 1 6  ? 6.627   7.166   -12.679 0.50 28.48 ? 174  ARG B CD  1 
ATOM   474 C CD  B ARG B 1 6  ? 6.358   7.156   -12.697 0.50 27.70 ? 174  ARG B CD  1 
ATOM   475 N NE  A ARG B 1 6  ? 5.546   7.916   -12.051 0.50 27.07 ? 174  ARG B NE  1 
ATOM   476 N NE  B ARG B 1 6  ? 7.469   7.411   -13.617 0.50 25.75 ? 174  ARG B NE  1 
ATOM   477 C CZ  A ARG B 1 6  ? 5.692   8.631   -10.939 0.50 26.34 ? 174  ARG B CZ  1 
ATOM   478 C CZ  B ARG B 1 6  ? 8.473   8.249   -13.371 0.50 26.64 ? 174  ARG B CZ  1 
ATOM   479 N NH1 A ARG B 1 6  ? 6.876   8.703   -10.337 0.50 23.90 ? 174  ARG B NH1 1 
ATOM   480 N NH1 B ARG B 1 6  ? 8.510   8.928   -12.230 0.50 27.38 ? 174  ARG B NH1 1 
ATOM   481 N NH2 A ARG B 1 6  ? 4.648   9.261   -10.416 0.50 24.49 ? 174  ARG B NH2 1 
ATOM   482 N NH2 B ARG B 1 6  ? 9.442   8.404   -14.259 0.50 24.94 ? 174  ARG B NH2 1 
ATOM   483 N N   . ALA B 1 7  ? 5.952   1.730   -12.832 1.00 27.99 ? 175  ALA B N   1 
ATOM   484 C CA  . ALA B 1 7  ? 5.802   0.551   -13.682 1.00 29.09 ? 175  ALA B CA  1 
ATOM   485 C C   . ALA B 1 7  ? 4.635   0.758   -14.635 1.00 27.92 ? 175  ALA B C   1 
ATOM   486 O O   . ALA B 1 7  ? 3.614   1.332   -14.255 1.00 28.66 ? 175  ALA B O   1 
ATOM   487 C CB  . ALA B 1 7  ? 5.562   -0.697  -12.828 1.00 27.17 ? 175  ALA B CB  1 
ATOM   488 N N   . GLU B 1 8  ? 4.789   0.306   -15.876 1.00 26.43 ? 176  GLU B N   1 
ATOM   489 C CA  . GLU B 1 8  ? 3.715   0.432   -16.845 1.00 25.06 ? 176  GLU B CA  1 
ATOM   490 C C   . GLU B 1 8  ? 3.032   -0.935  -16.937 1.00 23.86 ? 176  GLU B C   1 
ATOM   491 O O   . GLU B 1 8  ? 3.684   -1.947  -17.160 1.00 24.15 ? 176  GLU B O   1 
ATOM   492 C CB  . GLU B 1 8  ? 4.257   0.862   -18.216 1.00 27.01 ? 176  GLU B CB  1 
ATOM   493 C CG  . GLU B 1 8  ? 3.162   1.168   -19.250 1.00 28.24 ? 176  GLU B CG  1 
ATOM   494 C CD  . GLU B 1 8  ? 3.705   1.639   -20.597 1.00 30.12 ? 176  GLU B CD  1 
ATOM   495 O OE1 . GLU B 1 8  ? 4.939   1.652   -20.784 1.00 35.84 ? 176  GLU B OE1 1 
ATOM   496 O OE2 . GLU B 1 8  ? 2.896   1.994   -21.478 1.00 34.89 ? 176  GLU B OE2 1 
ATOM   497 N N   . ALA B 1 9  ? 1.718   -0.962  -16.747 1.00 22.17 ? 177  ALA B N   1 
ATOM   498 C CA  . ALA B 1 9  ? 0.978   -2.214  -16.806 1.00 23.69 ? 177  ALA B CA  1 
ATOM   499 C C   . ALA B 1 9  ? 0.977   -2.773  -18.232 1.00 24.71 ? 177  ALA B C   1 
ATOM   500 O O   . ALA B 1 9  ? 0.708   -2.044  -19.189 1.00 20.77 ? 177  ALA B O   1 
ATOM   501 C CB  . ALA B 1 9  ? -0.459  -1.993  -16.329 1.00 20.02 ? 177  ALA B CB  1 
ATOM   502 N N   . LEU B 1 10 ? 1.277   -4.064  -18.366 1.00 28.06 ? 178  LEU B N   1 
ATOM   503 C CA  . LEU B 1 10 ? 1.296   -4.728  -19.674 1.00 29.01 ? 178  LEU B CA  1 
ATOM   504 C C   . LEU B 1 10 ? -0.032  -5.428  -19.946 1.00 29.86 ? 178  LEU B C   1 
ATOM   505 O O   . LEU B 1 10 ? -0.491  -5.513  -21.090 1.00 28.66 ? 178  LEU B O   1 
ATOM   506 C CB  . LEU B 1 10 ? 2.438   -5.743  -19.728 1.00 29.45 ? 178  LEU B CB  1 
ATOM   507 C CG  . LEU B 1 10 ? 3.823   -5.101  -19.704 1.00 28.97 ? 178  LEU B CG  1 
ATOM   508 C CD1 . LEU B 1 10 ? 4.894   -6.166  -19.591 1.00 29.95 ? 178  LEU B CD1 1 
ATOM   509 C CD2 . LEU B 1 10 ? 3.998   -4.270  -20.967 1.00 31.54 ? 178  LEU B CD2 1 
ATOM   510 N N   . PHE B 1 11 ? -0.645  -5.919  -18.876 1.00 28.21 ? 179  PHE B N   1 
ATOM   511 C CA  . PHE B 1 11 ? -1.924  -6.597  -18.958 1.00 28.36 ? 179  PHE B CA  1 
ATOM   512 C C   . PHE B 1 11 ? -2.859  -5.996  -17.924 1.00 29.82 ? 179  PHE B C   1 
ATOM   513 O O   . PHE B 1 11 ? -2.415  -5.337  -16.977 1.00 29.29 ? 179  PHE B O   1 
ATOM   514 C CB  . PHE B 1 11 ? -1.747  -8.085  -18.657 1.00 28.02 ? 179  PHE B CB  1 
ATOM   515 C CG  . PHE B 1 11 ? -0.719  -8.756  -19.514 1.00 27.52 ? 179  PHE B CG  1 
ATOM   516 C CD1 . PHE B 1 11 ? -1.046  -9.225  -20.780 1.00 27.54 ? 179  PHE B CD1 1 
ATOM   517 C CD2 . PHE B 1 11 ? 0.592   -8.883  -19.068 1.00 27.23 ? 179  PHE B CD2 1 
ATOM   518 C CE1 . PHE B 1 11 ? -0.075  -9.806  -21.596 1.00 26.02 ? 179  PHE B CE1 1 
ATOM   519 C CE2 . PHE B 1 11 ? 1.569   -9.461  -19.874 1.00 28.61 ? 179  PHE B CE2 1 
ATOM   520 C CZ  . PHE B 1 11 ? 1.233   -9.923  -21.141 1.00 26.69 ? 179  PHE B CZ  1 
ATOM   521 N N   . ASP B 1 12 ? -4.157  -6.207  -18.111 1.00 30.20 ? 180  ASP B N   1 
ATOM   522 C CA  . ASP B 1 12 ? -5.127  -5.720  -17.147 1.00 32.77 ? 180  ASP B CA  1 
ATOM   523 C C   . ASP B 1 12 ? -5.014  -6.639  -15.938 1.00 33.08 ? 180  ASP B C   1 
ATOM   524 O O   . ASP B 1 12 ? -4.756  -7.837  -16.085 1.00 33.72 ? 180  ASP B O   1 
ATOM   525 C CB  . ASP B 1 12 ? -6.550  -5.823  -17.694 1.00 34.64 ? 180  ASP B CB  1 
ATOM   526 C CG  . ASP B 1 12 ? -6.808  -4.871  -18.840 1.00 35.95 ? 180  ASP B CG  1 
ATOM   527 O OD1 . ASP B 1 12 ? -5.867  -4.157  -19.249 1.00 37.79 ? 180  ASP B OD1 1 
ATOM   528 O OD2 . ASP B 1 12 ? -7.958  -4.835  -19.325 1.00 34.75 ? 180  ASP B OD2 1 
ATOM   529 N N   . PHE B 1 13 ? -5.183  -6.082  -14.747 1.00 32.39 ? 181  PHE B N   1 
ATOM   530 C CA  . PHE B 1 13 ? -5.145  -6.898  -13.546 1.00 30.47 ? 181  PHE B CA  1 
ATOM   531 C C   . PHE B 1 13 ? -6.349  -6.535  -12.714 1.00 32.38 ? 181  PHE B C   1 
ATOM   532 O O   . PHE B 1 13 ? -6.477  -5.413  -12.225 1.00 30.43 ? 181  PHE B O   1 
ATOM   533 C CB  . PHE B 1 13 ? -3.880  -6.674  -12.714 1.00 27.56 ? 181  PHE B CB  1 
ATOM   534 C CG  . PHE B 1 13 ? -3.843  -7.502  -11.451 1.00 24.83 ? 181  PHE B CG  1 
ATOM   535 C CD1 . PHE B 1 13 ? -3.834  -8.894  -11.513 1.00 22.55 ? 181  PHE B CD1 1 
ATOM   536 C CD2 . PHE B 1 13 ? -3.878  -6.893  -10.196 1.00 24.79 ? 181  PHE B CD2 1 
ATOM   537 C CE1 . PHE B 1 13 ? -3.867  -9.668  -10.346 1.00 23.53 ? 181  PHE B CE1 1 
ATOM   538 C CE2 . PHE B 1 13 ? -3.912  -7.655  -9.023  1.00 22.36 ? 181  PHE B CE2 1 
ATOM   539 C CZ  . PHE B 1 13 ? -3.907  -9.043  -9.095  1.00 25.58 ? 181  PHE B CZ  1 
ATOM   540 N N   . THR B 1 14 ? -7.253  -7.492  -12.593 1.00 34.27 ? 182  THR B N   1 
ATOM   541 C CA  . THR B 1 14 ? -8.454  -7.300  -11.811 1.00 36.63 ? 182  THR B CA  1 
ATOM   542 C C   . THR B 1 14 ? -8.273  -8.194  -10.604 1.00 36.95 ? 182  THR B C   1 
ATOM   543 O O   . THR B 1 14 ? -8.240  -9.421  -10.724 1.00 36.48 ? 182  THR B O   1 
ATOM   544 C CB  . THR B 1 14 ? -9.707  -7.735  -12.588 1.00 37.77 ? 182  THR B CB  1 
ATOM   545 O OG1 . THR B 1 14 ? -9.833  -6.939  -13.775 1.00 39.29 ? 182  THR B OG1 1 
ATOM   546 C CG2 . THR B 1 14 ? -10.954 -7.559  -11.722 1.00 39.01 ? 182  THR B CG2 1 
ATOM   547 N N   . GLY B 1 15 ? -8.118  -7.571  -9.446  1.00 37.71 ? 183  GLY B N   1 
ATOM   548 C CA  . GLY B 1 15 ? -7.934  -8.335  -8.235  1.00 39.78 ? 183  GLY B CA  1 
ATOM   549 C C   . GLY B 1 15 ? -9.277  -8.674  -7.637  1.00 41.37 ? 183  GLY B C   1 
ATOM   550 O O   . GLY B 1 15 ? -10.278 -7.998  -7.886  1.00 41.01 ? 183  GLY B O   1 
ATOM   551 N N   . ASN B 1 16 ? -9.300  -9.731  -6.842  1.00 42.50 ? 184  ASN B N   1 
ATOM   552 C CA  . ASN B 1 16 ? -10.528 -10.162 -6.206  1.00 42.82 ? 184  ASN B CA  1 
ATOM   553 C C   . ASN B 1 16 ? -10.756 -9.330  -4.943  1.00 41.91 ? 184  ASN B C   1 
ATOM   554 O O   . ASN B 1 16 ? -11.892 -8.978  -4.614  1.00 44.84 ? 184  ASN B O   1 
ATOM   555 C CB  . ASN B 1 16 ? -10.419 -11.646 -5.856  1.00 44.18 ? 184  ASN B CB  1 
ATOM   556 C CG  . ASN B 1 16 ? -9.959  -12.484 -7.035  1.00 46.19 ? 184  ASN B CG  1 
ATOM   557 O OD1 . ASN B 1 16 ? -8.972  -13.218 -6.945  1.00 47.98 ? 184  ASN B OD1 1 
ATOM   558 N ND2 . ASN B 1 16 ? -10.673 -12.376 -8.153  1.00 45.73 ? 184  ASN B ND2 1 
ATOM   559 N N   . SER B 1 17 ? -9.668  -8.993  -4.260  1.00 37.15 ? 185  SER B N   1 
ATOM   560 C CA  . SER B 1 17 ? -9.743  -8.229  -3.020  1.00 33.49 ? 185  SER B CA  1 
ATOM   561 C C   . SER B 1 17 ? -9.411  -6.745  -3.142  1.00 32.14 ? 185  SER B C   1 
ATOM   562 O O   . SER B 1 17 ? -8.677  -6.324  -4.039  1.00 30.16 ? 185  SER B O   1 
ATOM   563 C CB  . SER B 1 17 ? -8.809  -8.852  -1.981  1.00 33.09 ? 185  SER B CB  1 
ATOM   564 O OG  . SER B 1 17 ? -8.625  -7.981  -0.882  1.00 33.12 ? 185  SER B OG  1 
ATOM   565 N N   . LYS B 1 18 ? -9.953  -5.955  -2.219  1.00 30.72 ? 186  LYS B N   1 
ATOM   566 C CA  . LYS B 1 18 ? -9.674  -4.529  -2.198  1.00 30.69 ? 186  LYS B CA  1 
ATOM   567 C C   . LYS B 1 18 ? -8.201  -4.329  -1.813  1.00 28.00 ? 186  LYS B C   1 
ATOM   568 O O   . LYS B 1 18 ? -7.659  -3.234  -1.945  1.00 29.00 ? 186  LYS B O   1 
ATOM   569 C CB  . LYS B 1 18 ? -10.597 -3.809  -1.204  1.00 34.07 ? 186  LYS B CB  1 
ATOM   570 C CG  . LYS B 1 18 ? -10.626 -4.421  0.194   1.00 39.32 ? 186  LYS B CG  1 
ATOM   571 C CD  . LYS B 1 18 ? -11.442 -3.569  1.166   1.00 43.65 ? 186  LYS B CD  1 
ATOM   572 C CE  . LYS B 1 18 ? -10.779 -2.222  1.406   1.00 45.67 ? 186  LYS B CE  1 
ATOM   573 N NZ  . LYS B 1 18 ? -11.561 -1.365  2.340   1.00 50.33 ? 186  LYS B NZ  1 
ATOM   574 N N   . LEU B 1 19 ? -7.554  -5.397  -1.346  1.00 26.48 ? 187  LEU B N   1 
ATOM   575 C CA  . LEU B 1 19 ? -6.139  -5.324  -0.985  1.00 25.03 ? 187  LEU B CA  1 
ATOM   576 C C   . LEU B 1 19 ? -5.296  -5.375  -2.251  1.00 25.22 ? 187  LEU B C   1 
ATOM   577 O O   . LEU B 1 19 ? -4.165  -4.903  -2.268  1.00 25.41 ? 187  LEU B O   1 
ATOM   578 C CB  . LEU B 1 19 ? -5.746  -6.476  -0.053  1.00 23.87 ? 187  LEU B CB  1 
ATOM   579 C CG  . LEU B 1 19 ? -6.293  -6.417  1.378   1.00 25.04 ? 187  LEU B CG  1 
ATOM   580 C CD1 . LEU B 1 19 ? -5.709  -7.564  2.195   1.00 24.08 ? 187  LEU B CD1 1 
ATOM   581 C CD2 . LEU B 1 19 ? -5.948  -5.070  2.012   1.00 23.72 ? 187  LEU B CD2 1 
ATOM   582 N N   . GLU B 1 20 ? -5.860  -5.956  -3.306  1.00 23.46 ? 188  GLU B N   1 
ATOM   583 C CA  . GLU B 1 20 ? -5.173  -6.056  -4.587  1.00 23.58 ? 188  GLU B CA  1 
ATOM   584 C C   . GLU B 1 20 ? -5.427  -4.805  -5.423  1.00 23.13 ? 188  GLU B C   1 
ATOM   585 O O   . GLU B 1 20 ? -6.527  -4.249  -5.423  1.00 22.75 ? 188  GLU B O   1 
ATOM   586 C CB  . GLU B 1 20 ? -5.622  -7.330  -5.322  1.00 23.69 ? 188  GLU B CB  1 
ATOM   587 C CG  . GLU B 1 20 ? -4.985  -8.586  -4.740  1.00 26.08 ? 188  GLU B CG  1 
ATOM   588 C CD  . GLU B 1 20 ? -5.631  -9.882  -5.206  1.00 30.97 ? 188  GLU B CD  1 
ATOM   589 O OE1 . GLU B 1 20 ? -6.829  -9.878  -5.561  1.00 33.85 ? 188  GLU B OE1 1 
ATOM   590 O OE2 . GLU B 1 20 ? -4.933  -10.916 -5.196  1.00 33.88 ? 188  GLU B OE2 1 
ATOM   591 N N   . LEU B 1 21 ? -4.394  -4.360  -6.128  1.00 23.40 ? 189  LEU B N   1 
ATOM   592 C CA  . LEU B 1 21 ? -4.483  -3.157  -6.946  1.00 24.49 ? 189  LEU B CA  1 
ATOM   593 C C   . LEU B 1 21 ? -5.007  -3.424  -8.350  1.00 25.45 ? 189  LEU B C   1 
ATOM   594 O O   . LEU B 1 21 ? -4.382  -4.147  -9.115  1.00 25.85 ? 189  LEU B O   1 
ATOM   595 C CB  . LEU B 1 21 ? -3.112  -2.484  -7.047  1.00 24.26 ? 189  LEU B CB  1 
ATOM   596 C CG  . LEU B 1 21 ? -3.089  -1.211  -7.902  1.00 24.15 ? 189  LEU B CG  1 
ATOM   597 C CD1 . LEU B 1 21 ? -3.889  -0.122  -7.201  1.00 23.98 ? 189  LEU B CD1 1 
ATOM   598 C CD2 . LEU B 1 21 ? -1.649  -0.758  -8.131  1.00 20.91 ? 189  LEU B CD2 1 
ATOM   599 N N   . ASN B 1 22 ? -6.150  -2.828  -8.683  1.00 26.17 ? 190  ASN B N   1 
ATOM   600 C CA  . ASN B 1 22 ? -6.745  -2.984  -10.005 1.00 27.85 ? 190  ASN B CA  1 
ATOM   601 C C   . ASN B 1 22 ? -6.139  -1.991  -10.991 1.00 27.30 ? 190  ASN B C   1 
ATOM   602 O O   . ASN B 1 22 ? -5.872  -0.836  -10.645 1.00 24.42 ? 190  ASN B O   1 
ATOM   603 C CB  . ASN B 1 22 ? -8.259  -2.753  -9.939  1.00 30.04 ? 190  ASN B CB  1 
ATOM   604 C CG  . ASN B 1 22 ? -9.017  -3.965  -9.423  1.00 30.89 ? 190  ASN B CG  1 
ATOM   605 O OD1 . ASN B 1 22 ? -8.457  -4.823  -8.741  1.00 33.21 ? 190  ASN B OD1 1 
ATOM   606 N ND2 . ASN B 1 22 ? -10.302 -4.032  -9.739  1.00 32.00 ? 190  ASN B ND2 1 
ATOM   607 N N   . PHE B 1 23 ? -5.905  -2.446  -12.216 1.00 25.08 ? 191  PHE B N   1 
ATOM   608 C CA  . PHE B 1 23 ? -5.373  -1.565  -13.236 1.00 26.20 ? 191  PHE B CA  1 
ATOM   609 C C   . PHE B 1 23 ? -5.554  -2.156  -14.617 1.00 25.78 ? 191  PHE B C   1 
ATOM   610 O O   . PHE B 1 23 ? -5.881  -3.331  -14.762 1.00 26.14 ? 191  PHE B O   1 
ATOM   611 C CB  . PHE B 1 23 ? -3.895  -1.215  -12.959 1.00 25.95 ? 191  PHE B CB  1 
ATOM   612 C CG  . PHE B 1 23 ? -2.965  -2.401  -12.879 1.00 26.68 ? 191  PHE B CG  1 
ATOM   613 C CD1 . PHE B 1 23 ? -2.538  -3.056  -14.031 1.00 27.02 ? 191  PHE B CD1 1 
ATOM   614 C CD2 . PHE B 1 23 ? -2.471  -2.824  -11.646 1.00 27.07 ? 191  PHE B CD2 1 
ATOM   615 C CE1 . PHE B 1 23 ? -1.628  -4.115  -13.952 1.00 26.02 ? 191  PHE B CE1 1 
ATOM   616 C CE2 . PHE B 1 23 ? -1.567  -3.878  -11.558 1.00 27.28 ? 191  PHE B CE2 1 
ATOM   617 C CZ  . PHE B 1 23 ? -1.142  -4.524  -12.712 1.00 27.01 ? 191  PHE B CZ  1 
ATOM   618 N N   . LYS B 1 24 ? -5.371  -1.323  -15.631 1.00 27.01 ? 192  LYS B N   1 
ATOM   619 C CA  . LYS B 1 24 ? -5.515  -1.754  -17.016 1.00 27.87 ? 192  LYS B CA  1 
ATOM   620 C C   . LYS B 1 24 ? -4.187  -1.581  -17.723 1.00 27.32 ? 192  LYS B C   1 
ATOM   621 O O   . LYS B 1 24 ? -3.369  -0.750  -17.321 1.00 27.07 ? 192  LYS B O   1 
ATOM   622 C CB  . LYS B 1 24 ? -6.570  -0.908  -17.734 1.00 29.46 ? 192  LYS B CB  1 
ATOM   623 C CG  . LYS B 1 24 ? -7.980  -1.045  -17.190 1.00 32.37 ? 192  LYS B CG  1 
ATOM   624 C CD  . LYS B 1 24 ? -8.877  0.024   -17.792 1.00 38.33 ? 192  LYS B CD  1 
ATOM   625 C CE  . LYS B 1 24 ? -10.256 0.048   -17.140 1.00 40.61 ? 192  LYS B CE  1 
ATOM   626 N NZ  . LYS B 1 24 ? -11.066 1.210   -17.612 1.00 44.79 ? 192  LYS B NZ  1 
ATOM   627 N N   . ALA B 1 25 ? -3.980  -2.362  -18.779 1.00 26.34 ? 193  ALA B N   1 
ATOM   628 C CA  . ALA B 1 25 ? -2.756  -2.278  -19.560 1.00 26.26 ? 193  ALA B CA  1 
ATOM   629 C C   . ALA B 1 25 ? -2.560  -0.824  -19.962 1.00 24.65 ? 193  ALA B C   1 
ATOM   630 O O   . ALA B 1 25 ? -3.509  -0.148  -20.342 1.00 24.50 ? 193  ALA B O   1 
ATOM   631 C CB  . ALA B 1 25 ? -2.865  -3.162  -20.814 1.00 29.57 ? 193  ALA B CB  1 
ATOM   632 N N   . GLY B 1 26 ? -1.326  -0.344  -19.864 1.00 24.91 ? 194  GLY B N   1 
ATOM   633 C CA  . GLY B 1 26 ? -1.044  1.034   -20.220 1.00 23.54 ? 194  GLY B CA  1 
ATOM   634 C C   . GLY B 1 26 ? -1.006  1.987   -19.034 1.00 24.94 ? 194  GLY B C   1 
ATOM   635 O O   . GLY B 1 26 ? -0.455  3.092   -19.130 1.00 23.00 ? 194  GLY B O   1 
ATOM   636 N N   . ASP B 1 27 ? -1.607  1.582   -17.917 1.00 25.21 ? 195  ASP B N   1 
ATOM   637 C CA  . ASP B 1 27 ? -1.596  2.421   -16.717 1.00 21.42 ? 195  ASP B CA  1 
ATOM   638 C C   . ASP B 1 27 ? -0.162  2.499   -16.207 1.00 22.24 ? 195  ASP B C   1 
ATOM   639 O O   . ASP B 1 27 ? 0.606   1.553   -16.386 1.00 21.79 ? 195  ASP B O   1 
ATOM   640 C CB  . ASP B 1 27 ? -2.454  1.795   -15.614 1.00 24.81 ? 195  ASP B CB  1 
ATOM   641 C CG  . ASP B 1 27 ? -3.928  2.105   -15.763 1.00 25.16 ? 195  ASP B CG  1 
ATOM   642 O OD1 . ASP B 1 27 ? -4.289  2.997   -16.557 1.00 28.84 ? 195  ASP B OD1 1 
ATOM   643 O OD2 . ASP B 1 27 ? -4.729  1.455   -15.066 1.00 26.64 ? 195  ASP B OD2 1 
ATOM   644 N N   . VAL B 1 28 ? 0.208   3.619   -15.584 1.00 20.21 ? 196  VAL B N   1 
ATOM   645 C CA  . VAL B 1 28 ? 1.543   3.739   -15.015 1.00 21.38 ? 196  VAL B CA  1 
ATOM   646 C C   . VAL B 1 28 ? 1.340   3.754   -13.503 1.00 22.70 ? 196  VAL B C   1 
ATOM   647 O O   . VAL B 1 28 ? 0.642   4.608   -12.960 1.00 19.75 ? 196  VAL B O   1 
ATOM   648 C CB  . VAL B 1 28 ? 2.266   5.020   -15.478 1.00 23.25 ? 196  VAL B CB  1 
ATOM   649 C CG1 . VAL B 1 28 ? 3.638   5.121   -14.800 1.00 20.95 ? 196  VAL B CG1 1 
ATOM   650 C CG2 . VAL B 1 28 ? 2.451   4.977   -17.005 1.00 24.51 ? 196  VAL B CG2 1 
ATOM   651 N N   . ILE B 1 29 ? 1.944   2.765   -12.847 1.00 21.49 ? 197  ILE B N   1 
ATOM   652 C CA  . ILE B 1 29 ? 1.821   2.620   -11.415 1.00 23.58 ? 197  ILE B CA  1 
ATOM   653 C C   . ILE B 1 29 ? 2.970   3.222   -10.589 1.00 27.01 ? 197  ILE B C   1 
ATOM   654 O O   . ILE B 1 29 ? 4.132   3.089   -10.959 1.00 24.92 ? 197  ILE B O   1 
ATOM   655 C CB  . ILE B 1 29 ? 1.749   1.096   -11.062 1.00 17.89 ? 197  ILE B CB  1 
ATOM   656 C CG1 . ILE B 1 29 ? 0.669   0.431   -11.906 1.00 19.90 ? 197  ILE B CG1 1 
ATOM   657 C CG2 . ILE B 1 29 ? 1.431   0.924   -9.579  1.00 18.34 ? 197  ILE B CG2 1 
ATOM   658 C CD1 . ILE B 1 29 ? 0.782   -1.075  -11.988 1.00 16.10 ? 197  ILE B CD1 1 
ATOM   659 N N   . PHE B 1 30 ? 2.576   3.922   -9.555  1.00 30.12 ? 198  PHE B N   1 
ATOM   660 C CA  . PHE B 1 30 ? 3.542   4.552   -8.647  1.00 34.45 ? 198  PHE B CA  1 
ATOM   661 C C   . PHE B 1 30 ? 3.855   3.529   -7.586  1.00 35.21 ? 198  PHE B C   1 
ATOM   662 O O   . PHE B 1 30 ? 3.070   3.272   -6.677  1.00 36.89 ? 198  PHE B O   1 
ATOM   663 C CB  . PHE B 1 30 ? 2.924   5.806   -8.012  1.00 34.86 ? 198  PHE B CB  1 
ATOM   664 C CG  . PHE B 1 30 ? 3.766   6.399   -6.913  1.00 39.92 ? 198  PHE B CG  1 
ATOM   665 C CD1 . PHE B 1 30 ? 5.061   6.837   -7.170  1.00 41.43 ? 198  PHE B CD1 1 
ATOM   666 C CD2 . PHE B 1 30 ? 3.262   6.507   -5.620  1.00 40.50 ? 198  PHE B CD2 1 
ATOM   667 C CE1 . PHE B 1 30 ? 5.837   7.411   -6.151  1.00 40.57 ? 198  PHE B CE1 1 
ATOM   668 C CE2 . PHE B 1 30 ? 4.025   7.073   -4.605  1.00 41.48 ? 198  PHE B CE2 1 
ATOM   669 C CZ  . PHE B 1 30 ? 5.321   7.499   -4.859  1.00 42.05 ? 198  PHE B CZ  1 
ATOM   670 N N   . LEU B 1 31 ? 5.025   2.914   -7.734  1.00 37.79 ? 199  LEU B N   1 
ATOM   671 C CA  . LEU B 1 31 ? 5.493   1.879   -6.820  1.00 39.01 ? 199  LEU B CA  1 
ATOM   672 C C   . LEU B 1 31 ? 5.716   2.342   -5.394  1.00 40.35 ? 199  LEU B C   1 
ATOM   673 O O   . LEU B 1 31 ? 6.164   3.461   -5.147  1.00 40.75 ? 199  LEU B O   1 
ATOM   674 C CB  . LEU B 1 31 ? 6.788   1.267   -7.346  1.00 36.40 ? 199  LEU B CB  1 
ATOM   675 C CG  . LEU B 1 31 ? 6.696   -0.009  -8.186  1.00 38.37 ? 199  LEU B CG  1 
ATOM   676 C CD1 . LEU B 1 31 ? 5.286   -0.218  -8.737  1.00 35.53 ? 199  LEU B CD1 1 
ATOM   677 C CD2 . LEU B 1 31 ? 7.703   0.112   -9.323  1.00 35.67 ? 199  LEU B CD2 1 
ATOM   678 N N   . LEU B 1 32 ? 5.417   1.453   -4.456  1.00 43.03 ? 200  LEU B N   1 
ATOM   679 C CA  . LEU B 1 32 ? 5.563   1.742   -3.038  1.00 46.29 ? 200  LEU B CA  1 
ATOM   680 C C   . LEU B 1 32 ? 6.653   0.872   -2.412  1.00 46.82 ? 200  LEU B C   1 
ATOM   681 O O   . LEU B 1 32 ? 7.401   1.328   -1.546  1.00 47.33 ? 200  LEU B O   1 
ATOM   682 C CB  . LEU B 1 32 ? 4.230   1.491   -2.324  1.00 46.96 ? 200  LEU B CB  1 
ATOM   683 C CG  . LEU B 1 32 ? 3.159   2.584   -2.401  1.00 49.82 ? 200  LEU B CG  1 
ATOM   684 C CD1 . LEU B 1 32 ? 3.325   3.518   -1.208  1.00 50.34 ? 200  LEU B CD1 1 
ATOM   685 C CD2 . LEU B 1 32 ? 3.255   3.340   -3.722  1.00 51.50 ? 200  LEU B CD2 1 
ATOM   686 N N   . SER B 1 33 ? 6.729   -0.375  -2.865  1.00 46.71 ? 201  SER B N   1 
ATOM   687 C CA  . SER B 1 33 ? 7.701   -1.356  -2.351  1.00 45.76 ? 201  SER B CA  1 
ATOM   688 C C   . SER B 1 33 ? 7.402   -2.781  -2.835  1.00 44.62 ? 201  SER B C   1 
ATOM   689 O O   . SER B 1 33 ? 6.343   -3.053  -3.400  1.00 43.17 ? 201  SER B O   1 
ATOM   690 C CB  . SER B 1 33 ? 7.718   -1.343  -0.835  1.00 47.81 ? 201  SER B CB  1 
ATOM   691 O OG  . SER B 1 33 ? 6.482   -1.751  -0.292  1.00 48.65 ? 201  SER B OG  1 
ATOM   692 N N   . ARG B 1 34 ? 8.361   -3.682  -2.609  1.00 43.45 ? 202  ARG B N   1 
ATOM   693 C CA  . ARG B 1 34 ? 8.186   -5.095  -2.952  1.00 43.28 ? 202  ARG B CA  1 
ATOM   694 C C   . ARG B 1 34 ? 7.640   -5.779  -1.722  1.00 40.73 ? 202  ARG B C   1 
ATOM   695 O O   . ARG B 1 34 ? 8.145   -5.565  -0.620  1.00 42.13 ? 202  ARG B O   1 
ATOM   696 C CB  . ARG B 1 34 ? 9.524   -5.738  -3.309  1.00 44.99 ? 202  ARG B CB  1 
ATOM   697 C CG  . ARG B 1 34 ? 10.014  -5.564  -4.765  1.00 49.55 ? 202  ARG B CG  1 
ATOM   698 C CD  . ARG B 1 34 ? 11.091  -6.616  -5.054  1.00 52.97 ? 202  ARG B CD  1 
ATOM   699 N NE  . ARG B 1 34 ? 11.611  -6.517  -6.422  1.00 56.24 ? 202  ARG B NE  1 
ATOM   700 C CZ  . ARG B 1 34 ? 12.434  -5.560  -6.838  1.00 57.43 ? 202  ARG B CZ  1 
ATOM   701 N NH1 . ARG B 1 34 ? 12.798  -4.586  -6.016  1.00 58.20 ? 202  ARG B NH1 1 
ATOM   702 N NH2 . ARG B 1 34 ? 12.866  -5.557  -8.103  1.00 58.87 ? 202  ARG B NH2 1 
ATOM   703 N N   . ILE B 1 35 ? 6.596   -6.591  -1.875  1.00 40.08 ? 203  ILE B N   1 
ATOM   704 C CA  . ILE B 1 35 ? 6.031   -7.267  -0.718  1.00 38.20 ? 203  ILE B CA  1 
ATOM   705 C C   . ILE B 1 35 ? 6.643   -8.664  -0.641  1.00 36.53 ? 203  ILE B C   1 
ATOM   706 O O   . ILE B 1 35 ? 6.701   -9.283  0.419   1.00 35.17 ? 203  ILE B O   1 
ATOM   707 C CB  . ILE B 1 35 ? 4.490   -7.342  -0.794  1.00 39.54 ? 203  ILE B CB  1 
ATOM   708 C CG1 . ILE B 1 35 ? 4.040   -8.016  -2.082  1.00 41.80 ? 203  ILE B CG1 1 
ATOM   709 C CG2 . ILE B 1 35 ? 3.895   -5.952  -0.707  1.00 40.63 ? 203  ILE B CG2 1 
ATOM   710 C CD1 . ILE B 1 35 ? 2.559   -8.348  -2.061  1.00 42.60 ? 203  ILE B CD1 1 
ATOM   711 N N   . ASN B 1 36 ? 7.101   -9.145  -1.792  1.00 36.25 ? 204  ASN B N   1 
ATOM   712 C CA  . ASN B 1 36 ? 7.770   -10.434 -1.916  1.00 35.71 ? 204  ASN B CA  1 
ATOM   713 C C   . ASN B 1 36 ? 8.306   -10.485 -3.351  1.00 37.70 ? 204  ASN B C   1 
ATOM   714 O O   . ASN B 1 36 ? 8.015   -9.588  -4.140  1.00 37.58 ? 204  ASN B O   1 
ATOM   715 C CB  . ASN B 1 36 ? 6.821   -11.610 -1.587  1.00 33.37 ? 204  ASN B CB  1 
ATOM   716 C CG  . ASN B 1 36 ? 5.695   -11.784 -2.596  1.00 35.01 ? 204  ASN B CG  1 
ATOM   717 O OD1 . ASN B 1 36 ? 5.934   -12.048 -3.775  1.00 34.76 ? 204  ASN B OD1 1 
ATOM   718 N ND2 . ASN B 1 36 ? 4.452   -11.654 -2.126  1.00 30.93 ? 204  ASN B ND2 1 
ATOM   719 N N   . LYS B 1 37 ? 9.092   -11.507 -3.686  1.00 37.35 ? 205  LYS B N   1 
ATOM   720 C CA  . LYS B 1 37 ? 9.697   -11.625 -5.017  1.00 35.22 ? 205  LYS B CA  1 
ATOM   721 C C   . LYS B 1 37 ? 8.764   -11.467 -6.220  1.00 33.38 ? 205  LYS B C   1 
ATOM   722 O O   . LYS B 1 37 ? 9.145   -10.868 -7.230  1.00 33.05 ? 205  LYS B O   1 
ATOM   723 C CB  . LYS B 1 37 ? 10.460  -12.950 -5.124  1.00 36.62 ? 205  LYS B CB  1 
ATOM   724 N N   . ASP B 1 38 ? 7.550   -11.994 -6.119  1.00 31.02 ? 206  ASP B N   1 
ATOM   725 C CA  . ASP B 1 38 ? 6.608   -11.907 -7.228  1.00 29.99 ? 206  ASP B CA  1 
ATOM   726 C C   . ASP B 1 38 ? 5.528   -10.821 -7.118  1.00 28.28 ? 206  ASP B C   1 
ATOM   727 O O   . ASP B 1 38 ? 4.717   -10.666 -8.035  1.00 25.58 ? 206  ASP B O   1 
ATOM   728 C CB  . ASP B 1 38 ? 5.919   -13.262 -7.435  1.00 31.52 ? 206  ASP B CB  1 
ATOM   729 C CG  . ASP B 1 38 ? 6.901   -14.390 -7.712  1.00 33.55 ? 206  ASP B CG  1 
ATOM   730 O OD1 . ASP B 1 38 ? 7.711   -14.268 -8.654  1.00 33.49 ? 206  ASP B OD1 1 
ATOM   731 O OD2 . ASP B 1 38 ? 6.858   -15.408 -6.988  1.00 35.74 ? 206  ASP B OD2 1 
ATOM   732 N N   . TRP B 1 39 ? 5.511   -10.064 -6.021  1.00 28.41 ? 207  TRP B N   1 
ATOM   733 C CA  . TRP B 1 39 ? 4.482   -9.038  -5.845  1.00 26.32 ? 207  TRP B CA  1 
ATOM   734 C C   . TRP B 1 39 ? 4.949   -7.667  -5.375  1.00 26.89 ? 207  TRP B C   1 
ATOM   735 O O   . TRP B 1 39 ? 5.886   -7.538  -4.585  1.00 28.92 ? 207  TRP B O   1 
ATOM   736 C CB  . TRP B 1 39 ? 3.411   -9.534  -4.877  1.00 26.89 ? 207  TRP B CB  1 
ATOM   737 C CG  . TRP B 1 39 ? 2.613   -10.684 -5.382  1.00 21.49 ? 207  TRP B CG  1 
ATOM   738 C CD1 . TRP B 1 39 ? 3.054   -11.956 -5.610  1.00 23.07 ? 207  TRP B CD1 1 
ATOM   739 C CD2 . TRP B 1 39 ? 1.225   -10.665 -5.748  1.00 22.18 ? 207  TRP B CD2 1 
ATOM   740 N NE1 . TRP B 1 39 ? 2.025   -12.732 -6.101  1.00 22.83 ? 207  TRP B NE1 1 
ATOM   741 C CE2 . TRP B 1 39 ? 0.895   -11.965 -6.192  1.00 22.04 ? 207  TRP B CE2 1 
ATOM   742 C CE3 . TRP B 1 39 ? 0.232   -9.678  -5.734  1.00 19.94 ? 207  TRP B CE3 1 
ATOM   743 C CZ2 . TRP B 1 39 ? -0.397  -12.299 -6.627  1.00 22.01 ? 207  TRP B CZ2 1 
ATOM   744 C CZ3 . TRP B 1 39 ? -1.049  -10.010 -6.164  1.00 19.71 ? 207  TRP B CZ3 1 
ATOM   745 C CH2 . TRP B 1 39 ? -1.351  -11.313 -6.603  1.00 21.13 ? 207  TRP B CH2 1 
ATOM   746 N N   . LEU B 1 40 ? 4.252   -6.646  -5.851  1.00 26.16 ? 208  LEU B N   1 
ATOM   747 C CA  . LEU B 1 40 ? 4.559   -5.267  -5.504  1.00 27.13 ? 208  LEU B CA  1 
ATOM   748 C C   . LEU B 1 40 ? 3.366   -4.550  -4.894  1.00 26.89 ? 208  LEU B C   1 
ATOM   749 O O   . LEU B 1 40 ? 2.218   -4.970  -5.056  1.00 25.82 ? 208  LEU B O   1 
ATOM   750 C CB  . LEU B 1 40 ? 4.994   -4.491  -6.750  1.00 26.64 ? 208  LEU B CB  1 
ATOM   751 C CG  . LEU B 1 40 ? 6.211   -4.997  -7.521  1.00 28.73 ? 208  LEU B CG  1 
ATOM   752 C CD1 . LEU B 1 40 ? 6.457   -4.116  -8.751  1.00 29.57 ? 208  LEU B CD1 1 
ATOM   753 C CD2 . LEU B 1 40 ? 7.416   -4.990  -6.590  1.00 28.30 ? 208  LEU B CD2 1 
ATOM   754 N N   . GLU B 1 41 ? 3.678   -3.462  -4.194  1.00 27.38 ? 209  GLU B N   1 
ATOM   755 C CA  . GLU B 1 41 ? 2.712   -2.568  -3.564  1.00 28.93 ? 209  GLU B CA  1 
ATOM   756 C C   . GLU B 1 41 ? 2.794   -1.321  -4.439  1.00 26.50 ? 209  GLU B C   1 
ATOM   757 O O   . GLU B 1 41 ? 3.897   -0.866  -4.747  1.00 25.23 ? 209  GLU B O   1 
ATOM   758 C CB  . GLU B 1 41 ? 3.174   -2.180  -2.160  1.00 33.66 ? 209  GLU B CB  1 
ATOM   759 C CG  . GLU B 1 41 ? 2.810   -3.135  -1.057  1.00 42.37 ? 209  GLU B CG  1 
ATOM   760 C CD  . GLU B 1 41 ? 1.382   -2.960  -0.596  1.00 45.73 ? 209  GLU B CD  1 
ATOM   761 O OE1 . GLU B 1 41 ? 0.975   -1.809  -0.328  1.00 47.44 ? 209  GLU B OE1 1 
ATOM   762 O OE2 . GLU B 1 41 ? 0.669   -3.972  -0.490  1.00 48.44 ? 209  GLU B OE2 1 
ATOM   763 N N   . GLY B 1 42 ? 1.657   -0.761  -4.832  1.00 22.60 ? 210  GLY B N   1 
ATOM   764 C CA  . GLY B 1 42 ? 1.705   0.421   -5.665  1.00 19.91 ? 210  GLY B CA  1 
ATOM   765 C C   . GLY B 1 42 ? 0.432   1.232   -5.630  1.00 20.92 ? 210  GLY B C   1 
ATOM   766 O O   . GLY B 1 42 ? -0.565  0.810   -5.059  1.00 18.57 ? 210  GLY B O   1 
ATOM   767 N N   . THR B 1 43 ? 0.471   2.396   -6.265  1.00 22.28 ? 211  THR B N   1 
ATOM   768 C CA  . THR B 1 43 ? -0.674  3.293   -6.310  1.00 23.60 ? 211  THR B CA  1 
ATOM   769 C C   . THR B 1 43 ? -1.014  3.711   -7.728  1.00 24.83 ? 211  THR B C   1 
ATOM   770 O O   . THR B 1 43 ? -0.129  4.060   -8.504  1.00 23.78 ? 211  THR B O   1 
ATOM   771 C CB  . THR B 1 43 ? -0.407  4.592   -5.518  1.00 22.85 ? 211  THR B CB  1 
ATOM   772 O OG1 . THR B 1 43 ? -0.199  4.281   -4.137  1.00 25.04 ? 211  THR B OG1 1 
ATOM   773 C CG2 . THR B 1 43 ? -1.581  5.548   -5.661  1.00 23.59 ? 211  THR B CG2 1 
ATOM   774 N N   . VAL B 1 44 ? -2.305  3.691   -8.046  1.00 26.27 ? 212  VAL B N   1 
ATOM   775 C CA  . VAL B 1 44 ? -2.796  4.102   -9.352  1.00 30.23 ? 212  VAL B CA  1 
ATOM   776 C C   . VAL B 1 44 ? -4.317  4.199   -9.249  1.00 34.26 ? 212  VAL B C   1 
ATOM   777 O O   . VAL B 1 44 ? -4.917  3.615   -8.342  1.00 34.85 ? 212  VAL B O   1 
ATOM   778 C CB  . VAL B 1 44 ? -2.405  3.085   -10.466 1.00 29.68 ? 212  VAL B CB  1 
ATOM   779 C CG1 . VAL B 1 44 ? -3.246  1.827   -10.360 1.00 32.63 ? 212  VAL B CG1 1 
ATOM   780 C CG2 . VAL B 1 44 ? -2.572  3.727   -11.829 1.00 30.59 ? 212  VAL B CG2 1 
ATOM   781 N N   . ARG B 1 45 ? -4.931  4.944   -10.166 1.00 35.96 ? 213  ARG B N   1 
ATOM   782 C CA  . ARG B 1 45 ? -6.387  5.123   -10.188 1.00 38.41 ? 213  ARG B CA  1 
ATOM   783 C C   . ARG B 1 45 ? -7.001  5.487   -8.833  1.00 38.86 ? 213  ARG B C   1 
ATOM   784 O O   . ARG B 1 45 ? -8.138  5.107   -8.536  1.00 41.61 ? 213  ARG B O   1 
ATOM   785 C CB  . ARG B 1 45 ? -7.061  3.862   -10.744 1.00 38.93 ? 213  ARG B CB  1 
ATOM   786 C CG  . ARG B 1 45 ? -6.830  3.664   -12.234 1.00 42.10 ? 213  ARG B CG  1 
ATOM   787 C CD  . ARG B 1 45 ? -7.278  2.288   -12.696 1.00 44.89 ? 213  ARG B CD  1 
ATOM   788 N NE  . ARG B 1 45 ? -7.009  2.072   -14.117 1.00 46.19 ? 213  ARG B NE  1 
ATOM   789 C CZ  . ARG B 1 45 ? -7.670  2.660   -15.110 1.00 49.30 ? 213  ARG B CZ  1 
ATOM   790 N NH1 . ARG B 1 45 ? -8.655  3.510   -14.846 1.00 50.27 ? 213  ARG B NH1 1 
ATOM   791 N NH2 . ARG B 1 45 ? -7.345  2.401   -16.372 1.00 52.02 ? 213  ARG B NH2 1 
ATOM   792 N N   . GLY B 1 46 ? -6.250  6.229   -8.022  1.00 37.85 ? 214  GLY B N   1 
ATOM   793 C CA  . GLY B 1 46 ? -6.743  6.654   -6.724  1.00 35.80 ? 214  GLY B CA  1 
ATOM   794 C C   . GLY B 1 46 ? -6.728  5.581   -5.650  1.00 34.37 ? 214  GLY B C   1 
ATOM   795 O O   . GLY B 1 46 ? -7.212  5.804   -4.541  1.00 36.86 ? 214  GLY B O   1 
ATOM   796 N N   . ALA B 1 47 ? -6.167  4.419   -5.962  1.00 31.36 ? 215  ALA B N   1 
ATOM   797 C CA  . ALA B 1 47 ? -6.119  3.336   -4.990  1.00 30.67 ? 215  ALA B CA  1 
ATOM   798 C C   . ALA B 1 47 ? -4.718  2.780   -4.802  1.00 29.36 ? 215  ALA B C   1 
ATOM   799 O O   . ALA B 1 47 ? -3.815  3.038   -5.594  1.00 27.77 ? 215  ALA B O   1 
ATOM   800 C CB  . ALA B 1 47 ? -7.065  2.221   -5.410  1.00 29.37 ? 215  ALA B CB  1 
ATOM   801 N N   . THR B 1 48 ? -4.557  2.017   -3.727  1.00 30.66 ? 216  THR B N   1 
ATOM   802 C CA  . THR B 1 48 ? -3.291  1.379   -3.398  1.00 30.70 ? 216  THR B CA  1 
ATOM   803 C C   . THR B 1 48 ? -3.582  -0.101  -3.176  1.00 29.11 ? 216  THR B C   1 
ATOM   804 O O   . THR B 1 48 ? -4.697  -0.471  -2.806  1.00 28.70 ? 216  THR B O   1 
ATOM   805 C CB  . THR B 1 48 ? -2.682  1.974   -2.112  1.00 32.53 ? 216  THR B CB  1 
ATOM   806 O OG1 . THR B 1 48 ? -2.506  3.385   -2.274  1.00 34.03 ? 216  THR B OG1 1 
ATOM   807 C CG2 . THR B 1 48 ? -1.334  1.336   -1.815  1.00 30.52 ? 216  THR B CG2 1 
ATOM   808 N N   . GLY B 1 49 ? -2.585  -0.943  -3.407  1.00 27.17 ? 217  GLY B N   1 
ATOM   809 C CA  . GLY B 1 49 ? -2.780  -2.372  -3.227  1.00 25.91 ? 217  GLY B CA  1 
ATOM   810 C C   . GLY B 1 49 ? -1.627  -3.182  -3.795  1.00 25.32 ? 217  GLY B C   1 
ATOM   811 O O   . GLY B 1 49 ? -0.665  -2.616  -4.322  1.00 21.60 ? 217  GLY B O   1 
ATOM   812 N N   . ILE B 1 50 ? -1.713  -4.507  -3.691  1.00 24.05 ? 218  ILE B N   1 
ATOM   813 C CA  . ILE B 1 50 ? -0.650  -5.356  -4.205  1.00 24.41 ? 218  ILE B CA  1 
ATOM   814 C C   . ILE B 1 50 ? -1.018  -5.905  -5.577  1.00 24.33 ? 218  ILE B C   1 
ATOM   815 O O   . ILE B 1 50 ? -2.192  -5.969  -5.937  1.00 21.97 ? 218  ILE B O   1 
ATOM   816 C CB  . ILE B 1 50 ? -0.333  -6.535  -3.246  1.00 24.13 ? 218  ILE B CB  1 
ATOM   817 C CG1 . ILE B 1 50 ? -1.290  -7.699  -3.471  1.00 28.22 ? 218  ILE B CG1 1 
ATOM   818 C CG2 . ILE B 1 50 ? -0.470  -6.080  -1.803  1.00 26.96 ? 218  ILE B CG2 1 
ATOM   819 C CD1 . ILE B 1 50 ? -1.050  -8.848  -2.510  1.00 29.07 ? 218  ILE B CD1 1 
ATOM   820 N N   . PHE B 1 51 ? -0.008  -6.298  -6.341  1.00 24.34 ? 219  PHE B N   1 
ATOM   821 C CA  . PHE B 1 51 ? -0.234  -6.837  -7.675  1.00 24.79 ? 219  PHE B CA  1 
ATOM   822 C C   . PHE B 1 51 ? 0.994   -7.624  -8.104  1.00 25.82 ? 219  PHE B C   1 
ATOM   823 O O   . PHE B 1 51 ? 2.089   -7.414  -7.570  1.00 21.63 ? 219  PHE B O   1 
ATOM   824 C CB  . PHE B 1 51 ? -0.525  -5.700  -8.658  1.00 23.93 ? 219  PHE B CB  1 
ATOM   825 C CG  . PHE B 1 51 ? 0.602   -4.705  -8.799  1.00 25.09 ? 219  PHE B CG  1 
ATOM   826 C CD1 . PHE B 1 51 ? 1.594   -4.888  -9.755  1.00 21.05 ? 219  PHE B CD1 1 
ATOM   827 C CD2 . PHE B 1 51 ? 0.666   -3.584  -7.972  1.00 21.84 ? 219  PHE B CD2 1 
ATOM   828 C CE1 . PHE B 1 51 ? 2.633   -3.965  -9.891  1.00 25.25 ? 219  PHE B CE1 1 
ATOM   829 C CE2 . PHE B 1 51 ? 1.697   -2.658  -8.099  1.00 22.98 ? 219  PHE B CE2 1 
ATOM   830 C CZ  . PHE B 1 51 ? 2.684   -2.848  -9.064  1.00 22.13 ? 219  PHE B CZ  1 
ATOM   831 N N   . PRO B 1 52 ? 0.823   -8.560  -9.058  1.00 27.69 ? 220  PRO B N   1 
ATOM   832 C CA  . PRO B 1 52 ? 1.917   -9.392  -9.561  1.00 28.26 ? 220  PRO B CA  1 
ATOM   833 C C   . PRO B 1 52 ? 2.914   -8.587  -10.380 1.00 28.66 ? 220  PRO B C   1 
ATOM   834 O O   . PRO B 1 52 ? 2.528   -7.819  -11.264 1.00 26.78 ? 220  PRO B O   1 
ATOM   835 C CB  . PRO B 1 52 ? 1.199   -10.444 -10.414 1.00 27.77 ? 220  PRO B CB  1 
ATOM   836 C CG  . PRO B 1 52 ? -0.206  -10.436 -9.898  1.00 27.77 ? 220  PRO B CG  1 
ATOM   837 C CD  . PRO B 1 52 ? -0.452  -8.980  -9.663  1.00 28.47 ? 220  PRO B CD  1 
ATOM   838 N N   . LEU B 1 53 ? 4.194   -8.784  -10.078 1.00 29.79 ? 221  LEU B N   1 
ATOM   839 C CA  . LEU B 1 53 ? 5.280   -8.101  -10.765 1.00 33.52 ? 221  LEU B CA  1 
ATOM   840 C C   . LEU B 1 53 ? 5.326   -8.462  -12.249 1.00 35.42 ? 221  LEU B C   1 
ATOM   841 O O   . LEU B 1 53 ? 5.781   -7.671  -13.075 1.00 36.50 ? 221  LEU B O   1 
ATOM   842 C CB  . LEU B 1 53 ? 6.607   -8.478  -10.107 1.00 34.96 ? 221  LEU B CB  1 
ATOM   843 C CG  . LEU B 1 53 ? 7.885   -8.109  -10.856 1.00 38.61 ? 221  LEU B CG  1 
ATOM   844 C CD1 . LEU B 1 53 ? 8.025   -6.597  -10.927 1.00 38.31 ? 221  LEU B CD1 1 
ATOM   845 C CD2 . LEU B 1 53 ? 9.073   -8.738  -10.151 1.00 38.00 ? 221  LEU B CD2 1 
ATOM   846 N N   . SER B 1 54 ? 4.825   -9.646  -12.584 1.00 34.53 ? 222  SER B N   1 
ATOM   847 C CA  . SER B 1 54 ? 4.846   -10.120 -13.961 1.00 34.56 ? 222  SER B CA  1 
ATOM   848 C C   . SER B 1 54 ? 3.807   -9.456  -14.861 1.00 34.26 ? 222  SER B C   1 
ATOM   849 O O   . SER B 1 54 ? 3.794   -9.683  -16.071 1.00 34.81 ? 222  SER B O   1 
ATOM   850 C CB  . SER B 1 54 ? 4.673   -11.651 -13.982 1.00 32.91 ? 222  SER B CB  1 
ATOM   851 O OG  . SER B 1 54 ? 3.366   -12.049 -13.604 1.00 32.42 ? 222  SER B OG  1 
ATOM   852 N N   . PHE B 1 55 ? 2.946   -8.626  -14.279 1.00 32.49 ? 223  PHE B N   1 
ATOM   853 C CA  . PHE B 1 55 ? 1.919   -7.952  -15.064 1.00 31.08 ? 223  PHE B CA  1 
ATOM   854 C C   . PHE B 1 55 ? 2.339   -6.553  -15.498 1.00 30.23 ? 223  PHE B C   1 
ATOM   855 O O   . PHE B 1 55 ? 1.599   -5.859  -16.200 1.00 29.72 ? 223  PHE B O   1 
ATOM   856 C CB  . PHE B 1 55 ? 0.612   -7.874  -14.276 1.00 32.76 ? 223  PHE B CB  1 
ATOM   857 C CG  . PHE B 1 55 ? -0.130  -9.175  -14.203 1.00 34.22 ? 223  PHE B CG  1 
ATOM   858 C CD1 . PHE B 1 55 ? 0.526   -10.339 -13.822 1.00 37.52 ? 223  PHE B CD1 1 
ATOM   859 C CD2 . PHE B 1 55 ? -1.482  -9.243  -14.531 1.00 34.95 ? 223  PHE B CD2 1 
ATOM   860 C CE1 . PHE B 1 55 ? -0.150  -11.553 -13.769 1.00 37.94 ? 223  PHE B CE1 1 
ATOM   861 C CE2 . PHE B 1 55 ? -2.169  -10.454 -14.481 1.00 35.63 ? 223  PHE B CE2 1 
ATOM   862 C CZ  . PHE B 1 55 ? -1.503  -11.609 -14.101 1.00 37.66 ? 223  PHE B CZ  1 
ATOM   863 N N   . VAL B 1 56 ? 3.532   -6.145  -15.088 1.00 28.97 ? 224  VAL B N   1 
ATOM   864 C CA  . VAL B 1 56 ? 4.033   -4.820  -15.440 1.00 29.12 ? 224  VAL B CA  1 
ATOM   865 C C   . VAL B 1 56 ? 5.498   -4.828  -15.845 1.00 29.62 ? 224  VAL B C   1 
ATOM   866 O O   . VAL B 1 56 ? 6.238   -5.778  -15.584 1.00 29.29 ? 224  VAL B O   1 
ATOM   867 C CB  . VAL B 1 56 ? 3.922   -3.823  -14.259 1.00 27.21 ? 224  VAL B CB  1 
ATOM   868 C CG1 . VAL B 1 56 ? 2.502   -3.801  -13.717 1.00 27.27 ? 224  VAL B CG1 1 
ATOM   869 C CG2 . VAL B 1 56 ? 4.920   -4.202  -13.169 1.00 24.03 ? 224  VAL B CG2 1 
ATOM   870 N N   . LYS B 1 57 ? 5.898   -3.728  -16.466 1.00 31.31 ? 225  LYS B N   1 
ATOM   871 C CA  . LYS B 1 57 ? 7.264   -3.502  -16.898 1.00 32.54 ? 225  LYS B CA  1 
ATOM   872 C C   . LYS B 1 57 ? 7.750   -2.337  -16.047 1.00 32.37 ? 225  LYS B C   1 
ATOM   873 O O   . LYS B 1 57 ? 7.204   -1.234  -16.131 1.00 30.88 ? 225  LYS B O   1 
ATOM   874 C CB  . LYS B 1 57 ? 7.285   -3.111  -18.378 1.00 34.70 ? 225  LYS B CB  1 
ATOM   875 C CG  . LYS B 1 57 ? 8.652   -2.740  -18.921 1.00 40.22 ? 225  LYS B CG  1 
ATOM   876 C CD  . LYS B 1 57 ? 9.634   -3.904  -18.851 1.00 41.24 ? 225  LYS B CD  1 
ATOM   877 C CE  . LYS B 1 57 ? 10.937  -3.551  -19.549 1.00 43.26 ? 225  LYS B CE  1 
ATOM   878 N NZ  . LYS B 1 57 ? 11.567  -2.348  -18.946 1.00 45.62 ? 225  LYS B NZ  1 
ATOM   879 N N   . ILE B 1 58 ? 8.744   -2.582  -15.201 1.00 32.48 ? 226  ILE B N   1 
ATOM   880 C CA  . ILE B 1 58 ? 9.272   -1.524  -14.354 1.00 33.56 ? 226  ILE B CA  1 
ATOM   881 C C   . ILE B 1 58 ? 10.069  -0.519  -15.176 1.00 34.98 ? 226  ILE B C   1 
ATOM   882 O O   . ILE B 1 58 ? 10.996  -0.882  -15.900 1.00 33.95 ? 226  ILE B O   1 
ATOM   883 C CB  . ILE B 1 58 ? 10.172  -2.083  -13.237 1.00 33.80 ? 226  ILE B CB  1 
ATOM   884 C CG1 . ILE B 1 58 ? 9.322   -2.870  -12.234 1.00 35.47 ? 226  ILE B CG1 1 
ATOM   885 C CG2 . ILE B 1 58 ? 10.909  -0.935  -12.539 1.00 34.23 ? 226  ILE B CG2 1 
ATOM   886 C CD1 . ILE B 1 58 ? 10.116  -3.402  -11.041 1.00 36.18 ? 226  ILE B CD1 1 
ATOM   887 N N   . LEU B 1 59 ? 9.692   0.751   -15.060 1.00 36.62 ? 227  LEU B N   1 
ATOM   888 C CA  . LEU B 1 59 ? 10.356  1.825   -15.789 1.00 38.90 ? 227  LEU B CA  1 
ATOM   889 C C   . LEU B 1 59 ? 11.614  2.272   -15.046 1.00 41.09 ? 227  LEU B C   1 
ATOM   890 O O   . LEU B 1 59 ? 11.562  3.136   -14.177 1.00 41.47 ? 227  LEU B O   1 
ATOM   891 C CB  . LEU B 1 59 ? 9.391   3.007   -15.964 1.00 35.65 ? 227  LEU B CB  1 
ATOM   892 C CG  . LEU B 1 59 ? 8.088   2.669   -16.709 1.00 36.46 ? 227  LEU B CG  1 
ATOM   893 C CD1 . LEU B 1 59 ? 7.165   3.875   -16.745 1.00 32.52 ? 227  LEU B CD1 1 
ATOM   894 C CD2 . LEU B 1 59 ? 8.407   2.203   -18.123 1.00 35.45 ? 227  LEU B CD2 1 
ATOM   895 N N   . LYS B 1 60 ? 12.739  1.656   -15.395 1.00 44.27 ? 228  LYS B N   1 
ATOM   896 C CA  . LYS B 1 60 ? 14.028  1.962   -14.780 1.00 47.99 ? 228  LYS B CA  1 
ATOM   897 C C   . LYS B 1 60 ? 15.135  1.910   -15.818 1.00 49.37 ? 228  LYS B C   1 
ATOM   898 O O   . LYS B 1 60 ? 16.172  2.567   -15.589 1.00 51.93 ? 228  LYS B O   1 
ATOM   899 C CB  . LYS B 1 60 ? 14.341  0.972   -13.654 1.00 48.79 ? 228  LYS B CB  1 
ATOM   900 C CG  . LYS B 1 60 ? 14.216  -0.494  -14.038 1.00 51.88 ? 228  LYS B CG  1 
ATOM   901 C CD  . LYS B 1 60 ? 14.633  -1.402  -12.889 1.00 53.75 ? 228  LYS B CD  1 
ATOM   902 C CE  . LYS B 1 60 ? 14.295  -2.852  -13.189 1.00 55.29 ? 228  LYS B CE  1 
ATOM   903 N NZ  . LYS B 1 60 ? 14.895  -3.299  -14.472 1.00 56.63 ? 228  LYS B NZ  1 
ATOM   904 O OXT . LYS B 1 60 ? 14.952  1.199   -16.830 1.00 50.19 ? 228  LYS B OXT 1 
HETATM 905 O O   . HOH C 2 .  ? 8.819   -5.448  7.314   1.00 35.89 ? 2001 HOH A O   1 
HETATM 906 O O   . HOH C 2 .  ? 6.863   -7.984  6.812   1.00 49.31 ? 2002 HOH A O   1 
HETATM 907 O O   . HOH C 2 .  ? -0.305  -9.305  11.502  1.00 38.86 ? 2003 HOH A O   1 
HETATM 908 O O   . HOH C 2 .  ? 10.836  -6.653  7.822   1.00 41.68 ? 2004 HOH A O   1 
HETATM 909 O O   . HOH C 2 .  ? 9.328   -2.576  8.705   1.00 49.65 ? 2005 HOH A O   1 
HETATM 910 O O   . HOH C 2 .  ? 9.795   -4.748  4.223   1.00 42.18 ? 2006 HOH A O   1 
HETATM 911 O O   . HOH C 2 .  ? 11.148  -6.941  10.283  1.00 44.88 ? 2007 HOH A O   1 
HETATM 912 O O   . HOH C 2 .  ? 12.294  -7.690  4.498   1.00 49.46 ? 2008 HOH A O   1 
HETATM 913 O O   . HOH C 2 .  ? -11.149 4.385   19.382  1.00 31.07 ? 2009 HOH A O   1 
HETATM 914 O O   . HOH C 2 .  ? -6.932  9.552   -0.848  1.00 38.22 ? 2010 HOH A O   1 
HETATM 915 O O   . HOH C 2 .  ? -10.553 8.973   -2.226  1.00 43.04 ? 2011 HOH A O   1 
HETATM 916 O O   . HOH C 2 .  ? -6.184  2.456   -0.807  1.00 32.84 ? 2012 HOH A O   1 
HETATM 917 O O   . HOH C 2 .  ? 13.079  -3.009  3.353   1.00 41.65 ? 2013 HOH A O   1 
HETATM 918 O O   . HOH C 2 .  ? -8.272  0.635   7.072   1.00 43.55 ? 2014 HOH A O   1 
HETATM 919 O O   . HOH C 2 .  ? -8.878  2.683   5.257   1.00 34.14 ? 2015 HOH A O   1 
HETATM 920 O O   . HOH C 2 .  ? -10.710 5.650   12.485  1.00 35.05 ? 2016 HOH A O   1 
HETATM 921 O O   . HOH C 2 .  ? -8.839  -1.166  18.072  1.00 42.05 ? 2017 HOH A O   1 
HETATM 922 O O   . HOH C 2 .  ? -5.530  -5.931  13.466  1.00 31.64 ? 2018 HOH A O   1 
HETATM 923 O O   . HOH C 2 .  ? 10.624  0.111   2.974   1.00 40.33 ? 2019 HOH A O   1 
HETATM 924 O O   . HOH C 2 .  ? 4.613   11.053  11.417  1.00 29.89 ? 2020 HOH A O   1 
HETATM 925 O O   . HOH C 2 .  ? -1.833  -6.103  2.051   1.00 37.53 ? 2021 HOH A O   1 
HETATM 926 O O   . HOH C 2 .  ? -10.832 -6.786  2.114   1.00 50.47 ? 2022 HOH A O   1 
HETATM 927 O O   . HOH C 2 .  ? -9.010  -6.726  8.302   1.00 43.41 ? 2023 HOH A O   1 
HETATM 928 O O   . HOH C 2 .  ? -2.572  -4.215  -0.288  1.00 28.60 ? 2024 HOH A O   1 
HETATM 929 O O   . HOH C 2 .  ? -7.110  2.765   2.647   1.00 33.62 ? 2025 HOH A O   1 
HETATM 930 O O   . HOH C 2 .  ? 4.323   8.306   18.284  1.00 37.47 ? 2026 HOH A O   1 
HETATM 931 O O   . HOH C 2 .  ? 9.028   1.098   18.794  1.00 42.09 ? 2027 HOH A O   1 
HETATM 932 O O   . HOH D 2 .  ? 11.146  3.609   -5.226  1.00 37.59 ? 2001 HOH B O   1 
HETATM 933 O O   . HOH D 2 .  ? 2.578   9.112   -12.072 1.00 51.46 ? 2002 HOH B O   1 
HETATM 934 O O   . HOH D 2 .  ? 11.164  2.812   -1.956  1.00 43.29 ? 2003 HOH B O   1 
HETATM 935 O O   . HOH D 2 .  ? 11.271  1.073   -6.093  1.00 44.98 ? 2004 HOH B O   1 
HETATM 936 O O   . HOH D 2 .  ? 13.658  4.568   -5.692  1.00 46.74 ? 2005 HOH B O   1 
HETATM 937 O O   . HOH D 2 .  ? 13.783  0.633   -0.652  1.00 41.41 ? 2006 HOH B O   1 
HETATM 938 O O   . HOH D 2 .  ? 10.772  -1.282  -5.382  1.00 45.00 ? 2007 HOH B O   1 
HETATM 939 O O   . HOH D 2 .  ? 14.350  5.055   -1.605  1.00 48.96 ? 2008 HOH B O   1 
HETATM 940 O O   . HOH D 2 .  ? -7.411  -2.602  -21.383 1.00 33.66 ? 2009 HOH B O   1 
HETATM 941 O O   . HOH D 2 .  ? -7.123  -9.264  -16.179 1.00 55.68 ? 2010 HOH B O   1 
HETATM 942 O O   . HOH D 2 .  ? -12.113 -7.227  -0.208  1.00 43.39 ? 2011 HOH B O   1 
HETATM 943 O O   . HOH D 2 .  ? -6.534  -1.129  -0.655  1.00 34.32 ? 2012 HOH B O   1 
HETATM 944 O O   . HOH D 2 .  ? -6.547  0.875   -8.675  1.00 49.41 ? 2013 HOH B O   1 
HETATM 945 O O   . HOH D 2 .  ? -7.841  -0.958  -7.144  1.00 40.37 ? 2014 HOH B O   1 
HETATM 946 O O   . HOH D 2 .  ? -8.750  -4.013  -14.431 1.00 39.00 ? 2015 HOH B O   1 
HETATM 947 O O   . HOH D 2 .  ? -4.344  2.334   -19.558 1.00 33.74 ? 2016 HOH B O   1 
HETATM 948 O O   . HOH D 2 .  ? 10.813  -1.890  -0.774  1.00 37.76 ? 2017 HOH B O   1 
HETATM 949 O O   . HOH D 2 .  ? 10.241  -8.487  1.205   1.00 42.19 ? 2018 HOH B O   1 
HETATM 950 O O   . HOH D 2 .  ? 5.027   -14.948 -3.244  1.00 31.41 ? 2019 HOH B O   1 
HETATM 951 O O   . HOH D 2 .  ? 9.828   -12.913 -1.508  1.00 46.30 ? 2020 HOH B O   1 
HETATM 952 O O   . HOH D 2 .  ? 11.864  -9.400  -2.008  1.00 43.58 ? 2021 HOH B O   1 
HETATM 953 O O   . HOH D 2 .  ? 4.588   -12.033 -10.421 1.00 36.44 ? 2022 HOH B O   1 
HETATM 954 O O   . HOH D 2 .  ? 3.343   -0.527  0.420   1.00 39.47 ? 2023 HOH B O   1 
HETATM 955 O O   . HOH D 2 .  ? -0.289  6.404   -2.345  1.00 32.26 ? 2024 HOH B O   1 
HETATM 956 O O   . HOH D 2 .  ? -4.196  7.843   -8.129  1.00 50.74 ? 2025 HOH B O   1 
HETATM 957 O O   . HOH D 2 .  ? -8.088  8.742   -4.410  1.00 46.58 ? 2026 HOH B O   1 
HETATM 958 O O   . HOH D 2 .  ? -6.751  -1.491  -3.968  1.00 38.68 ? 2027 HOH B O   1 
HETATM 959 O O   . HOH D 2 .  ? -1.729  4.727   -0.304  1.00 27.82 ? 2028 HOH B O   1 
HETATM 960 O O   . HOH D 2 .  ? 6.602   -9.269  -17.051 1.00 37.64 ? 2029 HOH B O   1 
HETATM 961 O O   . HOH D 2 .  ? 12.562  -2.993  -16.594 1.00 39.19 ? 2030 HOH B O   1 
HETATM 962 O O   . HOH D 2 .  ? 10.326  -4.986  -15.052 1.00 32.70 ? 2031 HOH B O   1 
HETATM 963 O O   . HOH D 2 .  ? 10.207  5.254   -13.825 1.00 46.30 ? 2032 HOH B O   1 
HETATM 964 O O   . HOH D 2 .  ? 15.981  -2.391  -16.670 1.00 47.57 ? 2033 HOH B O   1 
HETATM 965 O O   . HOH D 2 .  ? 12.920  -5.191  -15.093 1.00 46.30 ? 2034 HOH B O   1 
# 
